data_1QY2
# 
_entry.id   1QY2 
# 
_audit_conform.dict_name       mmcif_pdbx.dic 
_audit_conform.dict_version    5.397 
_audit_conform.dict_location   http://mmcif.pdb.org/dictionaries/ascii/mmcif_pdbx.dic 
# 
loop_
_database_2.database_id 
_database_2.database_code 
_database_2.pdbx_database_accession 
_database_2.pdbx_DOI 
PDB   1QY2         pdb_00001qy2 10.2210/pdb1qy2/pdb 
RCSB  RCSB020208   ?            ?                   
WWPDB D_1000020208 ?            ?                   
# 
loop_
_pdbx_audit_revision_history.ordinal 
_pdbx_audit_revision_history.data_content_type 
_pdbx_audit_revision_history.major_revision 
_pdbx_audit_revision_history.minor_revision 
_pdbx_audit_revision_history.revision_date 
1 'Structure model' 1 0 2004-02-24 
2 'Structure model' 1 1 2008-04-29 
3 'Structure model' 1 2 2011-07-13 
4 'Structure model' 2 0 2024-10-30 
# 
_pdbx_audit_revision_details.ordinal             1 
_pdbx_audit_revision_details.revision_ordinal    1 
_pdbx_audit_revision_details.data_content_type   'Structure model' 
_pdbx_audit_revision_details.provider            repository 
_pdbx_audit_revision_details.type                'Initial release' 
_pdbx_audit_revision_details.description         ? 
_pdbx_audit_revision_details.details             ? 
# 
loop_
_pdbx_audit_revision_group.ordinal 
_pdbx_audit_revision_group.revision_ordinal 
_pdbx_audit_revision_group.data_content_type 
_pdbx_audit_revision_group.group 
1 2 'Structure model' 'Version format compliance' 
2 3 'Structure model' 'Derived calculations'      
3 3 'Structure model' 'Version format compliance' 
4 4 'Structure model' 'Atomic model'              
5 4 'Structure model' 'Data collection'           
6 4 'Structure model' 'Database references'       
7 4 'Structure model' 'Derived calculations'      
8 4 'Structure model' 'Structure summary'         
# 
loop_
_pdbx_audit_revision_category.ordinal 
_pdbx_audit_revision_category.revision_ordinal 
_pdbx_audit_revision_category.data_content_type 
_pdbx_audit_revision_category.category 
1  4 'Structure model' atom_site                 
2  4 'Structure model' chem_comp_atom            
3  4 'Structure model' chem_comp_bond            
4  4 'Structure model' database_2                
5  4 'Structure model' pdbx_entry_details        
6  4 'Structure model' pdbx_modification_feature 
7  4 'Structure model' pdbx_struct_conn_angle    
8  4 'Structure model' struct_conn               
9  4 'Structure model' struct_ref_seq_dif        
10 4 'Structure model' struct_site               
# 
loop_
_pdbx_audit_revision_item.ordinal 
_pdbx_audit_revision_item.revision_ordinal 
_pdbx_audit_revision_item.data_content_type 
_pdbx_audit_revision_item.item 
1  4 'Structure model' '_atom_site.occupancy'                        
2  4 'Structure model' '_database_2.pdbx_DOI'                        
3  4 'Structure model' '_database_2.pdbx_database_accession'         
4  4 'Structure model' '_pdbx_struct_conn_angle.ptnr1_auth_comp_id'  
5  4 'Structure model' '_pdbx_struct_conn_angle.ptnr1_auth_seq_id'   
6  4 'Structure model' '_pdbx_struct_conn_angle.ptnr1_label_asym_id' 
7  4 'Structure model' '_pdbx_struct_conn_angle.ptnr1_label_atom_id' 
8  4 'Structure model' '_pdbx_struct_conn_angle.ptnr1_label_comp_id' 
9  4 'Structure model' '_pdbx_struct_conn_angle.ptnr1_label_seq_id'  
10 4 'Structure model' '_pdbx_struct_conn_angle.ptnr1_symmetry'      
11 4 'Structure model' '_pdbx_struct_conn_angle.ptnr2_auth_seq_id'   
12 4 'Structure model' '_pdbx_struct_conn_angle.ptnr2_label_asym_id' 
13 4 'Structure model' '_pdbx_struct_conn_angle.ptnr3_auth_comp_id'  
14 4 'Structure model' '_pdbx_struct_conn_angle.ptnr3_auth_seq_id'   
15 4 'Structure model' '_pdbx_struct_conn_angle.ptnr3_label_asym_id' 
16 4 'Structure model' '_pdbx_struct_conn_angle.ptnr3_label_atom_id' 
17 4 'Structure model' '_pdbx_struct_conn_angle.ptnr3_label_comp_id' 
18 4 'Structure model' '_pdbx_struct_conn_angle.ptnr3_label_seq_id'  
19 4 'Structure model' '_pdbx_struct_conn_angle.ptnr3_symmetry'      
20 4 'Structure model' '_pdbx_struct_conn_angle.value'               
21 4 'Structure model' '_struct_conn.pdbx_dist_value'                
22 4 'Structure model' '_struct_conn.ptnr1_auth_comp_id'             
23 4 'Structure model' '_struct_conn.ptnr1_auth_seq_id'              
24 4 'Structure model' '_struct_conn.ptnr1_label_asym_id'            
25 4 'Structure model' '_struct_conn.ptnr1_label_atom_id'            
26 4 'Structure model' '_struct_conn.ptnr1_label_comp_id'            
27 4 'Structure model' '_struct_conn.ptnr1_label_seq_id'             
28 4 'Structure model' '_struct_conn.ptnr1_symmetry'                 
29 4 'Structure model' '_struct_conn.ptnr2_auth_comp_id'             
30 4 'Structure model' '_struct_conn.ptnr2_auth_seq_id'              
31 4 'Structure model' '_struct_conn.ptnr2_label_asym_id'            
32 4 'Structure model' '_struct_conn.ptnr2_label_atom_id'            
33 4 'Structure model' '_struct_conn.ptnr2_label_comp_id'            
34 4 'Structure model' '_struct_conn.ptnr2_label_seq_id'             
35 4 'Structure model' '_struct_conn.ptnr2_symmetry'                 
36 4 'Structure model' '_struct_ref_seq_dif.details'                 
37 4 'Structure model' '_struct_site.pdbx_auth_asym_id'              
38 4 'Structure model' '_struct_site.pdbx_auth_comp_id'              
39 4 'Structure model' '_struct_site.pdbx_auth_seq_id'               
# 
_pdbx_database_status.status_code                     REL 
_pdbx_database_status.entry_id                        1QY2 
_pdbx_database_status.recvd_initial_deposition_date   2003-09-09 
_pdbx_database_status.deposit_site                    RCSB 
_pdbx_database_status.process_site                    RCSB 
_pdbx_database_status.status_code_sf                  REL 
_pdbx_database_status.SG_entry                        . 
_pdbx_database_status.pdb_format_compatible           Y 
_pdbx_database_status.status_code_mr                  ? 
_pdbx_database_status.status_code_cs                  ? 
_pdbx_database_status.status_code_nmr_data            ? 
_pdbx_database_status.methods_development_category    ? 
# 
loop_
_pdbx_database_related.db_name 
_pdbx_database_related.db_id 
_pdbx_database_related.details 
_pdbx_database_related.content_type 
PDB 1qy0 . unspecified 
PDB 1qy1 . unspecified 
# 
loop_
_audit_author.name 
_audit_author.pdbx_ordinal 
'Bingham, R.J.'    1  
'Findlay, J.B.C.'  2  
'Hsieh, S.-Y.'     3  
'Kalverda, A.P.'   4  
'Kjellberg, A.'    5  
'Perazzolo, C.'    6  
'Phillips, S.E.V.' 7  
'Seshadri, K.'     8  
'Trinh, C.H.'      9  
'Turnbull, W.B.'   10 
'Bodenhausen, G.'  11 
'Homans, S.W.'     12 
# 
_citation.id                        primary 
_citation.title                     
'Thermodynamics of Binding of 2-Methoxy-3-isopropylpyrazine and 2-Methoxy-3-isobutylpyrazine to the Major Urinary Protein.' 
_citation.journal_abbrev            J.Am.Chem.Soc. 
_citation.journal_volume            126 
_citation.page_first                1675 
_citation.page_last                 1681 
_citation.year                      2004 
_citation.journal_id_ASTM           JACSAT 
_citation.country                   US 
_citation.journal_id_ISSN           0002-7863 
_citation.journal_id_CSD            0004 
_citation.book_publisher            ? 
_citation.pdbx_database_id_PubMed   14871097 
_citation.pdbx_database_id_DOI      ? 
# 
loop_
_citation_author.citation_id 
_citation_author.name 
_citation_author.ordinal 
_citation_author.identifier_ORCID 
primary 'Bingham, R.J.'    1  ? 
primary 'Findlay, J.B.C.'  2  ? 
primary 'Hsieh, S.-Y.'     3  ? 
primary 'Kalverda, A.P.'   4  ? 
primary 'Kjellberg, A.'    5  ? 
primary 'Perazzolo, C.'    6  ? 
primary 'Phillips, S.E.V.' 7  ? 
primary 'Seshadri, K.'     8  ? 
primary 'Trinh, C.H.'      9  ? 
primary 'Turnbull, W.B.'   10 ? 
primary 'Bodenhausen, G.'  11 ? 
primary 'Homans, S.W.'     12 ? 
# 
loop_
_entity.id 
_entity.type 
_entity.src_method 
_entity.pdbx_description 
_entity.formula_weight 
_entity.pdbx_number_of_molecules 
_entity.pdbx_ec 
_entity.pdbx_mutation 
_entity.pdbx_fragment 
_entity.details 
1 polymer     man 'Major Urinary Protein'       20139.400 1   ? ? ? ? 
2 non-polymer syn 'CADMIUM ION'                 112.411   2   ? ? ? ? 
3 non-polymer syn 'SODIUM ION'                  22.990    3   ? ? ? ? 
4 non-polymer syn 2-ISOPROPYL-3-METHOXYPYRAZINE 152.194   1   ? ? ? ? 
5 water       nat water                         18.015    207 ? ? ? ? 
# 
_entity_poly.entity_id                      1 
_entity_poly.type                           'polypeptide(L)' 
_entity_poly.nstd_linkage                   no 
_entity_poly.nstd_monomer                   no 
_entity_poly.pdbx_seq_one_letter_code       
;MRGSHHHHHHGSEEASSTGRNFNVEKINGEWHTIILASDKREKIEDNGNFRLFLEQIHVLEKSLVLKFHTVRDEECSELS
MVADKTEKAGEYSVTYDGFNTFTIPKTDYDNFLMAHLINEKDGETFQLMGLYGREPDLSSDIKERFAQLCEEHGILRENI
IDLSNANRCLQARE
;
_entity_poly.pdbx_seq_one_letter_code_can   
;MRGSHHHHHHGSEEASSTGRNFNVEKINGEWHTIILASDKREKIEDNGNFRLFLEQIHVLEKSLVLKFHTVRDEECSELS
MVADKTEKAGEYSVTYDGFNTFTIPKTDYDNFLMAHLINEKDGETFQLMGLYGREPDLSSDIKERFAQLCEEHGILRENI
IDLSNANRCLQARE
;
_entity_poly.pdbx_strand_id                 A 
_entity_poly.pdbx_target_identifier         ? 
# 
loop_
_pdbx_entity_nonpoly.entity_id 
_pdbx_entity_nonpoly.name 
_pdbx_entity_nonpoly.comp_id 
2 'CADMIUM ION'                 CD  
3 'SODIUM ION'                  NA  
4 2-ISOPROPYL-3-METHOXYPYRAZINE IPZ 
5 water                         HOH 
# 
loop_
_entity_poly_seq.entity_id 
_entity_poly_seq.num 
_entity_poly_seq.mon_id 
_entity_poly_seq.hetero 
1 1   MET n 
1 2   ARG n 
1 3   GLY n 
1 4   SER n 
1 5   HIS n 
1 6   HIS n 
1 7   HIS n 
1 8   HIS n 
1 9   HIS n 
1 10  HIS n 
1 11  GLY n 
1 12  SER n 
1 13  GLU n 
1 14  GLU n 
1 15  ALA n 
1 16  SER n 
1 17  SER n 
1 18  THR n 
1 19  GLY n 
1 20  ARG n 
1 21  ASN n 
1 22  PHE n 
1 23  ASN n 
1 24  VAL n 
1 25  GLU n 
1 26  LYS n 
1 27  ILE n 
1 28  ASN n 
1 29  GLY n 
1 30  GLU n 
1 31  TRP n 
1 32  HIS n 
1 33  THR n 
1 34  ILE n 
1 35  ILE n 
1 36  LEU n 
1 37  ALA n 
1 38  SER n 
1 39  ASP n 
1 40  LYS n 
1 41  ARG n 
1 42  GLU n 
1 43  LYS n 
1 44  ILE n 
1 45  GLU n 
1 46  ASP n 
1 47  ASN n 
1 48  GLY n 
1 49  ASN n 
1 50  PHE n 
1 51  ARG n 
1 52  LEU n 
1 53  PHE n 
1 54  LEU n 
1 55  GLU n 
1 56  GLN n 
1 57  ILE n 
1 58  HIS n 
1 59  VAL n 
1 60  LEU n 
1 61  GLU n 
1 62  LYS n 
1 63  SER n 
1 64  LEU n 
1 65  VAL n 
1 66  LEU n 
1 67  LYS n 
1 68  PHE n 
1 69  HIS n 
1 70  THR n 
1 71  VAL n 
1 72  ARG n 
1 73  ASP n 
1 74  GLU n 
1 75  GLU n 
1 76  CYS n 
1 77  SER n 
1 78  GLU n 
1 79  LEU n 
1 80  SER n 
1 81  MET n 
1 82  VAL n 
1 83  ALA n 
1 84  ASP n 
1 85  LYS n 
1 86  THR n 
1 87  GLU n 
1 88  LYS n 
1 89  ALA n 
1 90  GLY n 
1 91  GLU n 
1 92  TYR n 
1 93  SER n 
1 94  VAL n 
1 95  THR n 
1 96  TYR n 
1 97  ASP n 
1 98  GLY n 
1 99  PHE n 
1 100 ASN n 
1 101 THR n 
1 102 PHE n 
1 103 THR n 
1 104 ILE n 
1 105 PRO n 
1 106 LYS n 
1 107 THR n 
1 108 ASP n 
1 109 TYR n 
1 110 ASP n 
1 111 ASN n 
1 112 PHE n 
1 113 LEU n 
1 114 MET n 
1 115 ALA n 
1 116 HIS n 
1 117 LEU n 
1 118 ILE n 
1 119 ASN n 
1 120 GLU n 
1 121 LYS n 
1 122 ASP n 
1 123 GLY n 
1 124 GLU n 
1 125 THR n 
1 126 PHE n 
1 127 GLN n 
1 128 LEU n 
1 129 MET n 
1 130 GLY n 
1 131 LEU n 
1 132 TYR n 
1 133 GLY n 
1 134 ARG n 
1 135 GLU n 
1 136 PRO n 
1 137 ASP n 
1 138 LEU n 
1 139 SER n 
1 140 SER n 
1 141 ASP n 
1 142 ILE n 
1 143 LYS n 
1 144 GLU n 
1 145 ARG n 
1 146 PHE n 
1 147 ALA n 
1 148 GLN n 
1 149 LEU n 
1 150 CYS n 
1 151 GLU n 
1 152 GLU n 
1 153 HIS n 
1 154 GLY n 
1 155 ILE n 
1 156 LEU n 
1 157 ARG n 
1 158 GLU n 
1 159 ASN n 
1 160 ILE n 
1 161 ILE n 
1 162 ASP n 
1 163 LEU n 
1 164 SER n 
1 165 ASN n 
1 166 ALA n 
1 167 ASN n 
1 168 ARG n 
1 169 CYS n 
1 170 LEU n 
1 171 GLN n 
1 172 ALA n 
1 173 ARG n 
1 174 GLU n 
# 
_entity_src_gen.entity_id                          1 
_entity_src_gen.pdbx_src_id                        1 
_entity_src_gen.pdbx_alt_source_flag               sample 
_entity_src_gen.pdbx_seq_type                      ? 
_entity_src_gen.pdbx_beg_seq_num                   ? 
_entity_src_gen.pdbx_end_seq_num                   ? 
_entity_src_gen.gene_src_common_name               'house mouse' 
_entity_src_gen.gene_src_genus                     Mus 
_entity_src_gen.pdbx_gene_src_gene                 MUP1 
_entity_src_gen.gene_src_species                   ? 
_entity_src_gen.gene_src_strain                    SWISS 
_entity_src_gen.gene_src_tissue                    ? 
_entity_src_gen.gene_src_tissue_fraction           ? 
_entity_src_gen.gene_src_details                   ? 
_entity_src_gen.pdbx_gene_src_fragment             ? 
_entity_src_gen.pdbx_gene_src_scientific_name      'Mus musculus' 
_entity_src_gen.pdbx_gene_src_ncbi_taxonomy_id     10090 
_entity_src_gen.pdbx_gene_src_variant              ? 
_entity_src_gen.pdbx_gene_src_cell_line            ? 
_entity_src_gen.pdbx_gene_src_atcc                 ? 
_entity_src_gen.pdbx_gene_src_organ                ? 
_entity_src_gen.pdbx_gene_src_organelle            ? 
_entity_src_gen.pdbx_gene_src_cell                 ? 
_entity_src_gen.pdbx_gene_src_cellular_location    ? 
_entity_src_gen.host_org_common_name               ? 
_entity_src_gen.pdbx_host_org_scientific_name      'Escherichia coli' 
_entity_src_gen.pdbx_host_org_ncbi_taxonomy_id     562 
_entity_src_gen.host_org_genus                     Escherichia 
_entity_src_gen.pdbx_host_org_gene                 ? 
_entity_src_gen.pdbx_host_org_organ                ? 
_entity_src_gen.host_org_species                   ? 
_entity_src_gen.pdbx_host_org_tissue               ? 
_entity_src_gen.pdbx_host_org_tissue_fraction      ? 
_entity_src_gen.pdbx_host_org_strain               SG13009 
_entity_src_gen.pdbx_host_org_variant              ? 
_entity_src_gen.pdbx_host_org_cell_line            ? 
_entity_src_gen.pdbx_host_org_atcc                 ? 
_entity_src_gen.pdbx_host_org_culture_collection   ? 
_entity_src_gen.pdbx_host_org_cell                 ? 
_entity_src_gen.pdbx_host_org_organelle            ? 
_entity_src_gen.pdbx_host_org_cellular_location    ? 
_entity_src_gen.pdbx_host_org_vector_type          PLASMID 
_entity_src_gen.pdbx_host_org_vector               ? 
_entity_src_gen.host_org_details                   ? 
_entity_src_gen.expression_system_id               ? 
_entity_src_gen.plasmid_name                       pQE30 
_entity_src_gen.plasmid_details                    ? 
_entity_src_gen.pdbx_description                   ? 
# 
loop_
_chem_comp.id 
_chem_comp.type 
_chem_comp.mon_nstd_flag 
_chem_comp.name 
_chem_comp.pdbx_synonyms 
_chem_comp.formula 
_chem_comp.formula_weight 
ALA 'L-peptide linking' y ALANINE                       ?                             'C3 H7 N O2'     89.093  
ARG 'L-peptide linking' y ARGININE                      ?                             'C6 H15 N4 O2 1' 175.209 
ASN 'L-peptide linking' y ASPARAGINE                    ?                             'C4 H8 N2 O3'    132.118 
ASP 'L-peptide linking' y 'ASPARTIC ACID'               ?                             'C4 H7 N O4'     133.103 
CD  non-polymer         . 'CADMIUM ION'                 ?                             'Cd 2'           112.411 
CYS 'L-peptide linking' y CYSTEINE                      ?                             'C3 H7 N O2 S'   121.158 
GLN 'L-peptide linking' y GLUTAMINE                     ?                             'C5 H10 N2 O3'   146.144 
GLU 'L-peptide linking' y 'GLUTAMIC ACID'               ?                             'C5 H9 N O4'     147.129 
GLY 'peptide linking'   y GLYCINE                       ?                             'C2 H5 N O2'     75.067  
HIS 'L-peptide linking' y HISTIDINE                     ?                             'C6 H10 N3 O2 1' 156.162 
HOH non-polymer         . WATER                         ?                             'H2 O'           18.015  
ILE 'L-peptide linking' y ISOLEUCINE                    ?                             'C6 H13 N O2'    131.173 
IPZ non-polymer         . 2-ISOPROPYL-3-METHOXYPYRAZINE 2-METHOXY-3-ISOPROPYLPYRAZINE 'C8 H12 N2 O'    152.194 
LEU 'L-peptide linking' y LEUCINE                       ?                             'C6 H13 N O2'    131.173 
LYS 'L-peptide linking' y LYSINE                        ?                             'C6 H15 N2 O2 1' 147.195 
MET 'L-peptide linking' y METHIONINE                    ?                             'C5 H11 N O2 S'  149.211 
NA  non-polymer         . 'SODIUM ION'                  ?                             'Na 1'           22.990  
PHE 'L-peptide linking' y PHENYLALANINE                 ?                             'C9 H11 N O2'    165.189 
PRO 'L-peptide linking' y PROLINE                       ?                             'C5 H9 N O2'     115.130 
SER 'L-peptide linking' y SERINE                        ?                             'C3 H7 N O3'     105.093 
THR 'L-peptide linking' y THREONINE                     ?                             'C4 H9 N O3'     119.119 
TRP 'L-peptide linking' y TRYPTOPHAN                    ?                             'C11 H12 N2 O2'  204.225 
TYR 'L-peptide linking' y TYROSINE                      ?                             'C9 H11 N O3'    181.189 
VAL 'L-peptide linking' y VALINE                        ?                             'C5 H11 N O2'    117.146 
# 
loop_
_pdbx_poly_seq_scheme.asym_id 
_pdbx_poly_seq_scheme.entity_id 
_pdbx_poly_seq_scheme.seq_id 
_pdbx_poly_seq_scheme.mon_id 
_pdbx_poly_seq_scheme.ndb_seq_num 
_pdbx_poly_seq_scheme.pdb_seq_num 
_pdbx_poly_seq_scheme.auth_seq_num 
_pdbx_poly_seq_scheme.pdb_mon_id 
_pdbx_poly_seq_scheme.auth_mon_id 
_pdbx_poly_seq_scheme.pdb_strand_id 
_pdbx_poly_seq_scheme.pdb_ins_code 
_pdbx_poly_seq_scheme.hetero 
A 1 1   MET 1   -11 ?   ?   ?   A . n 
A 1 2   ARG 2   -10 ?   ?   ?   A . n 
A 1 3   GLY 3   -9  ?   ?   ?   A . n 
A 1 4   SER 4   -8  ?   ?   ?   A . n 
A 1 5   HIS 5   -7  ?   ?   ?   A . n 
A 1 6   HIS 6   -6  ?   ?   ?   A . n 
A 1 7   HIS 7   -5  ?   ?   ?   A . n 
A 1 8   HIS 8   -4  ?   ?   ?   A . n 
A 1 9   HIS 9   -3  ?   ?   ?   A . n 
A 1 10  HIS 10  -2  ?   ?   ?   A . n 
A 1 11  GLY 11  -1  ?   ?   ?   A . n 
A 1 12  SER 12  0   ?   ?   ?   A . n 
A 1 13  GLU 13  1   1   GLU GLU A . n 
A 1 14  GLU 14  2   2   GLU GLU A . n 
A 1 15  ALA 15  3   3   ALA ALA A . n 
A 1 16  SER 16  4   4   SER SER A . n 
A 1 17  SER 17  5   5   SER SER A . n 
A 1 18  THR 18  6   6   THR THR A . n 
A 1 19  GLY 19  7   7   GLY GLY A . n 
A 1 20  ARG 20  8   8   ARG ARG A . n 
A 1 21  ASN 21  9   9   ASN ASN A . n 
A 1 22  PHE 22  10  10  PHE PHE A . n 
A 1 23  ASN 23  11  11  ASN ASN A . n 
A 1 24  VAL 24  12  12  VAL VAL A . n 
A 1 25  GLU 25  13  13  GLU GLU A . n 
A 1 26  LYS 26  14  14  LYS LYS A . n 
A 1 27  ILE 27  15  15  ILE ILE A . n 
A 1 28  ASN 28  16  16  ASN ASN A . n 
A 1 29  GLY 29  17  17  GLY GLY A . n 
A 1 30  GLU 30  18  18  GLU GLU A . n 
A 1 31  TRP 31  19  19  TRP TRP A . n 
A 1 32  HIS 32  20  20  HIS HIS A . n 
A 1 33  THR 33  21  21  THR THR A . n 
A 1 34  ILE 34  22  22  ILE ILE A . n 
A 1 35  ILE 35  23  23  ILE ILE A . n 
A 1 36  LEU 36  24  24  LEU LEU A . n 
A 1 37  ALA 37  25  25  ALA ALA A . n 
A 1 38  SER 38  26  26  SER SER A . n 
A 1 39  ASP 39  27  27  ASP ASP A . n 
A 1 40  LYS 40  28  28  LYS LYS A . n 
A 1 41  ARG 41  29  29  ARG ARG A . n 
A 1 42  GLU 42  30  30  GLU GLU A . n 
A 1 43  LYS 43  31  31  LYS LYS A . n 
A 1 44  ILE 44  32  32  ILE ILE A . n 
A 1 45  GLU 45  33  33  GLU GLU A . n 
A 1 46  ASP 46  34  34  ASP ASP A . n 
A 1 47  ASN 47  35  35  ASN ASN A . n 
A 1 48  GLY 48  36  36  GLY GLY A . n 
A 1 49  ASN 49  37  37  ASN ASN A . n 
A 1 50  PHE 50  38  38  PHE PHE A . n 
A 1 51  ARG 51  39  39  ARG ARG A . n 
A 1 52  LEU 52  40  40  LEU LEU A . n 
A 1 53  PHE 53  41  41  PHE PHE A . n 
A 1 54  LEU 54  42  42  LEU LEU A . n 
A 1 55  GLU 55  43  43  GLU GLU A . n 
A 1 56  GLN 56  44  44  GLN GLN A . n 
A 1 57  ILE 57  45  45  ILE ILE A . n 
A 1 58  HIS 58  46  46  HIS HIS A . n 
A 1 59  VAL 59  47  47  VAL VAL A . n 
A 1 60  LEU 60  48  48  LEU LEU A . n 
A 1 61  GLU 61  49  49  GLU GLU A . n 
A 1 62  LYS 62  50  50  LYS LYS A . n 
A 1 63  SER 63  51  51  SER SER A . n 
A 1 64  LEU 64  52  52  LEU LEU A . n 
A 1 65  VAL 65  53  53  VAL VAL A . n 
A 1 66  LEU 66  54  54  LEU LEU A . n 
A 1 67  LYS 67  55  55  LYS LYS A . n 
A 1 68  PHE 68  56  56  PHE PHE A . n 
A 1 69  HIS 69  57  57  HIS HIS A . n 
A 1 70  THR 70  58  58  THR THR A . n 
A 1 71  VAL 71  59  59  VAL VAL A . n 
A 1 72  ARG 72  60  60  ARG ARG A . n 
A 1 73  ASP 73  61  61  ASP ASP A . n 
A 1 74  GLU 74  62  62  GLU GLU A . n 
A 1 75  GLU 75  63  63  GLU GLU A . n 
A 1 76  CYS 76  64  64  CYS CYS A . n 
A 1 77  SER 77  65  65  SER SER A . n 
A 1 78  GLU 78  66  66  GLU GLU A . n 
A 1 79  LEU 79  67  67  LEU LEU A . n 
A 1 80  SER 80  68  68  SER SER A . n 
A 1 81  MET 81  69  69  MET MET A . n 
A 1 82  VAL 82  70  70  VAL VAL A . n 
A 1 83  ALA 83  71  71  ALA ALA A . n 
A 1 84  ASP 84  72  72  ASP ASP A . n 
A 1 85  LYS 85  73  73  LYS LYS A . n 
A 1 86  THR 86  74  74  THR THR A . n 
A 1 87  GLU 87  75  75  GLU GLU A . n 
A 1 88  LYS 88  76  76  LYS LYS A . n 
A 1 89  ALA 89  77  77  ALA ALA A . n 
A 1 90  GLY 90  78  78  GLY GLY A . n 
A 1 91  GLU 91  79  79  GLU GLU A . n 
A 1 92  TYR 92  80  80  TYR TYR A . n 
A 1 93  SER 93  81  81  SER SER A . n 
A 1 94  VAL 94  82  82  VAL VAL A . n 
A 1 95  THR 95  83  83  THR THR A . n 
A 1 96  TYR 96  84  84  TYR TYR A . n 
A 1 97  ASP 97  85  85  ASP ASP A . n 
A 1 98  GLY 98  86  86  GLY GLY A . n 
A 1 99  PHE 99  87  87  PHE PHE A . n 
A 1 100 ASN 100 88  88  ASN ASN A . n 
A 1 101 THR 101 89  89  THR THR A . n 
A 1 102 PHE 102 90  90  PHE PHE A . n 
A 1 103 THR 103 91  91  THR THR A . n 
A 1 104 ILE 104 92  92  ILE ILE A . n 
A 1 105 PRO 105 93  93  PRO PRO A . n 
A 1 106 LYS 106 94  94  LYS LYS A . n 
A 1 107 THR 107 95  95  THR THR A . n 
A 1 108 ASP 108 96  96  ASP ASP A . n 
A 1 109 TYR 109 97  97  TYR TYR A . n 
A 1 110 ASP 110 98  98  ASP ASP A . n 
A 1 111 ASN 111 99  99  ASN ASN A . n 
A 1 112 PHE 112 100 100 PHE PHE A . n 
A 1 113 LEU 113 101 101 LEU LEU A . n 
A 1 114 MET 114 102 102 MET MET A . n 
A 1 115 ALA 115 103 103 ALA ALA A . n 
A 1 116 HIS 116 104 104 HIS HIS A . n 
A 1 117 LEU 117 105 105 LEU LEU A . n 
A 1 118 ILE 118 106 106 ILE ILE A . n 
A 1 119 ASN 119 107 107 ASN ASN A . n 
A 1 120 GLU 120 108 108 GLU GLU A . n 
A 1 121 LYS 121 109 109 LYS LYS A . n 
A 1 122 ASP 122 110 110 ASP ASP A . n 
A 1 123 GLY 123 111 111 GLY GLY A . n 
A 1 124 GLU 124 112 112 GLU GLU A . n 
A 1 125 THR 125 113 113 THR THR A . n 
A 1 126 PHE 126 114 114 PHE PHE A . n 
A 1 127 GLN 127 115 115 GLN GLN A . n 
A 1 128 LEU 128 116 116 LEU LEU A . n 
A 1 129 MET 129 117 117 MET MET A . n 
A 1 130 GLY 130 118 118 GLY GLY A . n 
A 1 131 LEU 131 119 119 LEU LEU A . n 
A 1 132 TYR 132 120 120 TYR TYR A . n 
A 1 133 GLY 133 121 121 GLY GLY A . n 
A 1 134 ARG 134 122 122 ARG ARG A . n 
A 1 135 GLU 135 123 123 GLU GLU A . n 
A 1 136 PRO 136 124 124 PRO PRO A . n 
A 1 137 ASP 137 125 125 ASP ASP A . n 
A 1 138 LEU 138 126 126 LEU LEU A . n 
A 1 139 SER 139 127 127 SER SER A . n 
A 1 140 SER 140 128 128 SER SER A . n 
A 1 141 ASP 141 129 129 ASP ASP A . n 
A 1 142 ILE 142 130 130 ILE ILE A . n 
A 1 143 LYS 143 131 131 LYS LYS A . n 
A 1 144 GLU 144 132 132 GLU GLU A . n 
A 1 145 ARG 145 133 133 ARG ARG A . n 
A 1 146 PHE 146 134 134 PHE PHE A . n 
A 1 147 ALA 147 135 135 ALA ALA A . n 
A 1 148 GLN 148 136 136 GLN GLN A . n 
A 1 149 LEU 149 137 137 LEU LEU A . n 
A 1 150 CYS 150 138 138 CYS CYS A . n 
A 1 151 GLU 151 139 139 GLU GLU A . n 
A 1 152 GLU 152 140 140 GLU GLU A . n 
A 1 153 HIS 153 141 141 HIS HIS A . n 
A 1 154 GLY 154 142 142 GLY GLY A . n 
A 1 155 ILE 155 143 143 ILE ILE A . n 
A 1 156 LEU 156 144 144 LEU LEU A . n 
A 1 157 ARG 157 145 145 ARG ARG A . n 
A 1 158 GLU 158 146 146 GLU GLU A . n 
A 1 159 ASN 159 147 147 ASN ASN A . n 
A 1 160 ILE 160 148 148 ILE ILE A . n 
A 1 161 ILE 161 149 149 ILE ILE A . n 
A 1 162 ASP 162 150 150 ASP ASP A . n 
A 1 163 LEU 163 151 151 LEU LEU A . n 
A 1 164 SER 164 152 152 SER SER A . n 
A 1 165 ASN 165 153 153 ASN ASN A . n 
A 1 166 ALA 166 154 154 ALA ALA A . n 
A 1 167 ASN 167 155 155 ASN ASN A . n 
A 1 168 ARG 168 156 156 ARG ARG A . n 
A 1 169 CYS 169 157 157 CYS CYS A . n 
A 1 170 LEU 170 158 ?   ?   ?   A . n 
A 1 171 GLN 171 159 ?   ?   ?   A . n 
A 1 172 ALA 172 160 ?   ?   ?   A . n 
A 1 173 ARG 173 161 ?   ?   ?   A . n 
A 1 174 GLU 174 162 ?   ?   ?   A . n 
# 
loop_
_pdbx_nonpoly_scheme.asym_id 
_pdbx_nonpoly_scheme.entity_id 
_pdbx_nonpoly_scheme.mon_id 
_pdbx_nonpoly_scheme.ndb_seq_num 
_pdbx_nonpoly_scheme.pdb_seq_num 
_pdbx_nonpoly_scheme.auth_seq_num 
_pdbx_nonpoly_scheme.pdb_mon_id 
_pdbx_nonpoly_scheme.auth_mon_id 
_pdbx_nonpoly_scheme.pdb_strand_id 
_pdbx_nonpoly_scheme.pdb_ins_code 
B 2 CD  1   200 200 CD  CD  A . 
C 2 CD  1   201 201 CD  CD  A . 
D 3 NA  1   202 202 NA  NA  A . 
E 3 NA  1   203 203 NA  NA  A . 
F 3 NA  1   204 204 NA  NA  A . 
G 4 IPZ 1   300 300 IPZ IPM A . 
H 5 HOH 1   405 405 HOH WAT A . 
H 5 HOH 2   406 406 HOH WAT A . 
H 5 HOH 3   407 407 HOH WAT A . 
H 5 HOH 4   408 408 HOH WAT A . 
H 5 HOH 5   409 409 HOH WAT A . 
H 5 HOH 6   410 410 HOH WAT A . 
H 5 HOH 7   411 411 HOH WAT A . 
H 5 HOH 8   412 412 HOH WAT A . 
H 5 HOH 9   413 413 HOH WAT A . 
H 5 HOH 10  414 414 HOH WAT A . 
H 5 HOH 11  415 415 HOH WAT A . 
H 5 HOH 12  416 416 HOH WAT A . 
H 5 HOH 13  417 417 HOH WAT A . 
H 5 HOH 14  418 418 HOH WAT A . 
H 5 HOH 15  419 419 HOH WAT A . 
H 5 HOH 16  420 420 HOH WAT A . 
H 5 HOH 17  421 421 HOH WAT A . 
H 5 HOH 18  422 422 HOH WAT A . 
H 5 HOH 19  423 423 HOH WAT A . 
H 5 HOH 20  424 424 HOH WAT A . 
H 5 HOH 21  425 425 HOH WAT A . 
H 5 HOH 22  426 426 HOH WAT A . 
H 5 HOH 23  427 427 HOH WAT A . 
H 5 HOH 24  428 428 HOH WAT A . 
H 5 HOH 25  429 429 HOH WAT A . 
H 5 HOH 26  430 430 HOH WAT A . 
H 5 HOH 27  431 431 HOH WAT A . 
H 5 HOH 28  432 432 HOH WAT A . 
H 5 HOH 29  433 433 HOH WAT A . 
H 5 HOH 30  434 434 HOH WAT A . 
H 5 HOH 31  435 435 HOH WAT A . 
H 5 HOH 32  436 436 HOH WAT A . 
H 5 HOH 33  437 437 HOH WAT A . 
H 5 HOH 34  438 438 HOH WAT A . 
H 5 HOH 35  439 439 HOH WAT A . 
H 5 HOH 36  440 440 HOH WAT A . 
H 5 HOH 37  441 441 HOH WAT A . 
H 5 HOH 38  442 442 HOH WAT A . 
H 5 HOH 39  443 443 HOH WAT A . 
H 5 HOH 40  444 444 HOH WAT A . 
H 5 HOH 41  445 445 HOH WAT A . 
H 5 HOH 42  446 446 HOH WAT A . 
H 5 HOH 43  447 447 HOH WAT A . 
H 5 HOH 44  448 448 HOH WAT A . 
H 5 HOH 45  449 449 HOH WAT A . 
H 5 HOH 46  450 450 HOH WAT A . 
H 5 HOH 47  451 451 HOH WAT A . 
H 5 HOH 48  452 452 HOH WAT A . 
H 5 HOH 49  453 453 HOH WAT A . 
H 5 HOH 50  454 454 HOH WAT A . 
H 5 HOH 51  455 455 HOH WAT A . 
H 5 HOH 52  456 456 HOH WAT A . 
H 5 HOH 53  457 457 HOH WAT A . 
H 5 HOH 54  458 458 HOH WAT A . 
H 5 HOH 55  459 459 HOH WAT A . 
H 5 HOH 56  460 460 HOH WAT A . 
H 5 HOH 57  461 461 HOH WAT A . 
H 5 HOH 58  462 462 HOH WAT A . 
H 5 HOH 59  463 463 HOH WAT A . 
H 5 HOH 60  464 464 HOH WAT A . 
H 5 HOH 61  465 465 HOH WAT A . 
H 5 HOH 62  466 466 HOH WAT A . 
H 5 HOH 63  467 467 HOH WAT A . 
H 5 HOH 64  468 468 HOH WAT A . 
H 5 HOH 65  469 469 HOH WAT A . 
H 5 HOH 66  470 470 HOH WAT A . 
H 5 HOH 67  471 471 HOH WAT A . 
H 5 HOH 68  472 472 HOH WAT A . 
H 5 HOH 69  473 473 HOH WAT A . 
H 5 HOH 70  474 474 HOH WAT A . 
H 5 HOH 71  475 475 HOH WAT A . 
H 5 HOH 72  476 476 HOH WAT A . 
H 5 HOH 73  477 477 HOH WAT A . 
H 5 HOH 74  478 478 HOH WAT A . 
H 5 HOH 75  479 479 HOH WAT A . 
H 5 HOH 76  480 480 HOH WAT A . 
H 5 HOH 77  481 481 HOH WAT A . 
H 5 HOH 78  482 482 HOH WAT A . 
H 5 HOH 79  483 483 HOH WAT A . 
H 5 HOH 80  484 484 HOH WAT A . 
H 5 HOH 81  485 485 HOH WAT A . 
H 5 HOH 82  486 486 HOH WAT A . 
H 5 HOH 83  487 487 HOH WAT A . 
H 5 HOH 84  488 488 HOH WAT A . 
H 5 HOH 85  489 489 HOH WAT A . 
H 5 HOH 86  490 490 HOH WAT A . 
H 5 HOH 87  491 491 HOH WAT A . 
H 5 HOH 88  492 492 HOH WAT A . 
H 5 HOH 89  493 493 HOH WAT A . 
H 5 HOH 90  494 494 HOH WAT A . 
H 5 HOH 91  495 495 HOH WAT A . 
H 5 HOH 92  496 496 HOH WAT A . 
H 5 HOH 93  497 497 HOH WAT A . 
H 5 HOH 94  498 498 HOH WAT A . 
H 5 HOH 95  499 499 HOH WAT A . 
H 5 HOH 96  500 500 HOH WAT A . 
H 5 HOH 97  501 501 HOH WAT A . 
H 5 HOH 98  502 502 HOH WAT A . 
H 5 HOH 99  503 503 HOH WAT A . 
H 5 HOH 100 504 504 HOH WAT A . 
H 5 HOH 101 505 505 HOH WAT A . 
H 5 HOH 102 506 506 HOH WAT A . 
H 5 HOH 103 507 507 HOH WAT A . 
H 5 HOH 104 508 508 HOH WAT A . 
H 5 HOH 105 509 509 HOH WAT A . 
H 5 HOH 106 510 510 HOH WAT A . 
H 5 HOH 107 511 511 HOH WAT A . 
H 5 HOH 108 512 512 HOH WAT A . 
H 5 HOH 109 513 513 HOH WAT A . 
H 5 HOH 110 514 514 HOH WAT A . 
H 5 HOH 111 515 515 HOH WAT A . 
H 5 HOH 112 516 516 HOH WAT A . 
H 5 HOH 113 517 517 HOH WAT A . 
H 5 HOH 114 518 518 HOH WAT A . 
H 5 HOH 115 519 519 HOH WAT A . 
H 5 HOH 116 520 520 HOH WAT A . 
H 5 HOH 117 521 521 HOH WAT A . 
H 5 HOH 118 522 522 HOH WAT A . 
H 5 HOH 119 523 523 HOH WAT A . 
H 5 HOH 120 524 524 HOH WAT A . 
H 5 HOH 121 525 525 HOH WAT A . 
H 5 HOH 122 526 526 HOH WAT A . 
H 5 HOH 123 527 527 HOH WAT A . 
H 5 HOH 124 528 528 HOH WAT A . 
H 5 HOH 125 529 529 HOH WAT A . 
H 5 HOH 126 530 530 HOH WAT A . 
H 5 HOH 127 531 531 HOH WAT A . 
H 5 HOH 128 532 532 HOH WAT A . 
H 5 HOH 129 533 533 HOH WAT A . 
H 5 HOH 130 534 534 HOH WAT A . 
H 5 HOH 131 535 535 HOH WAT A . 
H 5 HOH 132 536 536 HOH WAT A . 
H 5 HOH 133 537 537 HOH WAT A . 
H 5 HOH 134 538 538 HOH WAT A . 
H 5 HOH 135 539 539 HOH WAT A . 
H 5 HOH 136 540 540 HOH WAT A . 
H 5 HOH 137 541 541 HOH WAT A . 
H 5 HOH 138 542 542 HOH WAT A . 
H 5 HOH 139 543 543 HOH WAT A . 
H 5 HOH 140 544 544 HOH WAT A . 
H 5 HOH 141 545 545 HOH WAT A . 
H 5 HOH 142 546 546 HOH WAT A . 
H 5 HOH 143 547 547 HOH WAT A . 
H 5 HOH 144 548 548 HOH WAT A . 
H 5 HOH 145 549 549 HOH WAT A . 
H 5 HOH 146 550 550 HOH WAT A . 
H 5 HOH 147 551 551 HOH WAT A . 
H 5 HOH 148 552 552 HOH WAT A . 
H 5 HOH 149 553 553 HOH WAT A . 
H 5 HOH 150 554 554 HOH WAT A . 
H 5 HOH 151 555 555 HOH WAT A . 
H 5 HOH 152 556 556 HOH WAT A . 
H 5 HOH 153 557 557 HOH WAT A . 
H 5 HOH 154 558 558 HOH WAT A . 
H 5 HOH 155 559 559 HOH WAT A . 
H 5 HOH 156 560 560 HOH WAT A . 
H 5 HOH 157 561 561 HOH WAT A . 
H 5 HOH 158 562 562 HOH WAT A . 
H 5 HOH 159 563 563 HOH WAT A . 
H 5 HOH 160 564 564 HOH WAT A . 
H 5 HOH 161 565 565 HOH WAT A . 
H 5 HOH 162 566 566 HOH WAT A . 
H 5 HOH 163 567 567 HOH WAT A . 
H 5 HOH 164 568 568 HOH WAT A . 
H 5 HOH 165 569 569 HOH WAT A . 
H 5 HOH 166 570 570 HOH WAT A . 
H 5 HOH 167 571 571 HOH WAT A . 
H 5 HOH 168 572 572 HOH WAT A . 
H 5 HOH 169 573 573 HOH WAT A . 
H 5 HOH 170 574 574 HOH WAT A . 
H 5 HOH 171 575 575 HOH WAT A . 
H 5 HOH 172 576 576 HOH WAT A . 
H 5 HOH 173 577 577 HOH WAT A . 
H 5 HOH 174 578 578 HOH WAT A . 
H 5 HOH 175 579 579 HOH WAT A . 
H 5 HOH 176 580 580 HOH WAT A . 
H 5 HOH 177 581 581 HOH WAT A . 
H 5 HOH 178 582 582 HOH WAT A . 
H 5 HOH 179 583 583 HOH WAT A . 
H 5 HOH 180 584 584 HOH WAT A . 
H 5 HOH 181 585 585 HOH WAT A . 
H 5 HOH 182 586 586 HOH WAT A . 
H 5 HOH 183 587 587 HOH WAT A . 
H 5 HOH 184 588 588 HOH WAT A . 
H 5 HOH 185 589 589 HOH WAT A . 
H 5 HOH 186 590 590 HOH WAT A . 
H 5 HOH 187 591 591 HOH WAT A . 
H 5 HOH 188 592 592 HOH WAT A . 
H 5 HOH 189 593 593 HOH WAT A . 
H 5 HOH 190 594 594 HOH WAT A . 
H 5 HOH 191 595 595 HOH WAT A . 
H 5 HOH 192 596 596 HOH WAT A . 
H 5 HOH 193 597 597 HOH WAT A . 
H 5 HOH 194 598 598 HOH WAT A . 
H 5 HOH 195 599 599 HOH WAT A . 
H 5 HOH 196 600 600 HOH WAT A . 
H 5 HOH 197 601 601 HOH WAT A . 
H 5 HOH 198 602 602 HOH WAT A . 
H 5 HOH 199 603 603 HOH WAT A . 
H 5 HOH 200 604 604 HOH WAT A . 
H 5 HOH 201 605 605 HOH WAT A . 
H 5 HOH 202 606 606 HOH WAT A . 
H 5 HOH 203 607 607 HOH WAT A . 
H 5 HOH 204 608 608 HOH WAT A . 
H 5 HOH 205 609 609 HOH WAT A . 
H 5 HOH 206 610 610 HOH WAT A . 
H 5 HOH 207 611 611 HOH WAT A . 
# 
loop_
_software.name 
_software.classification 
_software.version 
_software.citation_id 
_software.pdbx_ordinal 
MOSFLM 'data reduction' .         ? 1 
SCALA  'data scaling'   .         ? 2 
CNS    refinement       .         ? 3 
CCP4   'data scaling'   '(SCALA)' ? 4 
CNS    phasing          .         ? 5 
# 
_cell.entry_id           1QY2 
_cell.length_a           53.248 
_cell.length_b           53.248 
_cell.length_c           137.703 
_cell.angle_alpha        90.00 
_cell.angle_beta         90.00 
_cell.angle_gamma        90.00 
_cell.Z_PDB              8 
_cell.pdbx_unique_axis   ? 
# 
_symmetry.entry_id                         1QY2 
_symmetry.space_group_name_H-M             'P 43 21 2' 
_symmetry.pdbx_full_space_group_name_H-M   ? 
_symmetry.cell_setting                     ? 
_symmetry.Int_Tables_number                96 
# 
_exptl.entry_id          1QY2 
_exptl.method            'X-RAY DIFFRACTION' 
_exptl.crystals_number   1 
# 
_exptl_crystal.id                    1 
_exptl_crystal.density_meas          ? 
_exptl_crystal.density_Matthews      2.42 
_exptl_crystal.density_percent_sol   49.24 
_exptl_crystal.description           ? 
# 
_exptl_crystal_grow.crystal_id      1 
_exptl_crystal_grow.method          'VAPOR DIFFUSION, HANGING DROP' 
_exptl_crystal_grow.temp            291 
_exptl_crystal_grow.temp_details    ? 
_exptl_crystal_grow.pH              4.9 
_exptl_crystal_grow.pdbx_details    'CADMIUM CHLORIDE, MALATE/HCL, pH 4.9, VAPOR DIFFUSION, HANGING DROP, temperature 291K' 
_exptl_crystal_grow.pdbx_pH_range   ? 
# 
_diffrn.id                     1 
_diffrn.ambient_temp           100 
_diffrn.ambient_temp_details   ? 
_diffrn.crystal_id             1 
# 
_diffrn_detector.diffrn_id              1 
_diffrn_detector.detector               'IMAGE PLATE' 
_diffrn_detector.type                   'RIGAKU RAXIS IV' 
_diffrn_detector.pdbx_collection_date   2002-09-03 
_diffrn_detector.details                'CONFOCAL MAX-FLUX (OSMIC)' 
# 
_diffrn_radiation.diffrn_id                        1 
_diffrn_radiation.wavelength_id                    1 
_diffrn_radiation.pdbx_monochromatic_or_laue_m_l   M 
_diffrn_radiation.monochromator                    'Ni FILTER' 
_diffrn_radiation.pdbx_diffrn_protocol             'SINGLE WAVELENGTH' 
_diffrn_radiation.pdbx_scattering_type             x-ray 
# 
_diffrn_radiation_wavelength.id           1 
_diffrn_radiation_wavelength.wavelength   1.5418 
_diffrn_radiation_wavelength.wt           1.0 
# 
_diffrn_source.diffrn_id                   1 
_diffrn_source.source                      'ROTATING ANODE' 
_diffrn_source.type                        'RIGAKU RUH3R' 
_diffrn_source.pdbx_synchrotron_site       ? 
_diffrn_source.pdbx_synchrotron_beamline   ? 
_diffrn_source.pdbx_wavelength             ? 
_diffrn_source.pdbx_wavelength_list        1.5418 
# 
_reflns.entry_id                     1QY2 
_reflns.observed_criterion_sigma_F   0.0 
_reflns.observed_criterion_sigma_I   0.0 
_reflns.d_resolution_high            1.75 
_reflns.d_resolution_low             28.0 
_reflns.number_all                   20815 
_reflns.number_obs                   20419 
_reflns.percent_possible_obs         98.1 
_reflns.pdbx_Rmerge_I_obs            ? 
_reflns.pdbx_Rsym_value              0.083 
_reflns.pdbx_netI_over_sigmaI        4.9 
_reflns.B_iso_Wilson_estimate        21.8 
_reflns.pdbx_redundancy              6.8 
_reflns.R_free_details               ? 
_reflns.limit_h_max                  ? 
_reflns.limit_h_min                  ? 
_reflns.limit_k_max                  ? 
_reflns.limit_k_min                  ? 
_reflns.limit_l_max                  ? 
_reflns.limit_l_min                  ? 
_reflns.observed_criterion_F_max     ? 
_reflns.observed_criterion_F_min     ? 
_reflns.pdbx_ordinal                 1 
_reflns.pdbx_diffrn_id               1 
# 
_reflns_shell.d_res_high             1.75 
_reflns_shell.d_res_low              1.79 
_reflns_shell.percent_possible_all   96.8 
_reflns_shell.Rmerge_I_obs           ? 
_reflns_shell.pdbx_Rsym_value        0.357 
_reflns_shell.meanI_over_sigI_obs    2.0 
_reflns_shell.pdbx_redundancy        6.8 
_reflns_shell.percent_possible_obs   ? 
_reflns_shell.number_unique_all      3092 
_reflns_shell.pdbx_ordinal           1 
_reflns_shell.pdbx_diffrn_id         1 
# 
_refine.entry_id                                 1QY2 
_refine.ls_d_res_high                            1.75 
_refine.ls_d_res_low                             28.0 
_refine.pdbx_ls_sigma_F                          0.0 
_refine.pdbx_ls_sigma_I                          ? 
_refine.ls_number_reflns_all                     20815 
_refine.ls_number_reflns_obs                     20419 
_refine.ls_number_reflns_R_free                  1013 
_refine.ls_percent_reflns_obs                    98.1 
_refine.ls_R_factor_all                          0.183 
_refine.ls_R_factor_obs                          0.183 
_refine.ls_R_factor_R_work                       0.182 
_refine.ls_R_factor_R_free                       0.205 
_refine.ls_redundancy_reflns_obs                 ? 
_refine.pdbx_data_cutoff_high_absF               ? 
_refine.pdbx_data_cutoff_low_absF                ? 
_refine.ls_number_parameters                     ? 
_refine.ls_number_restraints                     ? 
_refine.ls_percent_reflns_R_free                 ? 
_refine.ls_R_factor_R_free_error                 ? 
_refine.ls_R_factor_R_free_error_details         ? 
_refine.pdbx_method_to_determine_struct          'FOURIER SYNTHESIS' 
_refine.pdbx_starting_model                      ? 
_refine.pdbx_ls_cross_valid_method               THROUGHOUT 
_refine.pdbx_R_Free_selection_details            RANDOM 
_refine.pdbx_stereochem_target_val_spec_case     ? 
_refine.pdbx_stereochemistry_target_values       'Engh & Huber' 
_refine.solvent_model_details                    ? 
_refine.solvent_model_param_bsol                 ? 
_refine.solvent_model_param_ksol                 ? 
_refine.occupancy_max                            ? 
_refine.occupancy_min                            ? 
_refine.pdbx_isotropic_thermal_model             ANISOTROPIC 
_refine.B_iso_mean                               30.6 
_refine.aniso_B[1][1]                            0.148 
_refine.aniso_B[1][2]                            0.0 
_refine.aniso_B[1][3]                            0.0 
_refine.aniso_B[2][2]                            0.148 
_refine.aniso_B[2][3]                            0.0 
_refine.aniso_B[3][3]                            -0.296 
_refine.details                                  ? 
_refine.B_iso_min                                ? 
_refine.B_iso_max                                ? 
_refine.correlation_coeff_Fo_to_Fc               ? 
_refine.correlation_coeff_Fo_to_Fc_free          ? 
_refine.pdbx_solvent_vdw_probe_radii             ? 
_refine.pdbx_solvent_ion_probe_radii             ? 
_refine.pdbx_solvent_shrinkage_radii             ? 
_refine.overall_SU_R_Cruickshank_DPI             ? 
_refine.overall_SU_R_free                        ? 
_refine.overall_SU_B                             ? 
_refine.overall_SU_ML                            ? 
_refine.pdbx_overall_ESU_R                       ? 
_refine.pdbx_overall_ESU_R_Free                  ? 
_refine.pdbx_data_cutoff_high_rms_absF           ? 
_refine.pdbx_refine_id                           'X-RAY DIFFRACTION' 
_refine.pdbx_diffrn_id                           1 
_refine.pdbx_TLS_residual_ADP_flag               ? 
_refine.pdbx_overall_phase_error                 ? 
_refine.pdbx_overall_SU_R_free_Cruickshank_DPI   ? 
_refine.pdbx_overall_SU_R_Blow_DPI               ? 
_refine.pdbx_overall_SU_R_free_Blow_DPI          ? 
# 
_refine_analyze.entry_id                        1QY2 
_refine_analyze.Luzzati_coordinate_error_obs    0.18 
_refine_analyze.Luzzati_sigma_a_obs             0.10 
_refine_analyze.Luzzati_d_res_low_obs           5.00 
_refine_analyze.Luzzati_coordinate_error_free   0.21 
_refine_analyze.Luzzati_sigma_a_free            0.14 
_refine_analyze.Luzzati_d_res_low_free          ? 
_refine_analyze.number_disordered_residues      ? 
_refine_analyze.occupancy_sum_non_hydrogen      ? 
_refine_analyze.occupancy_sum_hydrogen          ? 
_refine_analyze.pdbx_Luzzati_d_res_high_obs     ? 
_refine_analyze.pdbx_refine_id                  'X-RAY DIFFRACTION' 
# 
_refine_hist.pdbx_refine_id                   'X-RAY DIFFRACTION' 
_refine_hist.cycle_id                         LAST 
_refine_hist.pdbx_number_atoms_protein        1272 
_refine_hist.pdbx_number_atoms_nucleic_acid   0 
_refine_hist.pdbx_number_atoms_ligand         16 
_refine_hist.number_atoms_solvent             207 
_refine_hist.number_atoms_total               1495 
_refine_hist.d_res_high                       1.75 
_refine_hist.d_res_low                        28.0 
# 
loop_
_refine_ls_restr.type 
_refine_ls_restr.dev_ideal 
_refine_ls_restr.dev_ideal_target 
_refine_ls_restr.weight 
_refine_ls_restr.number 
_refine_ls_restr.pdbx_refine_id 
_refine_ls_restr.pdbx_restraint_function 
c_angle_deg        1.80  ? ? ? 'X-RAY DIFFRACTION' ? 
c_bond_d           0.018 ? ? ? 'X-RAY DIFFRACTION' ? 
c_dihedral_angle_d 26.0  ? ? ? 'X-RAY DIFFRACTION' ? 
c_improper_angle_d 1.11  ? ? ? 'X-RAY DIFFRACTION' ? 
# 
_refine_ls_shell.pdbx_total_number_of_bins_used   ? 
_refine_ls_shell.d_res_high                       1.75 
_refine_ls_shell.d_res_low                        1.81 
_refine_ls_shell.number_reflns_R_work             ? 
_refine_ls_shell.R_factor_R_work                  0.263 
_refine_ls_shell.percent_reflns_obs               96.1 
_refine_ls_shell.R_factor_R_free                  0.263 
_refine_ls_shell.R_factor_R_free_error            0.027 
_refine_ls_shell.percent_reflns_R_free            ? 
_refine_ls_shell.number_reflns_R_free             92 
_refine_ls_shell.number_reflns_obs                1940 
_refine_ls_shell.redundancy_reflns_obs            ? 
_refine_ls_shell.number_reflns_all                ? 
_refine_ls_shell.pdbx_refine_id                   'X-RAY DIFFRACTION' 
_refine_ls_shell.R_factor_all                     ? 
# 
_struct.entry_id                  1QY2 
_struct.title                     
'Thermodynamics of Binding of 2-methoxy-3-isopropylpyrazine and 2-methoxy-3-isobutylpyrazine to the Major Urinary Protein' 
_struct.pdbx_model_details        ? 
_struct.pdbx_CASP_flag            ? 
_struct.pdbx_model_type_details   ? 
# 
_struct_keywords.entry_id        1QY2 
_struct_keywords.pdbx_keywords   'TRANSPORT PROTEIN' 
_struct_keywords.text            'LIPOCALIN, BETA-BARREL, MUP1, 2-METHOXY-3-ISOPROPYLPYRAZINE, transport protein' 
# 
loop_
_struct_asym.id 
_struct_asym.pdbx_blank_PDB_chainid_flag 
_struct_asym.pdbx_modified 
_struct_asym.entity_id 
_struct_asym.details 
A N N 1 ? 
B N N 2 ? 
C N N 2 ? 
D N N 3 ? 
E N N 3 ? 
F N N 3 ? 
G N N 4 ? 
H N N 5 ? 
# 
_struct_ref.id                         1 
_struct_ref.db_name                    UNP 
_struct_ref.db_code                    MUP1_MOUSE 
_struct_ref.pdbx_db_accession          P11588 
_struct_ref.entity_id                  1 
_struct_ref.pdbx_seq_one_letter_code   
;EEASSTGRNFNVEKINGEWHTIILASDKREKIEDNGNFRLFLEQIHVLEKSLVLKFHTVRDEECSELSMVADKTEKAGEY
SVTYDGFNTFTIPKTDYDNFLMAHLINEKDGETFQLMGLYGREPDLSSDIKERFAQLCEEHGILRENIIDLSNANRCLQA
RE
;
_struct_ref.pdbx_align_begin           19 
_struct_ref.pdbx_db_isoform            ? 
# 
_struct_ref_seq.align_id                      1 
_struct_ref_seq.ref_id                        1 
_struct_ref_seq.pdbx_PDB_id_code              1QY2 
_struct_ref_seq.pdbx_strand_id                A 
_struct_ref_seq.seq_align_beg                 13 
_struct_ref_seq.pdbx_seq_align_beg_ins_code   ? 
_struct_ref_seq.seq_align_end                 174 
_struct_ref_seq.pdbx_seq_align_end_ins_code   ? 
_struct_ref_seq.pdbx_db_accession             P11588 
_struct_ref_seq.db_align_beg                  19 
_struct_ref_seq.pdbx_db_align_beg_ins_code    ? 
_struct_ref_seq.db_align_end                  180 
_struct_ref_seq.pdbx_db_align_end_ins_code    ? 
_struct_ref_seq.pdbx_auth_seq_align_beg       1 
_struct_ref_seq.pdbx_auth_seq_align_end       162 
# 
loop_
_struct_ref_seq_dif.align_id 
_struct_ref_seq_dif.pdbx_pdb_id_code 
_struct_ref_seq_dif.mon_id 
_struct_ref_seq_dif.pdbx_pdb_strand_id 
_struct_ref_seq_dif.seq_num 
_struct_ref_seq_dif.pdbx_pdb_ins_code 
_struct_ref_seq_dif.pdbx_seq_db_name 
_struct_ref_seq_dif.pdbx_seq_db_accession_code 
_struct_ref_seq_dif.db_mon_id 
_struct_ref_seq_dif.pdbx_seq_db_seq_num 
_struct_ref_seq_dif.details 
_struct_ref_seq_dif.pdbx_auth_seq_num 
_struct_ref_seq_dif.pdbx_ordinal 
1 1QY2 MET A 1  ? UNP P11588 ? ? 'cloning artifact' -11 1  
1 1QY2 ARG A 2  ? UNP P11588 ? ? 'cloning artifact' -10 2  
1 1QY2 GLY A 3  ? UNP P11588 ? ? 'cloning artifact' -9  3  
1 1QY2 SER A 4  ? UNP P11588 ? ? 'cloning artifact' -8  4  
1 1QY2 HIS A 5  ? UNP P11588 ? ? 'expression tag'   -7  5  
1 1QY2 HIS A 6  ? UNP P11588 ? ? 'expression tag'   -6  6  
1 1QY2 HIS A 7  ? UNP P11588 ? ? 'expression tag'   -5  7  
1 1QY2 HIS A 8  ? UNP P11588 ? ? 'expression tag'   -4  8  
1 1QY2 HIS A 9  ? UNP P11588 ? ? 'expression tag'   -3  9  
1 1QY2 HIS A 10 ? UNP P11588 ? ? 'expression tag'   -2  10 
1 1QY2 GLY A 11 ? UNP P11588 ? ? 'cloning artifact' -1  11 
1 1QY2 SER A 12 ? UNP P11588 ? ? 'cloning artifact' 0   12 
# 
loop_
_pdbx_struct_assembly.id 
_pdbx_struct_assembly.details 
_pdbx_struct_assembly.method_details 
_pdbx_struct_assembly.oligomeric_details 
_pdbx_struct_assembly.oligomeric_count 
1 author_and_software_defined_assembly PQS  monomeric 1 
2 software_defined_assembly            PISA dimeric   2 
# 
loop_
_pdbx_struct_assembly_prop.biol_id 
_pdbx_struct_assembly_prop.type 
_pdbx_struct_assembly_prop.value 
_pdbx_struct_assembly_prop.details 
2 'ABSA (A^2)' 3370  ? 
2 MORE         -83   ? 
2 'SSA (A^2)'  15430 ? 
# 
loop_
_pdbx_struct_assembly_gen.assembly_id 
_pdbx_struct_assembly_gen.oper_expression 
_pdbx_struct_assembly_gen.asym_id_list 
1 1   A,B,C,D,E,F,G,H 
2 1,2 A,B,C,D,E,F,G,H 
# 
loop_
_pdbx_struct_oper_list.id 
_pdbx_struct_oper_list.type 
_pdbx_struct_oper_list.name 
_pdbx_struct_oper_list.symmetry_operation 
_pdbx_struct_oper_list.matrix[1][1] 
_pdbx_struct_oper_list.matrix[1][2] 
_pdbx_struct_oper_list.matrix[1][3] 
_pdbx_struct_oper_list.vector[1] 
_pdbx_struct_oper_list.matrix[2][1] 
_pdbx_struct_oper_list.matrix[2][2] 
_pdbx_struct_oper_list.matrix[2][3] 
_pdbx_struct_oper_list.vector[2] 
_pdbx_struct_oper_list.matrix[3][1] 
_pdbx_struct_oper_list.matrix[3][2] 
_pdbx_struct_oper_list.matrix[3][3] 
_pdbx_struct_oper_list.vector[3] 
1 'identity operation'         1_555 x,y,z            1.0000000000 0.0000000000  0.0000000000  0.0000000000  0.0000000000  1.0000000000  0.0000000000 0.0000000000   0.0000000000  0.0000000000 1.0000000000  0.0000000000   
2 'crystal symmetry operation' 8_665 -y+1,-x+1,-z+1/2 0.2313047265 -0.9691033142 -0.0856556471 -9.9657951528 -0.9691033142 -0.2372633570 0.0674156199 -10.4315965104 -0.0856556471 0.0674156199 -0.9940413695 -25.2363504140 
# 
_struct_biol.id                    1 
_struct_biol.pdbx_parent_biol_id   ? 
_struct_biol.details               ? 
# 
loop_
_struct_conf.conf_type_id 
_struct_conf.id 
_struct_conf.pdbx_PDB_helix_id 
_struct_conf.beg_label_comp_id 
_struct_conf.beg_label_asym_id 
_struct_conf.beg_label_seq_id 
_struct_conf.pdbx_beg_PDB_ins_code 
_struct_conf.end_label_comp_id 
_struct_conf.end_label_asym_id 
_struct_conf.end_label_seq_id 
_struct_conf.pdbx_end_PDB_ins_code 
_struct_conf.beg_auth_comp_id 
_struct_conf.beg_auth_asym_id 
_struct_conf.beg_auth_seq_id 
_struct_conf.end_auth_comp_id 
_struct_conf.end_auth_asym_id 
_struct_conf.end_auth_seq_id 
_struct_conf.pdbx_PDB_helix_class 
_struct_conf.details 
_struct_conf.pdbx_PDB_helix_length 
HELX_P HELX_P1 1 ASN A 23  ? ASN A 28  ? ASN A 11  ASN A 16  5 ? 6  
HELX_P HELX_P2 2 LYS A 40  ? GLU A 45  ? LYS A 28  GLU A 33  5 ? 6  
HELX_P HELX_P3 3 SER A 139 ? HIS A 153 ? SER A 127 HIS A 141 1 ? 15 
HELX_P HELX_P4 4 LEU A 156 ? GLU A 158 ? LEU A 144 GLU A 146 5 ? 3  
# 
_struct_conf_type.id          HELX_P 
_struct_conf_type.criteria    ? 
_struct_conf_type.reference   ? 
# 
loop_
_struct_conn.id 
_struct_conn.conn_type_id 
_struct_conn.pdbx_leaving_atom_flag 
_struct_conn.pdbx_PDB_id 
_struct_conn.ptnr1_label_asym_id 
_struct_conn.ptnr1_label_comp_id 
_struct_conn.ptnr1_label_seq_id 
_struct_conn.ptnr1_label_atom_id 
_struct_conn.pdbx_ptnr1_label_alt_id 
_struct_conn.pdbx_ptnr1_PDB_ins_code 
_struct_conn.pdbx_ptnr1_standard_comp_id 
_struct_conn.ptnr1_symmetry 
_struct_conn.ptnr2_label_asym_id 
_struct_conn.ptnr2_label_comp_id 
_struct_conn.ptnr2_label_seq_id 
_struct_conn.ptnr2_label_atom_id 
_struct_conn.pdbx_ptnr2_label_alt_id 
_struct_conn.pdbx_ptnr2_PDB_ins_code 
_struct_conn.ptnr1_auth_asym_id 
_struct_conn.ptnr1_auth_comp_id 
_struct_conn.ptnr1_auth_seq_id 
_struct_conn.ptnr2_auth_asym_id 
_struct_conn.ptnr2_auth_comp_id 
_struct_conn.ptnr2_auth_seq_id 
_struct_conn.ptnr2_symmetry 
_struct_conn.pdbx_ptnr3_label_atom_id 
_struct_conn.pdbx_ptnr3_label_seq_id 
_struct_conn.pdbx_ptnr3_label_comp_id 
_struct_conn.pdbx_ptnr3_label_asym_id 
_struct_conn.pdbx_ptnr3_label_alt_id 
_struct_conn.pdbx_ptnr3_PDB_ins_code 
_struct_conn.details 
_struct_conn.pdbx_dist_value 
_struct_conn.pdbx_value_order 
_struct_conn.pdbx_role 
disulf1  disulf ? ? A CYS 76  SG  ? ? ? 1_555 A CYS 169 SG ? ? A CYS 64  A CYS 157 1_555 ? ? ? ? ? ? ? 2.048 ? ? 
metalc1  metalc ? ? A GLU 25  OE1 ? ? ? 1_555 C CD  .   CD ? ? A GLU 13  A CD  201 1_555 ? ? ? ? ? ? ? 2.281 ? ? 
metalc2  metalc ? ? A GLU 25  OE2 ? ? ? 1_555 C CD  .   CD ? ? A GLU 13  A CD  201 1_555 ? ? ? ? ? ? ? 2.626 ? ? 
metalc3  metalc ? ? A GLU 30  OE2 ? ? ? 5_645 B CD  .   CD ? ? A GLU 18  A CD  200 1_555 ? ? ? ? ? ? ? 2.301 ? ? 
metalc4  metalc ? ? A GLU 30  OE1 ? ? ? 5_645 B CD  .   CD ? ? A GLU 18  A CD  200 1_555 ? ? ? ? ? ? ? 2.385 ? ? 
metalc5  metalc ? ? A LYS 88  NZ  ? ? ? 1_555 E NA  .   NA ? ? A LYS 76  A NA  203 1_555 ? ? ? ? ? ? ? 2.975 ? ? 
metalc6  metalc ? ? A HIS 116 ND1 ? ? ? 1_555 D NA  .   NA ? ? A HIS 104 A NA  202 1_555 ? ? ? ? ? ? ? 2.497 ? ? 
metalc7  metalc ? ? A ASP 122 OD2 ? ? ? 8_675 C CD  .   CD ? ? A ASP 110 A CD  201 1_555 ? ? ? ? ? ? ? 2.347 ? ? 
metalc8  metalc ? ? A GLU 151 OE1 ? ? ? 1_555 B CD  .   CD ? ? A GLU 139 A CD  200 1_555 ? ? ? ? ? ? ? 2.308 ? ? 
metalc9  metalc ? ? A GLU 151 OE2 ? ? ? 1_555 B CD  .   CD ? ? A GLU 139 A CD  200 1_555 ? ? ? ? ? ? ? 2.633 ? ? 
metalc10 metalc ? ? A GLU 152 OE2 ? ? ? 8_665 E NA  .   NA ? ? A GLU 140 A NA  203 1_555 ? ? ? ? ? ? ? 2.516 ? ? 
metalc11 metalc ? ? B CD  .   CD  ? ? ? 1_555 H HOH .   O  ? ? A CD  200 A HOH 514 1_555 ? ? ? ? ? ? ? 2.446 ? ? 
metalc12 metalc ? ? B CD  .   CD  ? ? ? 1_555 H HOH .   O  ? ? A CD  200 A HOH 594 5_645 ? ? ? ? ? ? ? 2.593 ? ? 
metalc13 metalc ? ? C CD  .   CD  ? ? ? 1_555 H HOH .   O  ? ? A CD  201 A HOH 417 1_555 ? ? ? ? ? ? ? 2.294 ? ? 
metalc14 metalc ? ? C CD  .   CD  ? ? ? 1_555 H HOH .   O  ? ? A CD  201 A HOH 596 8_675 ? ? ? ? ? ? ? 2.699 ? ? 
metalc15 metalc ? ? D NA  .   NA  ? ? ? 1_555 H HOH .   O  ? ? A NA  202 A HOH 408 8_665 ? ? ? ? ? ? ? 2.387 ? ? 
metalc16 metalc ? ? D NA  .   NA  ? ? ? 1_555 H HOH .   O  ? ? A NA  202 A HOH 429 1_555 ? ? ? ? ? ? ? 2.098 ? ? 
metalc17 metalc ? ? D NA  .   NA  ? ? ? 1_555 H HOH .   O  ? ? A NA  202 A HOH 516 1_555 ? ? ? ? ? ? ? 2.503 ? ? 
metalc18 metalc ? ? D NA  .   NA  ? ? ? 1_555 H HOH .   O  ? ? A NA  202 A HOH 529 1_555 ? ? ? ? ? ? ? 2.347 ? ? 
metalc19 metalc ? ? D NA  .   NA  ? ? ? 1_555 H HOH .   O  ? ? A NA  202 A HOH 579 1_555 ? ? ? ? ? ? ? 2.378 ? ? 
metalc20 metalc ? ? E NA  .   NA  ? ? ? 1_555 H HOH .   O  ? ? A NA  203 A HOH 473 8_665 ? ? ? ? ? ? ? 2.592 ? ? 
metalc21 metalc ? ? E NA  .   NA  ? ? ? 1_555 H HOH .   O  ? ? A NA  203 A HOH 479 1_555 ? ? ? ? ? ? ? 2.322 ? ? 
metalc22 metalc ? ? E NA  .   NA  ? ? ? 1_555 H HOH .   O  ? ? A NA  203 A HOH 536 1_555 ? ? ? ? ? ? ? 2.215 ? ? 
metalc23 metalc ? ? F NA  .   NA  ? ? ? 1_555 H HOH .   O  ? ? A NA  204 A HOH 450 1_555 ? ? ? ? ? ? ? 2.564 ? ? 
metalc24 metalc ? ? F NA  .   NA  ? ? ? 1_555 H HOH .   O  ? ? A NA  204 A HOH 516 1_555 ? ? ? ? ? ? ? 2.428 ? ? 
# 
loop_
_struct_conn_type.id 
_struct_conn_type.criteria 
_struct_conn_type.reference 
disulf ? ? 
metalc ? ? 
# 
loop_
_pdbx_struct_conn_angle.id 
_pdbx_struct_conn_angle.ptnr1_label_atom_id 
_pdbx_struct_conn_angle.ptnr1_label_alt_id 
_pdbx_struct_conn_angle.ptnr1_label_asym_id 
_pdbx_struct_conn_angle.ptnr1_label_comp_id 
_pdbx_struct_conn_angle.ptnr1_label_seq_id 
_pdbx_struct_conn_angle.ptnr1_auth_atom_id 
_pdbx_struct_conn_angle.ptnr1_auth_asym_id 
_pdbx_struct_conn_angle.ptnr1_auth_comp_id 
_pdbx_struct_conn_angle.ptnr1_auth_seq_id 
_pdbx_struct_conn_angle.ptnr1_PDB_ins_code 
_pdbx_struct_conn_angle.ptnr1_symmetry 
_pdbx_struct_conn_angle.ptnr2_label_atom_id 
_pdbx_struct_conn_angle.ptnr2_label_alt_id 
_pdbx_struct_conn_angle.ptnr2_label_asym_id 
_pdbx_struct_conn_angle.ptnr2_label_comp_id 
_pdbx_struct_conn_angle.ptnr2_label_seq_id 
_pdbx_struct_conn_angle.ptnr2_auth_atom_id 
_pdbx_struct_conn_angle.ptnr2_auth_asym_id 
_pdbx_struct_conn_angle.ptnr2_auth_comp_id 
_pdbx_struct_conn_angle.ptnr2_auth_seq_id 
_pdbx_struct_conn_angle.ptnr2_PDB_ins_code 
_pdbx_struct_conn_angle.ptnr2_symmetry 
_pdbx_struct_conn_angle.ptnr3_label_atom_id 
_pdbx_struct_conn_angle.ptnr3_label_alt_id 
_pdbx_struct_conn_angle.ptnr3_label_asym_id 
_pdbx_struct_conn_angle.ptnr3_label_comp_id 
_pdbx_struct_conn_angle.ptnr3_label_seq_id 
_pdbx_struct_conn_angle.ptnr3_auth_atom_id 
_pdbx_struct_conn_angle.ptnr3_auth_asym_id 
_pdbx_struct_conn_angle.ptnr3_auth_comp_id 
_pdbx_struct_conn_angle.ptnr3_auth_seq_id 
_pdbx_struct_conn_angle.ptnr3_PDB_ins_code 
_pdbx_struct_conn_angle.ptnr3_symmetry 
_pdbx_struct_conn_angle.value 
_pdbx_struct_conn_angle.value_esd 
1  OE1 ? A GLU 25  ? A GLU 13  ? 1_555 CD ? C CD . ? A CD 201 ? 1_555 OE2 ? A GLU 25  ? A GLU 13  ? 1_555 53.7  ? 
2  OE1 ? A GLU 25  ? A GLU 13  ? 1_555 CD ? C CD . ? A CD 201 ? 1_555 OD2 ? A ASP 122 ? A ASP 110 ? 8_675 120.0 ? 
3  OE2 ? A GLU 25  ? A GLU 13  ? 1_555 CD ? C CD . ? A CD 201 ? 1_555 OD2 ? A ASP 122 ? A ASP 110 ? 8_675 80.7  ? 
4  OE1 ? A GLU 25  ? A GLU 13  ? 1_555 CD ? C CD . ? A CD 201 ? 1_555 O   ? H HOH .   ? A HOH 417 ? 1_555 84.9  ? 
5  OE2 ? A GLU 25  ? A GLU 13  ? 1_555 CD ? C CD . ? A CD 201 ? 1_555 O   ? H HOH .   ? A HOH 417 ? 1_555 111.5 ? 
6  OD2 ? A ASP 122 ? A ASP 110 ? 8_675 CD ? C CD . ? A CD 201 ? 1_555 O   ? H HOH .   ? A HOH 417 ? 1_555 77.6  ? 
7  OE1 ? A GLU 25  ? A GLU 13  ? 1_555 CD ? C CD . ? A CD 201 ? 1_555 O   ? H HOH .   ? A HOH 596 ? 8_675 95.2  ? 
8  OE2 ? A GLU 25  ? A GLU 13  ? 1_555 CD ? C CD . ? A CD 201 ? 1_555 O   ? H HOH .   ? A HOH 596 ? 8_675 142.0 ? 
9  OD2 ? A ASP 122 ? A ASP 110 ? 8_675 CD ? C CD . ? A CD 201 ? 1_555 O   ? H HOH .   ? A HOH 596 ? 8_675 137.3 ? 
10 O   ? H HOH .   ? A HOH 417 ? 1_555 CD ? C CD . ? A CD 201 ? 1_555 O   ? H HOH .   ? A HOH 596 ? 8_675 82.8  ? 
11 OE2 ? A GLU 30  ? A GLU 18  ? 5_645 CD ? B CD . ? A CD 200 ? 1_555 OE1 ? A GLU 30  ? A GLU 18  ? 5_645 56.3  ? 
12 OE2 ? A GLU 30  ? A GLU 18  ? 5_645 CD ? B CD . ? A CD 200 ? 1_555 OE1 ? A GLU 151 ? A GLU 139 ? 1_555 159.8 ? 
13 OE1 ? A GLU 30  ? A GLU 18  ? 5_645 CD ? B CD . ? A CD 200 ? 1_555 OE1 ? A GLU 151 ? A GLU 139 ? 1_555 143.9 ? 
14 OE2 ? A GLU 30  ? A GLU 18  ? 5_645 CD ? B CD . ? A CD 200 ? 1_555 OE2 ? A GLU 151 ? A GLU 139 ? 1_555 146.4 ? 
15 OE1 ? A GLU 30  ? A GLU 18  ? 5_645 CD ? B CD . ? A CD 200 ? 1_555 OE2 ? A GLU 151 ? A GLU 139 ? 1_555 90.2  ? 
16 OE1 ? A GLU 151 ? A GLU 139 ? 1_555 CD ? B CD . ? A CD 200 ? 1_555 OE2 ? A GLU 151 ? A GLU 139 ? 1_555 53.6  ? 
17 OE2 ? A GLU 30  ? A GLU 18  ? 5_645 CD ? B CD . ? A CD 200 ? 1_555 O   ? H HOH .   ? A HOH 514 ? 1_555 91.1  ? 
18 OE1 ? A GLU 30  ? A GLU 18  ? 5_645 CD ? B CD . ? A CD 200 ? 1_555 O   ? H HOH .   ? A HOH 514 ? 1_555 86.2  ? 
19 OE1 ? A GLU 151 ? A GLU 139 ? 1_555 CD ? B CD . ? A CD 200 ? 1_555 O   ? H HOH .   ? A HOH 514 ? 1_555 89.3  ? 
20 OE2 ? A GLU 151 ? A GLU 139 ? 1_555 CD ? B CD . ? A CD 200 ? 1_555 O   ? H HOH .   ? A HOH 514 ? 1_555 82.9  ? 
21 OE2 ? A GLU 30  ? A GLU 18  ? 5_645 CD ? B CD . ? A CD 200 ? 1_555 O   ? H HOH .   ? A HOH 594 ? 5_645 94.5  ? 
22 OE1 ? A GLU 30  ? A GLU 18  ? 5_645 CD ? B CD . ? A CD 200 ? 1_555 O   ? H HOH .   ? A HOH 594 ? 5_645 83.2  ? 
23 OE1 ? A GLU 151 ? A GLU 139 ? 1_555 CD ? B CD . ? A CD 200 ? 1_555 O   ? H HOH .   ? A HOH 594 ? 5_645 91.0  ? 
24 OE2 ? A GLU 151 ? A GLU 139 ? 1_555 CD ? B CD . ? A CD 200 ? 1_555 O   ? H HOH .   ? A HOH 594 ? 5_645 83.3  ? 
25 O   ? H HOH .   ? A HOH 514 ? 1_555 CD ? B CD . ? A CD 200 ? 1_555 O   ? H HOH .   ? A HOH 594 ? 5_645 162.5 ? 
26 NZ  ? A LYS 88  ? A LYS 76  ? 1_555 NA ? E NA . ? A NA 203 ? 1_555 OE2 ? A GLU 152 ? A GLU 140 ? 8_665 109.3 ? 
27 NZ  ? A LYS 88  ? A LYS 76  ? 1_555 NA ? E NA . ? A NA 203 ? 1_555 O   ? H HOH .   ? A HOH 473 ? 8_665 142.2 ? 
28 OE2 ? A GLU 152 ? A GLU 140 ? 8_665 NA ? E NA . ? A NA 203 ? 1_555 O   ? H HOH .   ? A HOH 473 ? 8_665 108.2 ? 
29 NZ  ? A LYS 88  ? A LYS 76  ? 1_555 NA ? E NA . ? A NA 203 ? 1_555 O   ? H HOH .   ? A HOH 479 ? 1_555 101.0 ? 
30 OE2 ? A GLU 152 ? A GLU 140 ? 8_665 NA ? E NA . ? A NA 203 ? 1_555 O   ? H HOH .   ? A HOH 479 ? 1_555 90.8  ? 
31 O   ? H HOH .   ? A HOH 473 ? 8_665 NA ? E NA . ? A NA 203 ? 1_555 O   ? H HOH .   ? A HOH 479 ? 1_555 74.1  ? 
32 NZ  ? A LYS 88  ? A LYS 76  ? 1_555 NA ? E NA . ? A NA 203 ? 1_555 O   ? H HOH .   ? A HOH 536 ? 1_555 63.6  ? 
33 OE2 ? A GLU 152 ? A GLU 140 ? 8_665 NA ? E NA . ? A NA 203 ? 1_555 O   ? H HOH .   ? A HOH 536 ? 1_555 150.4 ? 
34 O   ? H HOH .   ? A HOH 473 ? 8_665 NA ? E NA . ? A NA 203 ? 1_555 O   ? H HOH .   ? A HOH 536 ? 1_555 85.5  ? 
35 O   ? H HOH .   ? A HOH 479 ? 1_555 NA ? E NA . ? A NA 203 ? 1_555 O   ? H HOH .   ? A HOH 536 ? 1_555 118.6 ? 
36 ND1 ? A HIS 116 ? A HIS 104 ? 1_555 NA ? D NA . ? A NA 202 ? 1_555 O   ? H HOH .   ? A HOH 408 ? 8_665 103.8 ? 
37 ND1 ? A HIS 116 ? A HIS 104 ? 1_555 NA ? D NA . ? A NA 202 ? 1_555 O   ? H HOH .   ? A HOH 429 ? 1_555 73.7  ? 
38 O   ? H HOH .   ? A HOH 408 ? 8_665 NA ? D NA . ? A NA 202 ? 1_555 O   ? H HOH .   ? A HOH 429 ? 1_555 155.5 ? 
39 ND1 ? A HIS 116 ? A HIS 104 ? 1_555 NA ? D NA . ? A NA 202 ? 1_555 O   ? H HOH .   ? A HOH 516 ? 1_555 101.2 ? 
40 O   ? H HOH .   ? A HOH 408 ? 8_665 NA ? D NA . ? A NA 202 ? 1_555 O   ? H HOH .   ? A HOH 516 ? 1_555 95.7  ? 
41 O   ? H HOH .   ? A HOH 429 ? 1_555 NA ? D NA . ? A NA 202 ? 1_555 O   ? H HOH .   ? A HOH 516 ? 1_555 108.7 ? 
42 ND1 ? A HIS 116 ? A HIS 104 ? 1_555 NA ? D NA . ? A NA 202 ? 1_555 O   ? H HOH .   ? A HOH 529 ? 1_555 143.3 ? 
43 O   ? H HOH .   ? A HOH 408 ? 8_665 NA ? D NA . ? A NA 202 ? 1_555 O   ? H HOH .   ? A HOH 529 ? 1_555 93.9  ? 
44 O   ? H HOH .   ? A HOH 429 ? 1_555 NA ? D NA . ? A NA 202 ? 1_555 O   ? H HOH .   ? A HOH 529 ? 1_555 76.9  ? 
45 O   ? H HOH .   ? A HOH 516 ? 1_555 NA ? D NA . ? A NA 202 ? 1_555 O   ? H HOH .   ? A HOH 529 ? 1_555 108.8 ? 
46 ND1 ? A HIS 116 ? A HIS 104 ? 1_555 NA ? D NA . ? A NA 202 ? 1_555 O   ? H HOH .   ? A HOH 579 ? 1_555 80.8  ? 
47 O   ? H HOH .   ? A HOH 408 ? 8_665 NA ? D NA . ? A NA 202 ? 1_555 O   ? H HOH .   ? A HOH 579 ? 1_555 90.5  ? 
48 O   ? H HOH .   ? A HOH 429 ? 1_555 NA ? D NA . ? A NA 202 ? 1_555 O   ? H HOH .   ? A HOH 579 ? 1_555 65.0  ? 
49 O   ? H HOH .   ? A HOH 516 ? 1_555 NA ? D NA . ? A NA 202 ? 1_555 O   ? H HOH .   ? A HOH 579 ? 1_555 172.8 ? 
50 O   ? H HOH .   ? A HOH 529 ? 1_555 NA ? D NA . ? A NA 202 ? 1_555 O   ? H HOH .   ? A HOH 579 ? 1_555 67.0  ? 
51 O   ? H HOH .   ? A HOH 450 ? 1_555 NA ? F NA . ? A NA 204 ? 1_555 O   ? H HOH .   ? A HOH 516 ? 1_555 88.6  ? 
# 
_pdbx_modification_feature.ordinal                            1 
_pdbx_modification_feature.label_comp_id                      CYS 
_pdbx_modification_feature.label_asym_id                      A 
_pdbx_modification_feature.label_seq_id                       76 
_pdbx_modification_feature.label_alt_id                       ? 
_pdbx_modification_feature.modified_residue_label_comp_id     CYS 
_pdbx_modification_feature.modified_residue_label_asym_id     A 
_pdbx_modification_feature.modified_residue_label_seq_id      169 
_pdbx_modification_feature.modified_residue_label_alt_id      ? 
_pdbx_modification_feature.auth_comp_id                       CYS 
_pdbx_modification_feature.auth_asym_id                       A 
_pdbx_modification_feature.auth_seq_id                        64 
_pdbx_modification_feature.PDB_ins_code                       ? 
_pdbx_modification_feature.symmetry                           1_555 
_pdbx_modification_feature.modified_residue_auth_comp_id      CYS 
_pdbx_modification_feature.modified_residue_auth_asym_id      A 
_pdbx_modification_feature.modified_residue_auth_seq_id       157 
_pdbx_modification_feature.modified_residue_PDB_ins_code      ? 
_pdbx_modification_feature.modified_residue_symmetry          1_555 
_pdbx_modification_feature.comp_id_linking_atom               SG 
_pdbx_modification_feature.modified_residue_id_linking_atom   SG 
_pdbx_modification_feature.modified_residue_id                . 
_pdbx_modification_feature.ref_pcm_id                         . 
_pdbx_modification_feature.ref_comp_id                        . 
_pdbx_modification_feature.type                               None 
_pdbx_modification_feature.category                           'Disulfide bridge' 
# 
_struct_sheet.id               A 
_struct_sheet.type             ? 
_struct_sheet.number_strands   10 
_struct_sheet.details          ? 
# 
loop_
_struct_sheet_order.sheet_id 
_struct_sheet_order.range_id_1 
_struct_sheet_order.range_id_2 
_struct_sheet_order.offset 
_struct_sheet_order.sense 
A 1 2  ? anti-parallel 
A 2 3  ? anti-parallel 
A 3 4  ? anti-parallel 
A 4 5  ? anti-parallel 
A 5 6  ? anti-parallel 
A 6 7  ? anti-parallel 
A 7 8  ? anti-parallel 
A 8 9  ? anti-parallel 
A 9 10 ? anti-parallel 
# 
loop_
_struct_sheet_range.sheet_id 
_struct_sheet_range.id 
_struct_sheet_range.beg_label_comp_id 
_struct_sheet_range.beg_label_asym_id 
_struct_sheet_range.beg_label_seq_id 
_struct_sheet_range.pdbx_beg_PDB_ins_code 
_struct_sheet_range.end_label_comp_id 
_struct_sheet_range.end_label_asym_id 
_struct_sheet_range.end_label_seq_id 
_struct_sheet_range.pdbx_end_PDB_ins_code 
_struct_sheet_range.beg_auth_comp_id 
_struct_sheet_range.beg_auth_asym_id 
_struct_sheet_range.beg_auth_seq_id 
_struct_sheet_range.end_auth_comp_id 
_struct_sheet_range.end_auth_asym_id 
_struct_sheet_range.end_auth_seq_id 
A 1  GLY A 29  ? GLU A 30  ? GLY A 17  GLU A 18  
A 2  PHE A 53  ? VAL A 59  ? PHE A 41  VAL A 47  
A 3  SER A 63  ? ARG A 72  ? SER A 51  ARG A 60  
A 4  GLU A 75  ? LYS A 85  ? GLU A 63  LYS A 73  
A 5  TYR A 92  ? THR A 95  ? TYR A 80  THR A 83  
A 6  PHE A 99  ? THR A 107 ? PHE A 87  THR A 95  
A 7  PHE A 112 ? LYS A 121 ? PHE A 100 LYS A 109 
A 8  GLU A 124 ? GLY A 133 ? GLU A 112 GLY A 121 
A 9  HIS A 32  ? SER A 38  ? HIS A 20  SER A 26  
A 10 ILE A 160 ? ASP A 162 ? ILE A 148 ASP A 150 
# 
loop_
_pdbx_struct_sheet_hbond.sheet_id 
_pdbx_struct_sheet_hbond.range_id_1 
_pdbx_struct_sheet_hbond.range_id_2 
_pdbx_struct_sheet_hbond.range_1_label_atom_id 
_pdbx_struct_sheet_hbond.range_1_label_comp_id 
_pdbx_struct_sheet_hbond.range_1_label_asym_id 
_pdbx_struct_sheet_hbond.range_1_label_seq_id 
_pdbx_struct_sheet_hbond.range_1_PDB_ins_code 
_pdbx_struct_sheet_hbond.range_1_auth_atom_id 
_pdbx_struct_sheet_hbond.range_1_auth_comp_id 
_pdbx_struct_sheet_hbond.range_1_auth_asym_id 
_pdbx_struct_sheet_hbond.range_1_auth_seq_id 
_pdbx_struct_sheet_hbond.range_2_label_atom_id 
_pdbx_struct_sheet_hbond.range_2_label_comp_id 
_pdbx_struct_sheet_hbond.range_2_label_asym_id 
_pdbx_struct_sheet_hbond.range_2_label_seq_id 
_pdbx_struct_sheet_hbond.range_2_PDB_ins_code 
_pdbx_struct_sheet_hbond.range_2_auth_atom_id 
_pdbx_struct_sheet_hbond.range_2_auth_comp_id 
_pdbx_struct_sheet_hbond.range_2_auth_asym_id 
_pdbx_struct_sheet_hbond.range_2_auth_seq_id 
A 1 2  N GLY A 29  ? N GLY A 17  O ILE A 57  ? O ILE A 45  
A 2 3  N HIS A 58  ? N HIS A 46  O VAL A 65  ? O VAL A 53  
A 3 4  N PHE A 68  ? N PHE A 56  O LEU A 79  ? O LEU A 67  
A 4 5  N ASP A 84  ? N ASP A 72  O SER A 93  ? O SER A 81  
A 5 6  N TYR A 92  ? N TYR A 80  O PHE A 102 ? O PHE A 90  
A 6 7  N PHE A 99  ? N PHE A 87  O GLU A 120 ? O GLU A 108 
A 7 8  N LEU A 117 ? N LEU A 105 O LEU A 128 ? O LEU A 116 
A 8 9  O LEU A 131 ? O LEU A 119 N ILE A 35  ? N ILE A 23  
A 9 10 N LEU A 36  ? N LEU A 24  O ILE A 161 ? O ILE A 149 
# 
loop_
_struct_site.id 
_struct_site.pdbx_evidence_code 
_struct_site.pdbx_auth_asym_id 
_struct_site.pdbx_auth_comp_id 
_struct_site.pdbx_auth_seq_id 
_struct_site.pdbx_auth_ins_code 
_struct_site.pdbx_num_residues 
_struct_site.details 
AC1 Software A CD  200 ? 4 'BINDING SITE FOR RESIDUE CD A 200'  
AC2 Software A CD  201 ? 4 'BINDING SITE FOR RESIDUE CD A 201'  
AC3 Software A NA  202 ? 8 'BINDING SITE FOR RESIDUE NA A 202'  
AC4 Software A NA  203 ? 5 'BINDING SITE FOR RESIDUE NA A 203'  
AC5 Software A NA  204 ? 5 'BINDING SITE FOR RESIDUE NA A 204'  
AC6 Software A IPZ 300 ? 4 'BINDING SITE FOR RESIDUE IPZ A 300' 
# 
loop_
_struct_site_gen.id 
_struct_site_gen.site_id 
_struct_site_gen.pdbx_num_res 
_struct_site_gen.label_comp_id 
_struct_site_gen.label_asym_id 
_struct_site_gen.label_seq_id 
_struct_site_gen.pdbx_auth_ins_code 
_struct_site_gen.auth_comp_id 
_struct_site_gen.auth_asym_id 
_struct_site_gen.auth_seq_id 
_struct_site_gen.label_atom_id 
_struct_site_gen.label_alt_id 
_struct_site_gen.symmetry 
_struct_site_gen.details 
1  AC1 4 GLU A 30  ? GLU A 18  . ? 5_645 ? 
2  AC1 4 GLU A 151 ? GLU A 139 . ? 1_555 ? 
3  AC1 4 HOH H .   ? HOH A 514 . ? 1_555 ? 
4  AC1 4 HOH H .   ? HOH A 594 . ? 5_645 ? 
5  AC2 4 GLU A 25  ? GLU A 13  . ? 1_555 ? 
6  AC2 4 ASP A 122 ? ASP A 110 . ? 8_675 ? 
7  AC2 4 HOH H .   ? HOH A 417 . ? 1_555 ? 
8  AC2 4 HOH H .   ? HOH A 596 . ? 8_675 ? 
9  AC3 8 THR A 103 ? THR A 91  . ? 1_555 ? 
10 AC3 8 HIS A 116 ? HIS A 104 . ? 1_555 ? 
11 AC3 8 NA  F .   ? NA  A 204 . ? 1_555 ? 
12 AC3 8 HOH H .   ? HOH A 408 . ? 8_665 ? 
13 AC3 8 HOH H .   ? HOH A 429 . ? 1_555 ? 
14 AC3 8 HOH H .   ? HOH A 516 . ? 1_555 ? 
15 AC3 8 HOH H .   ? HOH A 529 . ? 1_555 ? 
16 AC3 8 HOH H .   ? HOH A 579 . ? 1_555 ? 
17 AC4 5 LYS A 88  ? LYS A 76  . ? 1_555 ? 
18 AC4 5 GLU A 152 ? GLU A 140 . ? 8_665 ? 
19 AC4 5 HOH H .   ? HOH A 473 . ? 8_665 ? 
20 AC4 5 HOH H .   ? HOH A 479 . ? 1_555 ? 
21 AC4 5 HOH H .   ? HOH A 536 . ? 1_555 ? 
22 AC5 5 HIS A 153 ? HIS A 141 . ? 1_555 ? 
23 AC5 5 NA  D .   ? NA  A 202 . ? 1_555 ? 
24 AC5 5 HOH H .   ? HOH A 408 . ? 8_665 ? 
25 AC5 5 HOH H .   ? HOH A 450 . ? 1_555 ? 
26 AC5 5 HOH H .   ? HOH A 516 . ? 1_555 ? 
27 AC6 4 PHE A 50  ? PHE A 38  . ? 1_555 ? 
28 AC6 4 LEU A 52  ? LEU A 40  . ? 1_555 ? 
29 AC6 4 LEU A 117 ? LEU A 105 . ? 1_555 ? 
30 AC6 4 TYR A 132 ? TYR A 120 . ? 1_555 ? 
# 
_pdbx_entry_details.entry_id                   1QY2 
_pdbx_entry_details.compound_details           ? 
_pdbx_entry_details.source_details             ? 
_pdbx_entry_details.nonpolymer_details         ? 
_pdbx_entry_details.sequence_details           ? 
_pdbx_entry_details.has_ligand_of_interest     ? 
_pdbx_entry_details.has_protein_modification   Y 
# 
_pdbx_validate_symm_contact.id                1 
_pdbx_validate_symm_contact.PDB_model_num     1 
_pdbx_validate_symm_contact.auth_atom_id_1    O 
_pdbx_validate_symm_contact.auth_asym_id_1    A 
_pdbx_validate_symm_contact.auth_comp_id_1    HOH 
_pdbx_validate_symm_contact.auth_seq_id_1     554 
_pdbx_validate_symm_contact.PDB_ins_code_1    ? 
_pdbx_validate_symm_contact.label_alt_id_1    ? 
_pdbx_validate_symm_contact.site_symmetry_1   1_555 
_pdbx_validate_symm_contact.auth_atom_id_2    O 
_pdbx_validate_symm_contact.auth_asym_id_2    A 
_pdbx_validate_symm_contact.auth_comp_id_2    HOH 
_pdbx_validate_symm_contact.auth_seq_id_2     608 
_pdbx_validate_symm_contact.PDB_ins_code_2    ? 
_pdbx_validate_symm_contact.label_alt_id_2    ? 
_pdbx_validate_symm_contact.site_symmetry_2   8_665 
_pdbx_validate_symm_contact.dist              2.16 
# 
loop_
_pdbx_validate_torsion.id 
_pdbx_validate_torsion.PDB_model_num 
_pdbx_validate_torsion.auth_comp_id 
_pdbx_validate_torsion.auth_asym_id 
_pdbx_validate_torsion.auth_seq_id 
_pdbx_validate_torsion.PDB_ins_code 
_pdbx_validate_torsion.label_alt_id 
_pdbx_validate_torsion.phi 
_pdbx_validate_torsion.psi 
1 1 ASP A 34  ? ? -28.90  -57.12  
2 1 THR A 74  ? ? -104.52 -169.23 
3 1 TYR A 84  ? ? -168.52 114.76  
4 1 TYR A 97  ? ? 67.98   -45.14  
5 1 ASN A 99  ? ? -124.65 -57.39  
6 1 ALA A 154 ? ? -153.10 30.35   
# 
loop_
_pdbx_struct_special_symmetry.id 
_pdbx_struct_special_symmetry.PDB_model_num 
_pdbx_struct_special_symmetry.auth_asym_id 
_pdbx_struct_special_symmetry.auth_comp_id 
_pdbx_struct_special_symmetry.auth_seq_id 
_pdbx_struct_special_symmetry.PDB_ins_code 
_pdbx_struct_special_symmetry.label_asym_id 
_pdbx_struct_special_symmetry.label_comp_id 
_pdbx_struct_special_symmetry.label_seq_id 
1 1 A HOH 607 ? H HOH . 
2 1 A HOH 610 ? H HOH . 
# 
loop_
_pdbx_unobs_or_zero_occ_residues.id 
_pdbx_unobs_or_zero_occ_residues.PDB_model_num 
_pdbx_unobs_or_zero_occ_residues.polymer_flag 
_pdbx_unobs_or_zero_occ_residues.occupancy_flag 
_pdbx_unobs_or_zero_occ_residues.auth_asym_id 
_pdbx_unobs_or_zero_occ_residues.auth_comp_id 
_pdbx_unobs_or_zero_occ_residues.auth_seq_id 
_pdbx_unobs_or_zero_occ_residues.PDB_ins_code 
_pdbx_unobs_or_zero_occ_residues.label_asym_id 
_pdbx_unobs_or_zero_occ_residues.label_comp_id 
_pdbx_unobs_or_zero_occ_residues.label_seq_id 
1  1 Y 1 A MET -11 ? A MET 1   
2  1 Y 1 A ARG -10 ? A ARG 2   
3  1 Y 1 A GLY -9  ? A GLY 3   
4  1 Y 1 A SER -8  ? A SER 4   
5  1 Y 1 A HIS -7  ? A HIS 5   
6  1 Y 1 A HIS -6  ? A HIS 6   
7  1 Y 1 A HIS -5  ? A HIS 7   
8  1 Y 1 A HIS -4  ? A HIS 8   
9  1 Y 1 A HIS -3  ? A HIS 9   
10 1 Y 1 A HIS -2  ? A HIS 10  
11 1 Y 1 A GLY -1  ? A GLY 11  
12 1 Y 1 A SER 0   ? A SER 12  
13 1 Y 1 A LEU 158 ? A LEU 170 
14 1 Y 1 A GLN 159 ? A GLN 171 
15 1 Y 1 A ALA 160 ? A ALA 172 
16 1 Y 1 A ARG 161 ? A ARG 173 
17 1 Y 1 A GLU 162 ? A GLU 174 
# 
loop_
_chem_comp_atom.comp_id 
_chem_comp_atom.atom_id 
_chem_comp_atom.type_symbol 
_chem_comp_atom.pdbx_aromatic_flag 
_chem_comp_atom.pdbx_stereo_config 
_chem_comp_atom.pdbx_ordinal 
ALA N    N  N N 1   
ALA CA   C  N S 2   
ALA C    C  N N 3   
ALA O    O  N N 4   
ALA CB   C  N N 5   
ALA OXT  O  N N 6   
ALA H    H  N N 7   
ALA H2   H  N N 8   
ALA HA   H  N N 9   
ALA HB1  H  N N 10  
ALA HB2  H  N N 11  
ALA HB3  H  N N 12  
ALA HXT  H  N N 13  
ARG N    N  N N 14  
ARG CA   C  N S 15  
ARG C    C  N N 16  
ARG O    O  N N 17  
ARG CB   C  N N 18  
ARG CG   C  N N 19  
ARG CD   C  N N 20  
ARG NE   N  N N 21  
ARG CZ   C  N N 22  
ARG NH1  N  N N 23  
ARG NH2  N  N N 24  
ARG OXT  O  N N 25  
ARG H    H  N N 26  
ARG H2   H  N N 27  
ARG HA   H  N N 28  
ARG HB2  H  N N 29  
ARG HB3  H  N N 30  
ARG HG2  H  N N 31  
ARG HG3  H  N N 32  
ARG HD2  H  N N 33  
ARG HD3  H  N N 34  
ARG HE   H  N N 35  
ARG HH11 H  N N 36  
ARG HH12 H  N N 37  
ARG HH21 H  N N 38  
ARG HH22 H  N N 39  
ARG HXT  H  N N 40  
ASN N    N  N N 41  
ASN CA   C  N S 42  
ASN C    C  N N 43  
ASN O    O  N N 44  
ASN CB   C  N N 45  
ASN CG   C  N N 46  
ASN OD1  O  N N 47  
ASN ND2  N  N N 48  
ASN OXT  O  N N 49  
ASN H    H  N N 50  
ASN H2   H  N N 51  
ASN HA   H  N N 52  
ASN HB2  H  N N 53  
ASN HB3  H  N N 54  
ASN HD21 H  N N 55  
ASN HD22 H  N N 56  
ASN HXT  H  N N 57  
ASP N    N  N N 58  
ASP CA   C  N S 59  
ASP C    C  N N 60  
ASP O    O  N N 61  
ASP CB   C  N N 62  
ASP CG   C  N N 63  
ASP OD1  O  N N 64  
ASP OD2  O  N N 65  
ASP OXT  O  N N 66  
ASP H    H  N N 67  
ASP H2   H  N N 68  
ASP HA   H  N N 69  
ASP HB2  H  N N 70  
ASP HB3  H  N N 71  
ASP HD2  H  N N 72  
ASP HXT  H  N N 73  
CD  CD   CD N N 74  
CYS N    N  N N 75  
CYS CA   C  N R 76  
CYS C    C  N N 77  
CYS O    O  N N 78  
CYS CB   C  N N 79  
CYS SG   S  N N 80  
CYS OXT  O  N N 81  
CYS H    H  N N 82  
CYS H2   H  N N 83  
CYS HA   H  N N 84  
CYS HB2  H  N N 85  
CYS HB3  H  N N 86  
CYS HG   H  N N 87  
CYS HXT  H  N N 88  
GLN N    N  N N 89  
GLN CA   C  N S 90  
GLN C    C  N N 91  
GLN O    O  N N 92  
GLN CB   C  N N 93  
GLN CG   C  N N 94  
GLN CD   C  N N 95  
GLN OE1  O  N N 96  
GLN NE2  N  N N 97  
GLN OXT  O  N N 98  
GLN H    H  N N 99  
GLN H2   H  N N 100 
GLN HA   H  N N 101 
GLN HB2  H  N N 102 
GLN HB3  H  N N 103 
GLN HG2  H  N N 104 
GLN HG3  H  N N 105 
GLN HE21 H  N N 106 
GLN HE22 H  N N 107 
GLN HXT  H  N N 108 
GLU N    N  N N 109 
GLU CA   C  N S 110 
GLU C    C  N N 111 
GLU O    O  N N 112 
GLU CB   C  N N 113 
GLU CG   C  N N 114 
GLU CD   C  N N 115 
GLU OE1  O  N N 116 
GLU OE2  O  N N 117 
GLU OXT  O  N N 118 
GLU H    H  N N 119 
GLU H2   H  N N 120 
GLU HA   H  N N 121 
GLU HB2  H  N N 122 
GLU HB3  H  N N 123 
GLU HG2  H  N N 124 
GLU HG3  H  N N 125 
GLU HE2  H  N N 126 
GLU HXT  H  N N 127 
GLY N    N  N N 128 
GLY CA   C  N N 129 
GLY C    C  N N 130 
GLY O    O  N N 131 
GLY OXT  O  N N 132 
GLY H    H  N N 133 
GLY H2   H  N N 134 
GLY HA2  H  N N 135 
GLY HA3  H  N N 136 
GLY HXT  H  N N 137 
HIS N    N  N N 138 
HIS CA   C  N S 139 
HIS C    C  N N 140 
HIS O    O  N N 141 
HIS CB   C  N N 142 
HIS CG   C  Y N 143 
HIS ND1  N  Y N 144 
HIS CD2  C  Y N 145 
HIS CE1  C  Y N 146 
HIS NE2  N  Y N 147 
HIS OXT  O  N N 148 
HIS H    H  N N 149 
HIS H2   H  N N 150 
HIS HA   H  N N 151 
HIS HB2  H  N N 152 
HIS HB3  H  N N 153 
HIS HD1  H  N N 154 
HIS HD2  H  N N 155 
HIS HE1  H  N N 156 
HIS HE2  H  N N 157 
HIS HXT  H  N N 158 
HOH O    O  N N 159 
HOH H1   H  N N 160 
HOH H2   H  N N 161 
ILE N    N  N N 162 
ILE CA   C  N S 163 
ILE C    C  N N 164 
ILE O    O  N N 165 
ILE CB   C  N S 166 
ILE CG1  C  N N 167 
ILE CG2  C  N N 168 
ILE CD1  C  N N 169 
ILE OXT  O  N N 170 
ILE H    H  N N 171 
ILE H2   H  N N 172 
ILE HA   H  N N 173 
ILE HB   H  N N 174 
ILE HG12 H  N N 175 
ILE HG13 H  N N 176 
ILE HG21 H  N N 177 
ILE HG22 H  N N 178 
ILE HG23 H  N N 179 
ILE HD11 H  N N 180 
ILE HD12 H  N N 181 
ILE HD13 H  N N 182 
ILE HXT  H  N N 183 
IPZ C9   C  N N 184 
IPZ C8   C  N N 185 
IPZ C10  C  N N 186 
IPZ C2   C  Y N 187 
IPZ N1   N  Y N 188 
IPZ C6   C  Y N 189 
IPZ C5   C  Y N 190 
IPZ N4   N  Y N 191 
IPZ C3   C  Y N 192 
IPZ O7   O  N N 193 
IPZ C11  C  N N 194 
IPZ H91  H  N N 195 
IPZ H92  H  N N 196 
IPZ H93  H  N N 197 
IPZ H8   H  N N 198 
IPZ H101 H  N N 199 
IPZ H102 H  N N 200 
IPZ H103 H  N N 201 
IPZ H6   H  N N 202 
IPZ H5   H  N N 203 
IPZ H111 H  N N 204 
IPZ H112 H  N N 205 
IPZ H113 H  N N 206 
LEU N    N  N N 207 
LEU CA   C  N S 208 
LEU C    C  N N 209 
LEU O    O  N N 210 
LEU CB   C  N N 211 
LEU CG   C  N N 212 
LEU CD1  C  N N 213 
LEU CD2  C  N N 214 
LEU OXT  O  N N 215 
LEU H    H  N N 216 
LEU H2   H  N N 217 
LEU HA   H  N N 218 
LEU HB2  H  N N 219 
LEU HB3  H  N N 220 
LEU HG   H  N N 221 
LEU HD11 H  N N 222 
LEU HD12 H  N N 223 
LEU HD13 H  N N 224 
LEU HD21 H  N N 225 
LEU HD22 H  N N 226 
LEU HD23 H  N N 227 
LEU HXT  H  N N 228 
LYS N    N  N N 229 
LYS CA   C  N S 230 
LYS C    C  N N 231 
LYS O    O  N N 232 
LYS CB   C  N N 233 
LYS CG   C  N N 234 
LYS CD   C  N N 235 
LYS CE   C  N N 236 
LYS NZ   N  N N 237 
LYS OXT  O  N N 238 
LYS H    H  N N 239 
LYS H2   H  N N 240 
LYS HA   H  N N 241 
LYS HB2  H  N N 242 
LYS HB3  H  N N 243 
LYS HG2  H  N N 244 
LYS HG3  H  N N 245 
LYS HD2  H  N N 246 
LYS HD3  H  N N 247 
LYS HE2  H  N N 248 
LYS HE3  H  N N 249 
LYS HZ1  H  N N 250 
LYS HZ2  H  N N 251 
LYS HZ3  H  N N 252 
LYS HXT  H  N N 253 
MET N    N  N N 254 
MET CA   C  N S 255 
MET C    C  N N 256 
MET O    O  N N 257 
MET CB   C  N N 258 
MET CG   C  N N 259 
MET SD   S  N N 260 
MET CE   C  N N 261 
MET OXT  O  N N 262 
MET H    H  N N 263 
MET H2   H  N N 264 
MET HA   H  N N 265 
MET HB2  H  N N 266 
MET HB3  H  N N 267 
MET HG2  H  N N 268 
MET HG3  H  N N 269 
MET HE1  H  N N 270 
MET HE2  H  N N 271 
MET HE3  H  N N 272 
MET HXT  H  N N 273 
NA  NA   NA N N 274 
PHE N    N  N N 275 
PHE CA   C  N S 276 
PHE C    C  N N 277 
PHE O    O  N N 278 
PHE CB   C  N N 279 
PHE CG   C  Y N 280 
PHE CD1  C  Y N 281 
PHE CD2  C  Y N 282 
PHE CE1  C  Y N 283 
PHE CE2  C  Y N 284 
PHE CZ   C  Y N 285 
PHE OXT  O  N N 286 
PHE H    H  N N 287 
PHE H2   H  N N 288 
PHE HA   H  N N 289 
PHE HB2  H  N N 290 
PHE HB3  H  N N 291 
PHE HD1  H  N N 292 
PHE HD2  H  N N 293 
PHE HE1  H  N N 294 
PHE HE2  H  N N 295 
PHE HZ   H  N N 296 
PHE HXT  H  N N 297 
PRO N    N  N N 298 
PRO CA   C  N S 299 
PRO C    C  N N 300 
PRO O    O  N N 301 
PRO CB   C  N N 302 
PRO CG   C  N N 303 
PRO CD   C  N N 304 
PRO OXT  O  N N 305 
PRO H    H  N N 306 
PRO HA   H  N N 307 
PRO HB2  H  N N 308 
PRO HB3  H  N N 309 
PRO HG2  H  N N 310 
PRO HG3  H  N N 311 
PRO HD2  H  N N 312 
PRO HD3  H  N N 313 
PRO HXT  H  N N 314 
SER N    N  N N 315 
SER CA   C  N S 316 
SER C    C  N N 317 
SER O    O  N N 318 
SER CB   C  N N 319 
SER OG   O  N N 320 
SER OXT  O  N N 321 
SER H    H  N N 322 
SER H2   H  N N 323 
SER HA   H  N N 324 
SER HB2  H  N N 325 
SER HB3  H  N N 326 
SER HG   H  N N 327 
SER HXT  H  N N 328 
THR N    N  N N 329 
THR CA   C  N S 330 
THR C    C  N N 331 
THR O    O  N N 332 
THR CB   C  N R 333 
THR OG1  O  N N 334 
THR CG2  C  N N 335 
THR OXT  O  N N 336 
THR H    H  N N 337 
THR H2   H  N N 338 
THR HA   H  N N 339 
THR HB   H  N N 340 
THR HG1  H  N N 341 
THR HG21 H  N N 342 
THR HG22 H  N N 343 
THR HG23 H  N N 344 
THR HXT  H  N N 345 
TRP N    N  N N 346 
TRP CA   C  N S 347 
TRP C    C  N N 348 
TRP O    O  N N 349 
TRP CB   C  N N 350 
TRP CG   C  Y N 351 
TRP CD1  C  Y N 352 
TRP CD2  C  Y N 353 
TRP NE1  N  Y N 354 
TRP CE2  C  Y N 355 
TRP CE3  C  Y N 356 
TRP CZ2  C  Y N 357 
TRP CZ3  C  Y N 358 
TRP CH2  C  Y N 359 
TRP OXT  O  N N 360 
TRP H    H  N N 361 
TRP H2   H  N N 362 
TRP HA   H  N N 363 
TRP HB2  H  N N 364 
TRP HB3  H  N N 365 
TRP HD1  H  N N 366 
TRP HE1  H  N N 367 
TRP HE3  H  N N 368 
TRP HZ2  H  N N 369 
TRP HZ3  H  N N 370 
TRP HH2  H  N N 371 
TRP HXT  H  N N 372 
TYR N    N  N N 373 
TYR CA   C  N S 374 
TYR C    C  N N 375 
TYR O    O  N N 376 
TYR CB   C  N N 377 
TYR CG   C  Y N 378 
TYR CD1  C  Y N 379 
TYR CD2  C  Y N 380 
TYR CE1  C  Y N 381 
TYR CE2  C  Y N 382 
TYR CZ   C  Y N 383 
TYR OH   O  N N 384 
TYR OXT  O  N N 385 
TYR H    H  N N 386 
TYR H2   H  N N 387 
TYR HA   H  N N 388 
TYR HB2  H  N N 389 
TYR HB3  H  N N 390 
TYR HD1  H  N N 391 
TYR HD2  H  N N 392 
TYR HE1  H  N N 393 
TYR HE2  H  N N 394 
TYR HH   H  N N 395 
TYR HXT  H  N N 396 
VAL N    N  N N 397 
VAL CA   C  N S 398 
VAL C    C  N N 399 
VAL O    O  N N 400 
VAL CB   C  N N 401 
VAL CG1  C  N N 402 
VAL CG2  C  N N 403 
VAL OXT  O  N N 404 
VAL H    H  N N 405 
VAL H2   H  N N 406 
VAL HA   H  N N 407 
VAL HB   H  N N 408 
VAL HG11 H  N N 409 
VAL HG12 H  N N 410 
VAL HG13 H  N N 411 
VAL HG21 H  N N 412 
VAL HG22 H  N N 413 
VAL HG23 H  N N 414 
VAL HXT  H  N N 415 
# 
loop_
_chem_comp_bond.comp_id 
_chem_comp_bond.atom_id_1 
_chem_comp_bond.atom_id_2 
_chem_comp_bond.value_order 
_chem_comp_bond.pdbx_aromatic_flag 
_chem_comp_bond.pdbx_stereo_config 
_chem_comp_bond.pdbx_ordinal 
ALA N   CA   sing N N 1   
ALA N   H    sing N N 2   
ALA N   H2   sing N N 3   
ALA CA  C    sing N N 4   
ALA CA  CB   sing N N 5   
ALA CA  HA   sing N N 6   
ALA C   O    doub N N 7   
ALA C   OXT  sing N N 8   
ALA CB  HB1  sing N N 9   
ALA CB  HB2  sing N N 10  
ALA CB  HB3  sing N N 11  
ALA OXT HXT  sing N N 12  
ARG N   CA   sing N N 13  
ARG N   H    sing N N 14  
ARG N   H2   sing N N 15  
ARG CA  C    sing N N 16  
ARG CA  CB   sing N N 17  
ARG CA  HA   sing N N 18  
ARG C   O    doub N N 19  
ARG C   OXT  sing N N 20  
ARG CB  CG   sing N N 21  
ARG CB  HB2  sing N N 22  
ARG CB  HB3  sing N N 23  
ARG CG  CD   sing N N 24  
ARG CG  HG2  sing N N 25  
ARG CG  HG3  sing N N 26  
ARG CD  NE   sing N N 27  
ARG CD  HD2  sing N N 28  
ARG CD  HD3  sing N N 29  
ARG NE  CZ   sing N N 30  
ARG NE  HE   sing N N 31  
ARG CZ  NH1  sing N N 32  
ARG CZ  NH2  doub N N 33  
ARG NH1 HH11 sing N N 34  
ARG NH1 HH12 sing N N 35  
ARG NH2 HH21 sing N N 36  
ARG NH2 HH22 sing N N 37  
ARG OXT HXT  sing N N 38  
ASN N   CA   sing N N 39  
ASN N   H    sing N N 40  
ASN N   H2   sing N N 41  
ASN CA  C    sing N N 42  
ASN CA  CB   sing N N 43  
ASN CA  HA   sing N N 44  
ASN C   O    doub N N 45  
ASN C   OXT  sing N N 46  
ASN CB  CG   sing N N 47  
ASN CB  HB2  sing N N 48  
ASN CB  HB3  sing N N 49  
ASN CG  OD1  doub N N 50  
ASN CG  ND2  sing N N 51  
ASN ND2 HD21 sing N N 52  
ASN ND2 HD22 sing N N 53  
ASN OXT HXT  sing N N 54  
ASP N   CA   sing N N 55  
ASP N   H    sing N N 56  
ASP N   H2   sing N N 57  
ASP CA  C    sing N N 58  
ASP CA  CB   sing N N 59  
ASP CA  HA   sing N N 60  
ASP C   O    doub N N 61  
ASP C   OXT  sing N N 62  
ASP CB  CG   sing N N 63  
ASP CB  HB2  sing N N 64  
ASP CB  HB3  sing N N 65  
ASP CG  OD1  doub N N 66  
ASP CG  OD2  sing N N 67  
ASP OD2 HD2  sing N N 68  
ASP OXT HXT  sing N N 69  
CYS N   CA   sing N N 70  
CYS N   H    sing N N 71  
CYS N   H2   sing N N 72  
CYS CA  C    sing N N 73  
CYS CA  CB   sing N N 74  
CYS CA  HA   sing N N 75  
CYS C   O    doub N N 76  
CYS C   OXT  sing N N 77  
CYS CB  SG   sing N N 78  
CYS CB  HB2  sing N N 79  
CYS CB  HB3  sing N N 80  
CYS SG  HG   sing N N 81  
CYS OXT HXT  sing N N 82  
GLN N   CA   sing N N 83  
GLN N   H    sing N N 84  
GLN N   H2   sing N N 85  
GLN CA  C    sing N N 86  
GLN CA  CB   sing N N 87  
GLN CA  HA   sing N N 88  
GLN C   O    doub N N 89  
GLN C   OXT  sing N N 90  
GLN CB  CG   sing N N 91  
GLN CB  HB2  sing N N 92  
GLN CB  HB3  sing N N 93  
GLN CG  CD   sing N N 94  
GLN CG  HG2  sing N N 95  
GLN CG  HG3  sing N N 96  
GLN CD  OE1  doub N N 97  
GLN CD  NE2  sing N N 98  
GLN NE2 HE21 sing N N 99  
GLN NE2 HE22 sing N N 100 
GLN OXT HXT  sing N N 101 
GLU N   CA   sing N N 102 
GLU N   H    sing N N 103 
GLU N   H2   sing N N 104 
GLU CA  C    sing N N 105 
GLU CA  CB   sing N N 106 
GLU CA  HA   sing N N 107 
GLU C   O    doub N N 108 
GLU C   OXT  sing N N 109 
GLU CB  CG   sing N N 110 
GLU CB  HB2  sing N N 111 
GLU CB  HB3  sing N N 112 
GLU CG  CD   sing N N 113 
GLU CG  HG2  sing N N 114 
GLU CG  HG3  sing N N 115 
GLU CD  OE1  doub N N 116 
GLU CD  OE2  sing N N 117 
GLU OE2 HE2  sing N N 118 
GLU OXT HXT  sing N N 119 
GLY N   CA   sing N N 120 
GLY N   H    sing N N 121 
GLY N   H2   sing N N 122 
GLY CA  C    sing N N 123 
GLY CA  HA2  sing N N 124 
GLY CA  HA3  sing N N 125 
GLY C   O    doub N N 126 
GLY C   OXT  sing N N 127 
GLY OXT HXT  sing N N 128 
HIS N   CA   sing N N 129 
HIS N   H    sing N N 130 
HIS N   H2   sing N N 131 
HIS CA  C    sing N N 132 
HIS CA  CB   sing N N 133 
HIS CA  HA   sing N N 134 
HIS C   O    doub N N 135 
HIS C   OXT  sing N N 136 
HIS CB  CG   sing N N 137 
HIS CB  HB2  sing N N 138 
HIS CB  HB3  sing N N 139 
HIS CG  ND1  sing Y N 140 
HIS CG  CD2  doub Y N 141 
HIS ND1 CE1  doub Y N 142 
HIS ND1 HD1  sing N N 143 
HIS CD2 NE2  sing Y N 144 
HIS CD2 HD2  sing N N 145 
HIS CE1 NE2  sing Y N 146 
HIS CE1 HE1  sing N N 147 
HIS NE2 HE2  sing N N 148 
HIS OXT HXT  sing N N 149 
HOH O   H1   sing N N 150 
HOH O   H2   sing N N 151 
ILE N   CA   sing N N 152 
ILE N   H    sing N N 153 
ILE N   H2   sing N N 154 
ILE CA  C    sing N N 155 
ILE CA  CB   sing N N 156 
ILE CA  HA   sing N N 157 
ILE C   O    doub N N 158 
ILE C   OXT  sing N N 159 
ILE CB  CG1  sing N N 160 
ILE CB  CG2  sing N N 161 
ILE CB  HB   sing N N 162 
ILE CG1 CD1  sing N N 163 
ILE CG1 HG12 sing N N 164 
ILE CG1 HG13 sing N N 165 
ILE CG2 HG21 sing N N 166 
ILE CG2 HG22 sing N N 167 
ILE CG2 HG23 sing N N 168 
ILE CD1 HD11 sing N N 169 
ILE CD1 HD12 sing N N 170 
ILE CD1 HD13 sing N N 171 
ILE OXT HXT  sing N N 172 
IPZ C9  C8   sing N N 173 
IPZ C9  H91  sing N N 174 
IPZ C9  H92  sing N N 175 
IPZ C9  H93  sing N N 176 
IPZ C8  C10  sing N N 177 
IPZ C8  C2   sing N N 178 
IPZ C8  H8   sing N N 179 
IPZ C10 H101 sing N N 180 
IPZ C10 H102 sing N N 181 
IPZ C10 H103 sing N N 182 
IPZ C2  N1   doub Y N 183 
IPZ C2  C3   sing Y N 184 
IPZ N1  C6   sing Y N 185 
IPZ C6  C5   doub Y N 186 
IPZ C6  H6   sing N N 187 
IPZ C5  N4   sing Y N 188 
IPZ C5  H5   sing N N 189 
IPZ N4  C3   doub Y N 190 
IPZ C3  O7   sing N N 191 
IPZ O7  C11  sing N N 192 
IPZ C11 H111 sing N N 193 
IPZ C11 H112 sing N N 194 
IPZ C11 H113 sing N N 195 
LEU N   CA   sing N N 196 
LEU N   H    sing N N 197 
LEU N   H2   sing N N 198 
LEU CA  C    sing N N 199 
LEU CA  CB   sing N N 200 
LEU CA  HA   sing N N 201 
LEU C   O    doub N N 202 
LEU C   OXT  sing N N 203 
LEU CB  CG   sing N N 204 
LEU CB  HB2  sing N N 205 
LEU CB  HB3  sing N N 206 
LEU CG  CD1  sing N N 207 
LEU CG  CD2  sing N N 208 
LEU CG  HG   sing N N 209 
LEU CD1 HD11 sing N N 210 
LEU CD1 HD12 sing N N 211 
LEU CD1 HD13 sing N N 212 
LEU CD2 HD21 sing N N 213 
LEU CD2 HD22 sing N N 214 
LEU CD2 HD23 sing N N 215 
LEU OXT HXT  sing N N 216 
LYS N   CA   sing N N 217 
LYS N   H    sing N N 218 
LYS N   H2   sing N N 219 
LYS CA  C    sing N N 220 
LYS CA  CB   sing N N 221 
LYS CA  HA   sing N N 222 
LYS C   O    doub N N 223 
LYS C   OXT  sing N N 224 
LYS CB  CG   sing N N 225 
LYS CB  HB2  sing N N 226 
LYS CB  HB3  sing N N 227 
LYS CG  CD   sing N N 228 
LYS CG  HG2  sing N N 229 
LYS CG  HG3  sing N N 230 
LYS CD  CE   sing N N 231 
LYS CD  HD2  sing N N 232 
LYS CD  HD3  sing N N 233 
LYS CE  NZ   sing N N 234 
LYS CE  HE2  sing N N 235 
LYS CE  HE3  sing N N 236 
LYS NZ  HZ1  sing N N 237 
LYS NZ  HZ2  sing N N 238 
LYS NZ  HZ3  sing N N 239 
LYS OXT HXT  sing N N 240 
MET N   CA   sing N N 241 
MET N   H    sing N N 242 
MET N   H2   sing N N 243 
MET CA  C    sing N N 244 
MET CA  CB   sing N N 245 
MET CA  HA   sing N N 246 
MET C   O    doub N N 247 
MET C   OXT  sing N N 248 
MET CB  CG   sing N N 249 
MET CB  HB2  sing N N 250 
MET CB  HB3  sing N N 251 
MET CG  SD   sing N N 252 
MET CG  HG2  sing N N 253 
MET CG  HG3  sing N N 254 
MET SD  CE   sing N N 255 
MET CE  HE1  sing N N 256 
MET CE  HE2  sing N N 257 
MET CE  HE3  sing N N 258 
MET OXT HXT  sing N N 259 
PHE N   CA   sing N N 260 
PHE N   H    sing N N 261 
PHE N   H2   sing N N 262 
PHE CA  C    sing N N 263 
PHE CA  CB   sing N N 264 
PHE CA  HA   sing N N 265 
PHE C   O    doub N N 266 
PHE C   OXT  sing N N 267 
PHE CB  CG   sing N N 268 
PHE CB  HB2  sing N N 269 
PHE CB  HB3  sing N N 270 
PHE CG  CD1  doub Y N 271 
PHE CG  CD2  sing Y N 272 
PHE CD1 CE1  sing Y N 273 
PHE CD1 HD1  sing N N 274 
PHE CD2 CE2  doub Y N 275 
PHE CD2 HD2  sing N N 276 
PHE CE1 CZ   doub Y N 277 
PHE CE1 HE1  sing N N 278 
PHE CE2 CZ   sing Y N 279 
PHE CE2 HE2  sing N N 280 
PHE CZ  HZ   sing N N 281 
PHE OXT HXT  sing N N 282 
PRO N   CA   sing N N 283 
PRO N   CD   sing N N 284 
PRO N   H    sing N N 285 
PRO CA  C    sing N N 286 
PRO CA  CB   sing N N 287 
PRO CA  HA   sing N N 288 
PRO C   O    doub N N 289 
PRO C   OXT  sing N N 290 
PRO CB  CG   sing N N 291 
PRO CB  HB2  sing N N 292 
PRO CB  HB3  sing N N 293 
PRO CG  CD   sing N N 294 
PRO CG  HG2  sing N N 295 
PRO CG  HG3  sing N N 296 
PRO CD  HD2  sing N N 297 
PRO CD  HD3  sing N N 298 
PRO OXT HXT  sing N N 299 
SER N   CA   sing N N 300 
SER N   H    sing N N 301 
SER N   H2   sing N N 302 
SER CA  C    sing N N 303 
SER CA  CB   sing N N 304 
SER CA  HA   sing N N 305 
SER C   O    doub N N 306 
SER C   OXT  sing N N 307 
SER CB  OG   sing N N 308 
SER CB  HB2  sing N N 309 
SER CB  HB3  sing N N 310 
SER OG  HG   sing N N 311 
SER OXT HXT  sing N N 312 
THR N   CA   sing N N 313 
THR N   H    sing N N 314 
THR N   H2   sing N N 315 
THR CA  C    sing N N 316 
THR CA  CB   sing N N 317 
THR CA  HA   sing N N 318 
THR C   O    doub N N 319 
THR C   OXT  sing N N 320 
THR CB  OG1  sing N N 321 
THR CB  CG2  sing N N 322 
THR CB  HB   sing N N 323 
THR OG1 HG1  sing N N 324 
THR CG2 HG21 sing N N 325 
THR CG2 HG22 sing N N 326 
THR CG2 HG23 sing N N 327 
THR OXT HXT  sing N N 328 
TRP N   CA   sing N N 329 
TRP N   H    sing N N 330 
TRP N   H2   sing N N 331 
TRP CA  C    sing N N 332 
TRP CA  CB   sing N N 333 
TRP CA  HA   sing N N 334 
TRP C   O    doub N N 335 
TRP C   OXT  sing N N 336 
TRP CB  CG   sing N N 337 
TRP CB  HB2  sing N N 338 
TRP CB  HB3  sing N N 339 
TRP CG  CD1  doub Y N 340 
TRP CG  CD2  sing Y N 341 
TRP CD1 NE1  sing Y N 342 
TRP CD1 HD1  sing N N 343 
TRP CD2 CE2  doub Y N 344 
TRP CD2 CE3  sing Y N 345 
TRP NE1 CE2  sing Y N 346 
TRP NE1 HE1  sing N N 347 
TRP CE2 CZ2  sing Y N 348 
TRP CE3 CZ3  doub Y N 349 
TRP CE3 HE3  sing N N 350 
TRP CZ2 CH2  doub Y N 351 
TRP CZ2 HZ2  sing N N 352 
TRP CZ3 CH2  sing Y N 353 
TRP CZ3 HZ3  sing N N 354 
TRP CH2 HH2  sing N N 355 
TRP OXT HXT  sing N N 356 
TYR N   CA   sing N N 357 
TYR N   H    sing N N 358 
TYR N   H2   sing N N 359 
TYR CA  C    sing N N 360 
TYR CA  CB   sing N N 361 
TYR CA  HA   sing N N 362 
TYR C   O    doub N N 363 
TYR C   OXT  sing N N 364 
TYR CB  CG   sing N N 365 
TYR CB  HB2  sing N N 366 
TYR CB  HB3  sing N N 367 
TYR CG  CD1  doub Y N 368 
TYR CG  CD2  sing Y N 369 
TYR CD1 CE1  sing Y N 370 
TYR CD1 HD1  sing N N 371 
TYR CD2 CE2  doub Y N 372 
TYR CD2 HD2  sing N N 373 
TYR CE1 CZ   doub Y N 374 
TYR CE1 HE1  sing N N 375 
TYR CE2 CZ   sing Y N 376 
TYR CE2 HE2  sing N N 377 
TYR CZ  OH   sing N N 378 
TYR OH  HH   sing N N 379 
TYR OXT HXT  sing N N 380 
VAL N   CA   sing N N 381 
VAL N   H    sing N N 382 
VAL N   H2   sing N N 383 
VAL CA  C    sing N N 384 
VAL CA  CB   sing N N 385 
VAL CA  HA   sing N N 386 
VAL C   O    doub N N 387 
VAL C   OXT  sing N N 388 
VAL CB  CG1  sing N N 389 
VAL CB  CG2  sing N N 390 
VAL CB  HB   sing N N 391 
VAL CG1 HG11 sing N N 392 
VAL CG1 HG12 sing N N 393 
VAL CG1 HG13 sing N N 394 
VAL CG2 HG21 sing N N 395 
VAL CG2 HG22 sing N N 396 
VAL CG2 HG23 sing N N 397 
VAL OXT HXT  sing N N 398 
# 
_atom_sites.entry_id                    1QY2 
_atom_sites.fract_transf_matrix[1][1]   -0.01079313 
_atom_sites.fract_transf_matrix[1][2]   0.00656178 
_atom_sites.fract_transf_matrix[1][3]   0.01389747 
_atom_sites.fract_transf_matrix[2][1]   0.01004594 
_atom_sites.fract_transf_matrix[2][2]   -0.00983970 
_atom_sites.fract_transf_matrix[2][3]   0.01244781 
_atom_sites.fract_transf_matrix[3][1]   0.00449750 
_atom_sites.fract_transf_matrix[3][2]   0.00564103 
_atom_sites.fract_transf_matrix[3][3]   0.00082942 
_atom_sites.fract_transf_vector[1]      0.878304 
_atom_sites.fract_transf_vector[2]      0.433303 
_atom_sites.fract_transf_vector[3]      0.312299 
# 
loop_
_atom_type.symbol 
C  
CD 
N  
NA 
O  
S  
# 
loop_
_atom_site.group_PDB 
_atom_site.id 
_atom_site.type_symbol 
_atom_site.label_atom_id 
_atom_site.label_alt_id 
_atom_site.label_comp_id 
_atom_site.label_asym_id 
_atom_site.label_entity_id 
_atom_site.label_seq_id 
_atom_site.pdbx_PDB_ins_code 
_atom_site.Cartn_x 
_atom_site.Cartn_y 
_atom_site.Cartn_z 
_atom_site.occupancy 
_atom_site.B_iso_or_equiv 
_atom_site.pdbx_formal_charge 
_atom_site.auth_seq_id 
_atom_site.auth_comp_id 
_atom_site.auth_asym_id 
_atom_site.auth_atom_id 
_atom_site.pdbx_PDB_model_num 
ATOM   1    N  N   . GLU A 1 13  ? 17.978  -5.044  -8.050  1.00 49.97 ? 1   GLU A N   1 
ATOM   2    C  CA  . GLU A 1 13  ? 17.073  -6.150  -8.515  1.00 57.04 ? 1   GLU A CA  1 
ATOM   3    C  C   . GLU A 1 13  ? 15.643  -5.892  -8.008  1.00 51.75 ? 1   GLU A C   1 
ATOM   4    O  O   . GLU A 1 13  ? 15.438  -5.375  -6.901  1.00 48.77 ? 1   GLU A O   1 
ATOM   5    C  CB  . GLU A 1 13  ? 17.581  -7.532  -8.035  1.00 63.15 ? 1   GLU A CB  1 
ATOM   6    C  CG  . GLU A 1 13  ? 17.555  -7.764  -6.511  1.00 79.48 ? 1   GLU A CG  1 
ATOM   7    C  CD  . GLU A 1 13  ? 18.625  -6.974  -5.728  1.00 92.23 ? 1   GLU A CD  1 
ATOM   8    O  OE1 . GLU A 1 13  ? 18.538  -6.977  -4.474  1.00 93.62 ? 1   GLU A OE1 1 
ATOM   9    O  OE2 . GLU A 1 13  ? 19.543  -6.368  -6.344  1.00 90.12 ? 1   GLU A OE2 1 
ATOM   10   N  N   . GLU A 1 14  ? 14.660  -6.236  -8.831  1.00 35.49 ? 2   GLU A N   1 
ATOM   11   C  CA  . GLU A 1 14  ? 13.262  -6.014  -8.467  1.00 29.02 ? 2   GLU A CA  1 
ATOM   12   C  C   . GLU A 1 14  ? 12.478  -7.305  -8.494  1.00 33.91 ? 2   GLU A C   1 
ATOM   13   O  O   . GLU A 1 14  ? 12.847  -8.270  -9.173  1.00 34.98 ? 2   GLU A O   1 
ATOM   14   C  CB  . GLU A 1 14  ? 12.656  -5.028  -9.451  1.00 27.19 ? 2   GLU A CB  1 
ATOM   15   C  CG  . GLU A 1 14  ? 13.454  -3.735  -9.494  1.00 37.36 ? 2   GLU A CG  1 
ATOM   16   C  CD  . GLU A 1 14  ? 12.754  -2.626  -10.270 1.00 33.83 ? 2   GLU A CD  1 
ATOM   17   O  OE1 . GLU A 1 14  ? 11.809  -2.925  -11.031 1.00 33.89 ? 2   GLU A OE1 1 
ATOM   18   O  OE2 . GLU A 1 14  ? 13.169  -1.448  -10.097 1.00 33.29 ? 2   GLU A OE2 1 
ATOM   19   N  N   . ALA A 1 15  ? 11.372  -7.327  -7.779  1.00 26.17 ? 3   ALA A N   1 
ATOM   20   C  CA  . ALA A 1 15  ? 10.600  -8.546  -7.736  1.00 25.61 ? 3   ALA A CA  1 
ATOM   21   C  C   . ALA A 1 15  ? 9.153   -8.226  -7.476  1.00 26.98 ? 3   ALA A C   1 
ATOM   22   O  O   . ALA A 1 15  ? 8.819   -7.098  -7.114  1.00 21.75 ? 3   ALA A O   1 
ATOM   23   C  CB  . ALA A 1 15  ? 11.155  -9.449  -6.617  1.00 24.22 ? 3   ALA A CB  1 
ATOM   24   N  N   . SER A 1 16  ? 8.303   -9.227  -7.690  1.00 24.39 ? 4   SER A N   1 
ATOM   25   C  CA  . SER A 1 16  ? 6.867   -9.130  -7.422  1.00 20.94 ? 4   SER A CA  1 
ATOM   26   C  C   . SER A 1 16  ? 6.573   -10.214 -6.375  1.00 22.85 ? 4   SER A C   1 
ATOM   27   O  O   . SER A 1 16  ? 7.203   -11.252 -6.406  1.00 22.48 ? 4   SER A O   1 
ATOM   28   C  CB  . SER A 1 16  ? 6.102   -9.418  -8.706  1.00 31.89 ? 4   SER A CB  1 
ATOM   29   O  OG  . SER A 1 16  ? 4.749   -9.744  -8.409  1.00 39.15 ? 4   SER A OG  1 
ATOM   30   N  N   . SER A 1 17  ? 5.618   -9.983  -5.472  1.00 20.17 ? 5   SER A N   1 
ATOM   31   C  CA  . SER A 1 17  ? 5.326   -10.961 -4.435  1.00 20.47 ? 5   SER A CA  1 
ATOM   32   C  C   . SER A 1 17  ? 4.794   -12.228 -5.068  1.00 24.08 ? 5   SER A C   1 
ATOM   33   O  O   . SER A 1 17  ? 4.891   -13.313 -4.513  1.00 24.73 ? 5   SER A O   1 
ATOM   34   C  CB  . SER A 1 17  ? 4.278   -10.418 -3.429  1.00 20.09 ? 5   SER A CB  1 
ATOM   35   O  OG  . SER A 1 17  ? 3.025   -10.146 -4.080  1.00 20.44 ? 5   SER A OG  1 
ATOM   36   N  N   . THR A 1 18  ? 4.190   -12.083 -6.232  1.00 25.07 ? 6   THR A N   1 
ATOM   37   C  CA  . THR A 1 18  ? 3.637   -13.248 -6.921  1.00 29.39 ? 6   THR A CA  1 
ATOM   38   C  C   . THR A 1 18  ? 4.711   -14.001 -7.702  1.00 33.85 ? 6   THR A C   1 
ATOM   39   O  O   . THR A 1 18  ? 4.468   -15.100 -8.182  1.00 33.80 ? 6   THR A O   1 
ATOM   40   C  CB  . THR A 1 18  ? 2.481   -12.818 -7.887  1.00 32.53 ? 6   THR A CB  1 
ATOM   41   O  OG1 . THR A 1 18  ? 2.958   -11.874 -8.842  1.00 33.28 ? 6   THR A OG1 1 
ATOM   42   C  CG2 . THR A 1 18  ? 1.320   -12.234 -7.110  1.00 45.90 ? 6   THR A CG2 1 
ATOM   43   N  N   . GLY A 1 19  ? 5.898   -13.408 -7.834  1.00 27.77 ? 7   GLY A N   1 
ATOM   44   C  CA  . GLY A 1 19  ? 6.991   -14.057 -8.567  1.00 35.84 ? 7   GLY A CA  1 
ATOM   45   C  C   . GLY A 1 19  ? 7.803   -15.113 -7.805  1.00 36.94 ? 7   GLY A C   1 
ATOM   46   O  O   . GLY A 1 19  ? 7.909   -15.118 -6.575  1.00 35.16 ? 7   GLY A O   1 
ATOM   47   N  N   . ARG A 1 20  ? 8.421   -16.018 -8.551  1.00 39.69 ? 8   ARG A N   1 
ATOM   48   C  CA  . ARG A 1 20  ? 9.184   -17.101 -7.940  1.00 44.87 ? 8   ARG A CA  1 
ATOM   49   C  C   . ARG A 1 20  ? 10.411  -16.611 -7.175  1.00 39.39 ? 8   ARG A C   1 
ATOM   50   O  O   . ARG A 1 20  ? 10.840  -17.257 -6.226  1.00 42.77 ? 8   ARG A O   1 
ATOM   51   C  CB  . ARG A 1 20  ? 9.613   -18.097 -9.013  1.00 54.46 ? 8   ARG A CB  1 
ATOM   52   C  CG  . ARG A 1 20  ? 9.997   -19.446 -8.469  1.00 73.51 ? 8   ARG A CG  1 
ATOM   53   C  CD  . ARG A 1 20  ? 8.840   -20.165 -7.765  1.00 74.97 ? 8   ARG A CD  1 
ATOM   54   N  NE  . ARG A 1 20  ? 9.258   -21.521 -7.401  1.00 89.31 ? 8   ARG A NE  1 
ATOM   55   C  CZ  . ARG A 1 20  ? 9.643   -22.443 -8.285  1.00 92.76 ? 8   ARG A CZ  1 
ATOM   56   N  NH1 . ARG A 1 20  ? 9.651   -22.157 -9.587  1.00 92.99 ? 8   ARG A NH1 1 
ATOM   57   N  NH2 . ARG A 1 20  ? 10.047  -23.643 -7.875  1.00 89.31 ? 8   ARG A NH2 1 
ATOM   58   N  N   . ASN A 1 21  ? 10.949  -15.458 -7.548  1.00 35.01 ? 9   ASN A N   1 
ATOM   59   C  CA  . ASN A 1 21  ? 12.134  -14.986 -6.833  1.00 38.19 ? 9   ASN A CA  1 
ATOM   60   C  C   . ASN A 1 21  ? 11.893  -14.021 -5.699  1.00 33.09 ? 9   ASN A C   1 
ATOM   61   O  O   . ASN A 1 21  ? 12.844  -13.442 -5.162  1.00 32.30 ? 9   ASN A O   1 
ATOM   62   C  CB  . ASN A 1 21  ? 13.135  -14.387 -7.794  1.00 44.32 ? 9   ASN A CB  1 
ATOM   63   C  CG  . ASN A 1 21  ? 13.727  -15.429 -8.696  1.00 65.33 ? 9   ASN A CG  1 
ATOM   64   O  OD1 . ASN A 1 21  ? 13.280  -15.615 -9.823  1.00 67.85 ? 9   ASN A OD1 1 
ATOM   65   N  ND2 . ASN A 1 21  ? 14.724  -16.149 -8.191  1.00 71.13 ? 9   ASN A ND2 1 
ATOM   66   N  N   . PHE A 1 22  ? 10.638  -13.888 -5.292  1.00 26.60 ? 10  PHE A N   1 
ATOM   67   C  CA  . PHE A 1 22  ? 10.324  -12.967 -4.192  1.00 23.20 ? 10  PHE A CA  1 
ATOM   68   C  C   . PHE A 1 22  ? 10.937  -13.381 -2.854  1.00 24.54 ? 10  PHE A C   1 
ATOM   69   O  O   . PHE A 1 22  ? 10.873  -14.537 -2.454  1.00 23.52 ? 10  PHE A O   1 
ATOM   70   C  CB  . PHE A 1 22  ? 8.819   -12.879 -4.018  1.00 19.85 ? 10  PHE A CB  1 
ATOM   71   C  CG  . PHE A 1 22  ? 8.372   -11.807 -3.065  1.00 16.96 ? 10  PHE A CG  1 
ATOM   72   C  CD1 . PHE A 1 22  ? 8.744   -10.472 -3.281  1.00 18.22 ? 10  PHE A CD1 1 
ATOM   73   C  CD2 . PHE A 1 22  ? 7.548   -12.121 -2.003  1.00 23.37 ? 10  PHE A CD2 1 
ATOM   74   C  CE1 . PHE A 1 22  ? 8.271   -9.448  -2.397  1.00 18.06 ? 10  PHE A CE1 1 
ATOM   75   C  CE2 . PHE A 1 22  ? 7.067   -11.127 -1.146  1.00 26.33 ? 10  PHE A CE2 1 
ATOM   76   C  CZ  . PHE A 1 22  ? 7.444   -9.782  -1.360  1.00 19.87 ? 10  PHE A CZ  1 
ATOM   77   N  N   . ASN A 1 23  ? 11.507  -12.420 -2.146  1.00 21.57 ? 11  ASN A N   1 
ATOM   78   C  CA  . ASN A 1 23  ? 12.091  -12.722 -0.828  1.00 22.51 ? 11  ASN A CA  1 
ATOM   79   C  C   . ASN A 1 23  ? 11.346  -11.839 0.187   1.00 21.38 ? 11  ASN A C   1 
ATOM   80   O  O   . ASN A 1 23  ? 11.729  -10.685 0.416   1.00 24.21 ? 11  ASN A O   1 
ATOM   81   C  CB  . ASN A 1 23  ? 13.564  -12.363 -0.827  1.00 30.80 ? 11  ASN A CB  1 
ATOM   82   C  CG  . ASN A 1 23  ? 14.219  -12.732 0.468   1.00 31.35 ? 11  ASN A CG  1 
ATOM   83   O  OD1 . ASN A 1 23  ? 15.452  -12.704 0.589   1.00 47.98 ? 11  ASN A OD1 1 
ATOM   84   N  ND2 . ASN A 1 23  ? 13.398  -13.087 1.461   1.00 34.42 ? 11  ASN A ND2 1 
ATOM   85   N  N   . VAL A 1 24  ? 10.255  -12.353 0.743   1.00 19.11 ? 12  VAL A N   1 
ATOM   86   C  CA  . VAL A 1 24  ? 9.408   -11.534 1.635   1.00 22.27 ? 12  VAL A CA  1 
ATOM   87   C  C   . VAL A 1 24  ? 10.147  -10.883 2.796   1.00 25.03 ? 12  VAL A C   1 
ATOM   88   O  O   . VAL A 1 24  ? 9.790   -9.771  3.199   1.00 21.41 ? 12  VAL A O   1 
ATOM   89   C  CB  . VAL A 1 24  ? 8.244   -12.338 2.258   1.00 28.08 ? 12  VAL A CB  1 
ATOM   90   C  CG1 . VAL A 1 24  ? 7.194   -11.397 2.831   1.00 24.66 ? 12  VAL A CG1 1 
ATOM   91   C  CG2 . VAL A 1 24  ? 7.641   -13.203 1.235   1.00 53.76 ? 12  VAL A CG2 1 
ATOM   92   N  N   . GLU A 1 25  ? 11.140  -11.578 3.355   1.00 19.95 ? 13  GLU A N   1 
ATOM   93   C  CA  . GLU A 1 25  ? 11.902  -10.960 4.428   1.00 21.11 ? 13  GLU A CA  1 
ATOM   94   C  C   . GLU A 1 25  ? 12.480  -9.594  4.061   1.00 17.37 ? 13  GLU A C   1 
ATOM   95   O  O   . GLU A 1 25  ? 12.618  -8.736  4.937   1.00 22.85 ? 13  GLU A O   1 
ATOM   96   C  CB  . GLU A 1 25  ? 13.068  -11.883 4.859   1.00 28.92 ? 13  GLU A CB  1 
ATOM   97   C  CG  . GLU A 1 25  ? 12.591  -13.166 5.458   1.00 34.55 ? 13  GLU A CG  1 
ATOM   98   C  CD  . GLU A 1 25  ? 13.755  -14.148 5.710   1.00 38.39 ? 13  GLU A CD  1 
ATOM   99   O  OE1 . GLU A 1 25  ? 14.685  -14.192 4.842   1.00 32.16 ? 13  GLU A OE1 1 
ATOM   100  O  OE2 . GLU A 1 25  ? 13.719  -14.863 6.745   1.00 50.96 ? 13  GLU A OE2 1 
ATOM   101  N  N   . LYS A 1 26  ? 12.852  -9.412  2.801   1.00 20.53 ? 14  LYS A N   1 
ATOM   102  C  CA  . LYS A 1 26  ? 13.451  -8.153  2.385   1.00 20.50 ? 14  LYS A CA  1 
ATOM   103  C  C   . LYS A 1 26  ? 12.486  -6.942  2.410   1.00 25.05 ? 14  LYS A C   1 
ATOM   104  O  O   . LYS A 1 26  ? 12.955  -5.804  2.270   1.00 21.46 ? 14  LYS A O   1 
ATOM   105  C  CB  . LYS A 1 26  ? 14.106  -8.293  1.019   1.00 20.41 ? 14  LYS A CB  1 
ATOM   106  C  CG  . LYS A 1 26  ? 15.352  -9.182  1.037   1.00 31.97 ? 14  LYS A CG  1 
ATOM   107  C  CD  . LYS A 1 26  ? 16.170  -9.009  -0.238  1.00 35.24 ? 14  LYS A CD  1 
ATOM   108  C  CE  . LYS A 1 26  ? 17.540  -9.668  -0.108  1.00 56.40 ? 14  LYS A CE  1 
ATOM   109  N  NZ  . LYS A 1 26  ? 18.355  -9.498  -1.351  1.00 63.77 ? 14  LYS A NZ  1 
ATOM   110  N  N   . ILE A 1 27  ? 11.173  -7.155  2.613   1.00 20.25 ? 15  ILE A N   1 
ATOM   111  C  CA  . ILE A 1 27  ? 10.294  -5.972  2.709   1.00 20.34 ? 15  ILE A CA  1 
ATOM   112  C  C   . ILE A 1 27  ? 10.038  -5.642  4.181   1.00 18.91 ? 15  ILE A C   1 
ATOM   113  O  O   . ILE A 1 27  ? 9.314   -4.735  4.508   1.00 20.07 ? 15  ILE A O   1 
ATOM   114  C  CB  . ILE A 1 27  ? 8.918   -6.164  1.936   1.00 18.16 ? 15  ILE A CB  1 
ATOM   115  C  CG1 . ILE A 1 27  ? 8.030   -7.163  2.699   1.00 22.32 ? 15  ILE A CG1 1 
ATOM   116  C  CG2 . ILE A 1 27  ? 9.207   -6.598  0.510   1.00 17.14 ? 15  ILE A CG2 1 
ATOM   117  C  CD1 . ILE A 1 27  ? 6.583   -7.251  2.183   1.00 21.48 ? 15  ILE A CD1 1 
ATOM   118  N  N   . ASN A 1 28  ? 10.703  -6.363  5.080   1.00 20.17 ? 16  ASN A N   1 
ATOM   119  C  CA  . ASN A 1 28  ? 10.555  -6.085  6.493   1.00 21.32 ? 16  ASN A CA  1 
ATOM   120  C  C   . ASN A 1 28  ? 11.113  -4.681  6.800   1.00 20.98 ? 16  ASN A C   1 
ATOM   121  O  O   . ASN A 1 28  ? 12.043  -4.220  6.130   1.00 20.73 ? 16  ASN A O   1 
ATOM   122  C  CB  . ASN A 1 28  ? 11.395  -7.101  7.290   1.00 24.09 ? 16  ASN A CB  1 
ATOM   123  C  CG  . ASN A 1 28  ? 11.213  -6.970  8.798   1.00 27.56 ? 16  ASN A CG  1 
ATOM   124  O  OD1 . ASN A 1 28  ? 10.134  -7.265  9.306   1.00 22.61 ? 16  ASN A OD1 1 
ATOM   125  N  ND2 . ASN A 1 28  ? 12.287  -6.532  9.529   1.00 21.53 ? 16  ASN A ND2 1 
ATOM   126  N  N   . GLY A 1 29  ? 10.521  -4.020  7.778   1.00 17.48 ? 17  GLY A N   1 
ATOM   127  C  CA  . GLY A 1 29  ? 11.080  -2.765  8.269   1.00 19.61 ? 17  GLY A CA  1 
ATOM   128  C  C   . GLY A 1 29  ? 10.363  -1.474  7.989   1.00 21.61 ? 17  GLY A C   1 
ATOM   129  O  O   . GLY A 1 29  ? 9.164   -1.465  7.745   1.00 19.02 ? 17  GLY A O   1 
ATOM   130  N  N   . GLU A 1 30  ? 11.119  -0.382  8.048   1.00 18.66 ? 18  GLU A N   1 
ATOM   131  C  CA  . GLU A 1 30  ? 10.577  0.959   7.874   1.00 17.26 ? 18  GLU A CA  1 
ATOM   132  C  C   . GLU A 1 30  ? 10.025  1.210   6.449   1.00 19.81 ? 18  GLU A C   1 
ATOM   133  O  O   . GLU A 1 30  ? 10.678  0.901   5.440   1.00 17.18 ? 18  GLU A O   1 
ATOM   134  C  CB  . GLU A 1 30  ? 11.708  2.030   8.153   1.00 16.24 ? 18  GLU A CB  1 
ATOM   135  C  CG  . GLU A 1 30  ? 11.310  3.472   7.832   1.00 16.96 ? 18  GLU A CG  1 
ATOM   136  C  CD  . GLU A 1 30  ? 12.495  4.462   7.977   1.00 16.41 ? 18  GLU A CD  1 
ATOM   137  O  OE1 . GLU A 1 30  ? 13.633  4.002   8.125   1.00 18.28 ? 18  GLU A OE1 1 
ATOM   138  O  OE2 . GLU A 1 30  ? 12.229  5.692   7.875   1.00 18.22 ? 18  GLU A OE2 1 
ATOM   139  N  N   . TRP A 1 31  ? 8.834   1.784   6.406   1.00 18.73 ? 19  TRP A N   1 
ATOM   140  C  CA  . TRP A 1 31  ? 8.202   2.226   5.142   1.00 16.35 ? 19  TRP A CA  1 
ATOM   141  C  C   . TRP A 1 31  ? 7.403   3.500   5.419   1.00 21.09 ? 19  TRP A C   1 
ATOM   142  O  O   . TRP A 1 31  ? 7.045   3.781   6.581   1.00 23.25 ? 19  TRP A O   1 
ATOM   143  C  CB  . TRP A 1 31  ? 7.252   1.140   4.545   1.00 18.01 ? 19  TRP A CB  1 
ATOM   144  C  CG  . TRP A 1 31  ? 7.975   -0.071  4.000   1.00 18.63 ? 19  TRP A CG  1 
ATOM   145  C  CD1 . TRP A 1 31  ? 8.130   -1.343  4.612   1.00 17.91 ? 19  TRP A CD1 1 
ATOM   146  C  CD2 . TRP A 1 31  ? 8.683   -0.130  2.767   1.00 19.35 ? 19  TRP A CD2 1 
ATOM   147  N  NE1 . TRP A 1 31  ? 8.888   -2.138  3.780   1.00 20.97 ? 19  TRP A NE1 1 
ATOM   148  C  CE2 . TRP A 1 31  ? 9.231   -1.419  2.649   1.00 21.10 ? 19  TRP A CE2 1 
ATOM   149  C  CE3 . TRP A 1 31  ? 8.913   0.805   1.742   1.00 20.17 ? 19  TRP A CE3 1 
ATOM   150  C  CZ2 . TRP A 1 31  ? 9.998   -1.802  1.542   1.00 16.98 ? 19  TRP A CZ2 1 
ATOM   151  C  CZ3 . TRP A 1 31  ? 9.701   0.416   0.602   1.00 13.67 ? 19  TRP A CZ3 1 
ATOM   152  C  CH2 . TRP A 1 31  ? 10.215  -0.858  0.527   1.00 17.04 ? 19  TRP A CH2 1 
ATOM   153  N  N   . HIS A 1 32  ? 7.128   4.280   4.372   1.00 17.26 ? 20  HIS A N   1 
ATOM   154  C  CA  . HIS A 1 32  ? 6.340   5.478   4.484   1.00 18.62 ? 20  HIS A CA  1 
ATOM   155  C  C   . HIS A 1 32  ? 5.390   5.503   3.294   1.00 17.20 ? 20  HIS A C   1 
ATOM   156  O  O   . HIS A 1 32  ? 5.760   5.108   2.175   1.00 17.72 ? 20  HIS A O   1 
ATOM   157  C  CB  . HIS A 1 32  ? 7.208   6.752   4.373   1.00 18.96 ? 20  HIS A CB  1 
ATOM   158  C  CG  . HIS A 1 32  ? 8.241   6.860   5.436   1.00 19.98 ? 20  HIS A CG  1 
ATOM   159  N  ND1 . HIS A 1 32  ? 8.007   7.516   6.629   1.00 19.25 ? 20  HIS A ND1 1 
ATOM   160  C  CD2 . HIS A 1 32  ? 9.467   6.307   5.537   1.00 19.21 ? 20  HIS A CD2 1 
ATOM   161  C  CE1 . HIS A 1 32  ? 9.057   7.351   7.428   1.00 19.94 ? 20  HIS A CE1 1 
ATOM   162  N  NE2 . HIS A 1 32  ? 9.950   6.621   6.788   1.00 21.28 ? 20  HIS A NE2 1 
ATOM   163  N  N   . THR A 1 33  ? 4.174   5.943   3.545   1.00 16.88 ? 21  THR A N   1 
ATOM   164  C  CA  . THR A 1 33  ? 3.223   6.124   2.438   1.00 16.94 ? 21  THR A CA  1 
ATOM   165  C  C   . THR A 1 33  ? 3.634   7.339   1.622   1.00 18.42 ? 21  THR A C   1 
ATOM   166  O  O   . THR A 1 33  ? 3.746   8.448   2.155   1.00 21.23 ? 21  THR A O   1 
ATOM   167  C  CB  . THR A 1 33  ? 1.780   6.320   2.951   1.00 18.81 ? 21  THR A CB  1 
ATOM   168  O  OG1 . THR A 1 33  ? 1.326   5.060   3.440   1.00 17.58 ? 21  THR A OG1 1 
ATOM   169  C  CG2 . THR A 1 33  ? 0.825   6.758   1.759   1.00 17.14 ? 21  THR A CG2 1 
ATOM   170  N  N   . ILE A 1 34  ? 3.940   7.116   0.343   1.00 16.02 ? 22  ILE A N   1 
ATOM   171  C  CA  . ILE A 1 34  ? 4.309   8.238   -0.530  1.00 17.58 ? 22  ILE A CA  1 
ATOM   172  C  C   . ILE A 1 34  ? 3.133   8.677   -1.427  1.00 20.18 ? 22  ILE A C   1 
ATOM   173  O  O   . ILE A 1 34  ? 2.849   9.837   -1.559  1.00 19.66 ? 22  ILE A O   1 
ATOM   174  C  CB  . ILE A 1 34  ? 5.502   7.825   -1.448  1.00 16.70 ? 22  ILE A CB  1 
ATOM   175  C  CG1 . ILE A 1 34  ? 6.649   7.177   -0.600  1.00 17.39 ? 22  ILE A CG1 1 
ATOM   176  C  CG2 . ILE A 1 34  ? 6.006   9.056   -2.188  1.00 19.10 ? 22  ILE A CG2 1 
ATOM   177  C  CD1 . ILE A 1 34  ? 7.040   8.039   0.665   1.00 19.09 ? 22  ILE A CD1 1 
ATOM   178  N  N   . ILE A 1 35  ? 2.472   7.710   -2.057  1.00 15.95 ? 23  ILE A N   1 
ATOM   179  C  CA  . ILE A 1 35  ? 1.364   8.070   -2.947  1.00 14.80 ? 23  ILE A CA  1 
ATOM   180  C  C   . ILE A 1 35  ? 0.302   6.970   -2.773  1.00 18.56 ? 23  ILE A C   1 
ATOM   181  O  O   . ILE A 1 35  ? 0.646   5.797   -2.571  1.00 18.23 ? 23  ILE A O   1 
ATOM   182  C  CB  . ILE A 1 35  ? 1.782   7.993   -4.431  1.00 16.96 ? 23  ILE A CB  1 
ATOM   183  C  CG1 . ILE A 1 35  ? 2.974   8.955   -4.687  1.00 20.02 ? 23  ILE A CG1 1 
ATOM   184  C  CG2 . ILE A 1 35  ? 0.576   8.436   -5.381  1.00 15.89 ? 23  ILE A CG2 1 
ATOM   185  C  CD1 . ILE A 1 35  ? 3.446   9.008   -6.134  1.00 22.82 ? 23  ILE A CD1 1 
ATOM   186  N  N   . LEU A 1 36  ? -0.971  7.350   -2.867  1.00 18.11 ? 24  LEU A N   1 
ATOM   187  C  CA  . LEU A 1 36  ? -2.066  6.347   -2.818  1.00 14.93 ? 24  LEU A CA  1 
ATOM   188  C  C   . LEU A 1 36  ? -2.930  6.613   -4.034  1.00 16.82 ? 24  LEU A C   1 
ATOM   189  O  O   . LEU A 1 36  ? -3.031  7.775   -4.517  1.00 18.02 ? 24  LEU A O   1 
ATOM   190  C  CB  . LEU A 1 36  ? -2.954  6.505   -1.541  1.00 14.63 ? 24  LEU A CB  1 
ATOM   191  C  CG  . LEU A 1 36  ? -2.191  6.141   -0.250  1.00 15.53 ? 24  LEU A CG  1 
ATOM   192  C  CD1 . LEU A 1 36  ? -3.181  6.409   0.955   1.00 17.77 ? 24  LEU A CD1 1 
ATOM   193  C  CD2 . LEU A 1 36  ? -1.738  4.684   -0.257  1.00 21.54 ? 24  LEU A CD2 1 
ATOM   194  N  N   . ALA A 1 37  ? -3.582  5.562   -4.538  1.00 16.21 ? 25  ALA A N   1 
ATOM   195  C  CA  . ALA A 1 37  ? -4.424  5.765   -5.713  1.00 15.29 ? 25  ALA A CA  1 
ATOM   196  C  C   . ALA A 1 37  ? -5.624  4.843   -5.589  1.00 16.08 ? 25  ALA A C   1 
ATOM   197  O  O   . ALA A 1 37  ? -5.531  3.804   -4.926  1.00 17.55 ? 25  ALA A O   1 
ATOM   198  C  CB  . ALA A 1 37  ? -3.626  5.389   -6.965  1.00 16.01 ? 25  ALA A CB  1 
ATOM   199  N  N   . SER A 1 38  ? -6.718  5.201   -6.250  1.00 16.66 ? 26  SER A N   1 
ATOM   200  C  CA  . SER A 1 38  ? -7.917  4.345   -6.134  1.00 15.50 ? 26  SER A CA  1 
ATOM   201  C  C   . SER A 1 38  ? -8.898  4.655   -7.230  1.00 18.45 ? 26  SER A C   1 
ATOM   202  O  O   . SER A 1 38  ? -8.997  5.807   -7.644  1.00 20.38 ? 26  SER A O   1 
ATOM   203  C  CB  . SER A 1 38  ? -8.643  4.633   -4.814  1.00 16.97 ? 26  SER A CB  1 
ATOM   204  O  OG  . SER A 1 38  ? -9.754  3.737   -4.657  1.00 20.88 ? 26  SER A OG  1 
ATOM   205  N  N   . ASP A 1 39  ? -9.624  3.632   -7.691  1.00 16.50 ? 27  ASP A N   1 
ATOM   206  C  CA  . ASP A 1 39  ? -10.700 3.912   -8.622  1.00 16.87 ? 27  ASP A CA  1 
ATOM   207  C  C   . ASP A 1 39  ? -11.982 4.359   -7.911  1.00 21.38 ? 27  ASP A C   1 
ATOM   208  O  O   . ASP A 1 39  ? -13.014 4.511   -8.538  1.00 27.71 ? 27  ASP A O   1 
ATOM   209  C  CB  . ASP A 1 39  ? -10.931 2.759   -9.627  1.00 19.22 ? 27  ASP A CB  1 
ATOM   210  C  CG  . ASP A 1 39  ? -11.146 1.406   -8.992  1.00 22.41 ? 27  ASP A CG  1 
ATOM   211  O  OD1 . ASP A 1 39  ? -11.186 0.423   -9.786  1.00 21.99 ? 27  ASP A OD1 1 
ATOM   212  O  OD2 . ASP A 1 39  ? -11.294 1.301   -7.758  1.00 22.87 ? 27  ASP A OD2 1 
ATOM   213  N  N   . LYS A 1 40  ? -11.904 4.558   -6.601  1.00 17.73 ? 28  LYS A N   1 
ATOM   214  C  CA  . LYS A 1 40  ? -12.983 5.173   -5.783  1.00 18.08 ? 28  LYS A CA  1 
ATOM   215  C  C   . LYS A 1 40  ? -12.178 6.175   -4.955  1.00 19.34 ? 28  LYS A C   1 
ATOM   216  O  O   . LYS A 1 40  ? -11.817 5.909   -3.835  1.00 19.00 ? 28  LYS A O   1 
ATOM   217  C  CB  . LYS A 1 40  ? -13.688 4.181   -4.864  1.00 25.64 ? 28  LYS A CB  1 
ATOM   218  C  CG  . LYS A 1 40  ? -14.840 3.482   -5.564  1.00 33.34 ? 28  LYS A CG  1 
ATOM   219  C  CD  . LYS A 1 40  ? -15.863 2.817   -4.585  1.00 33.71 ? 28  LYS A CD  1 
ATOM   220  C  CE  . LYS A 1 40  ? -16.743 1.824   -5.379  1.00 42.78 ? 28  LYS A CE  1 
ATOM   221  N  NZ  . LYS A 1 40  ? -17.641 0.998   -4.549  1.00 35.54 ? 28  LYS A NZ  1 
ATOM   222  N  N   . ARG A 1 41  ? -11.943 7.342   -5.526  1.00 22.79 ? 29  ARG A N   1 
ATOM   223  C  CA  . ARG A 1 41  ? -11.084 8.355   -4.900  1.00 21.24 ? 29  ARG A CA  1 
ATOM   224  C  C   . ARG A 1 41  ? -11.470 8.776   -3.483  1.00 22.23 ? 29  ARG A C   1 
ATOM   225  O  O   . ARG A 1 41  ? -10.572 9.027   -2.672  1.00 21.06 ? 29  ARG A O   1 
ATOM   226  C  CB  . ARG A 1 41  ? -11.017 9.607   -5.815  1.00 23.35 ? 29  ARG A CB  1 
ATOM   227  C  CG  . ARG A 1 41  ? -9.813  10.541  -5.586  1.00 20.16 ? 29  ARG A CG  1 
ATOM   228  C  CD  . ARG A 1 41  ? -9.852  11.640  -6.604  1.00 21.55 ? 29  ARG A CD  1 
ATOM   229  N  NE  . ARG A 1 41  ? -8.598  12.369  -6.740  1.00 26.27 ? 29  ARG A NE  1 
ATOM   230  C  CZ  . ARG A 1 41  ? -8.169  13.320  -5.904  1.00 38.71 ? 29  ARG A CZ  1 
ATOM   231  N  NH1 . ARG A 1 41  ? -8.875  13.682  -4.838  1.00 52.11 ? 29  ARG A NH1 1 
ATOM   232  N  NH2 . ARG A 1 41  ? -7.033  13.935  -6.175  1.00 29.55 ? 29  ARG A NH2 1 
ATOM   233  N  N   . GLU A 1 42  ? -12.771 8.791   -3.162  1.00 21.40 ? 30  GLU A N   1 
ATOM   234  C  CA  . GLU A 1 42  ? -13.172 9.220   -1.829  1.00 23.29 ? 30  GLU A CA  1 
ATOM   235  C  C   . GLU A 1 42  ? -12.521 8.372   -0.742  1.00 22.95 ? 30  GLU A C   1 
ATOM   236  O  O   . GLU A 1 42  ? -12.298 8.861   0.365   1.00 21.03 ? 30  GLU A O   1 
ATOM   237  C  CB  . GLU A 1 42  ? -14.708 9.179   -1.671  1.00 26.01 ? 30  GLU A CB  1 
ATOM   238  C  CG  . GLU A 1 42  ? -15.267 7.791   -1.946  1.00 39.95 ? 30  GLU A CG  1 
ATOM   239  C  CD  . GLU A 1 42  ? -16.782 7.662   -1.759  1.00 78.79 ? 30  GLU A CD  1 
ATOM   240  O  OE1 . GLU A 1 42  ? -17.274 7.824   -0.617  1.00 91.19 ? 30  GLU A OE1 1 
ATOM   241  O  OE2 . GLU A 1 42  ? -17.482 7.378   -2.757  1.00 87.63 ? 30  GLU A OE2 1 
ATOM   242  N  N   . LYS A 1 43  ? -12.193 7.113   -1.052  1.00 22.36 ? 31  LYS A N   1 
ATOM   243  C  CA  . LYS A 1 43  ? -11.595 6.213   -0.063  1.00 19.53 ? 31  LYS A CA  1 
ATOM   244  C  C   . LYS A 1 43  ? -10.218 6.658   0.431   1.00 19.75 ? 31  LYS A C   1 
ATOM   245  O  O   . LYS A 1 43  ? -9.807  6.251   1.526   1.00 18.98 ? 31  LYS A O   1 
ATOM   246  C  CB  . LYS A 1 43  ? -11.420 4.794   -0.645  1.00 18.08 ? 31  LYS A CB  1 
ATOM   247  C  CG  . LYS A 1 43  ? -12.723 4.031   -0.818  1.00 31.45 ? 31  LYS A CG  1 
ATOM   248  C  CD  . LYS A 1 43  ? -13.702 4.715   -1.688  1.00 56.06 ? 31  LYS A CD  1 
ATOM   249  C  CE  . LYS A 1 43  ? -15.086 4.077   -1.471  1.00 79.06 ? 31  LYS A CE  1 
ATOM   250  N  NZ  . LYS A 1 43  ? -15.052 2.590   -1.653  1.00 77.00 ? 31  LYS A NZ  1 
ATOM   251  N  N   . ILE A 1 44  ? -9.531  7.476   -0.377  1.00 20.66 ? 32  ILE A N   1 
ATOM   252  C  CA  . ILE A 1 44  ? -8.202  7.907   0.002   1.00 17.29 ? 32  ILE A CA  1 
ATOM   253  C  C   . ILE A 1 44  ? -8.119  9.428   0.189   1.00 23.11 ? 32  ILE A C   1 
ATOM   254  O  O   . ILE A 1 44  ? -7.035  9.988   0.437   1.00 22.73 ? 32  ILE A O   1 
ATOM   255  C  CB  . ILE A 1 44  ? -7.149  7.437   -1.057  1.00 18.01 ? 32  ILE A CB  1 
ATOM   256  C  CG1 . ILE A 1 44  ? -7.530  7.896   -2.484  1.00 21.35 ? 32  ILE A CG1 1 
ATOM   257  C  CG2 . ILE A 1 44  ? -6.968  5.883   -0.949  1.00 20.34 ? 32  ILE A CG2 1 
ATOM   258  C  CD1 . ILE A 1 44  ? -6.350  7.718   -3.491  1.00 20.45 ? 32  ILE A CD1 1 
ATOM   259  N  N   . GLU A 1 45  ? -9.253  10.096  0.049   1.00 22.00 ? 33  GLU A N   1 
ATOM   260  C  CA  . GLU A 1 45  ? -9.278  11.547  0.293   1.00 22.45 ? 33  GLU A CA  1 
ATOM   261  C  C   . GLU A 1 45  ? -9.248  11.823  1.796   1.00 25.06 ? 33  GLU A C   1 
ATOM   262  O  O   . GLU A 1 45  ? -9.230  10.899  2.627   1.00 23.97 ? 33  GLU A O   1 
ATOM   263  C  CB  . GLU A 1 45  ? -10.501 12.181  -0.392  1.00 24.19 ? 33  GLU A CB  1 
ATOM   264  C  CG  . GLU A 1 45  ? -10.325 12.263  -1.918  1.00 26.43 ? 33  GLU A CG  1 
ATOM   265  C  CD  . GLU A 1 45  ? -11.559 12.704  -2.680  1.00 31.01 ? 33  GLU A CD  1 
ATOM   266  O  OE1 . GLU A 1 45  ? -12.675 12.659  -2.117  1.00 29.88 ? 33  GLU A OE1 1 
ATOM   267  O  OE2 . GLU A 1 45  ? -11.398 13.069  -3.856  1.00 31.07 ? 33  GLU A OE2 1 
ATOM   268  N  N   . ASP A 1 46  ? -9.211  13.103  2.156   1.00 27.03 ? 34  ASP A N   1 
ATOM   269  C  CA  . ASP A 1 46  ? -9.119  13.530  3.547   1.00 37.29 ? 34  ASP A CA  1 
ATOM   270  C  C   . ASP A 1 46  ? -9.689  12.673  4.659   1.00 40.24 ? 34  ASP A C   1 
ATOM   271  O  O   . ASP A 1 46  ? -8.982  12.304  5.603   1.00 47.74 ? 34  ASP A O   1 
ATOM   272  C  CB  . ASP A 1 46  ? -9.675  14.945  3.688   1.00 40.76 ? 34  ASP A CB  1 
ATOM   273  C  CG  . ASP A 1 46  ? -8.672  16.008  3.266   1.00 61.30 ? 34  ASP A CG  1 
ATOM   274  O  OD1 . ASP A 1 46  ? -8.135  15.928  2.141   1.00 74.25 ? 34  ASP A OD1 1 
ATOM   275  O  OD2 . ASP A 1 46  ? -8.428  16.934  4.064   1.00 77.15 ? 34  ASP A OD2 1 
ATOM   276  N  N   . ASN A 1 47  ? -10.963 12.358  4.602   1.00 33.50 ? 35  ASN A N   1 
ATOM   277  C  CA  . ASN A 1 47  ? -11.460 11.546  5.705   1.00 40.93 ? 35  ASN A CA  1 
ATOM   278  C  C   . ASN A 1 47  ? -11.709 10.100  5.286   1.00 34.50 ? 35  ASN A C   1 
ATOM   279  O  O   . ASN A 1 47  ? -12.471 9.380   5.943   1.00 32.55 ? 35  ASN A O   1 
ATOM   280  C  CB  . ASN A 1 47  ? -12.767 12.139  6.267   1.00 47.74 ? 35  ASN A CB  1 
ATOM   281  C  CG  . ASN A 1 47  ? -12.561 13.459  7.029   1.00 63.75 ? 35  ASN A CG  1 
ATOM   282  O  OD1 . ASN A 1 47  ? -13.501 14.246  7.170   1.00 78.43 ? 35  ASN A OD1 1 
ATOM   283  N  ND2 . ASN A 1 47  ? -11.347 13.691  7.537   1.00 53.79 ? 35  ASN A ND2 1 
ATOM   284  N  N   . GLY A 1 48  ? -11.082 9.664   4.202   1.00 28.90 ? 36  GLY A N   1 
ATOM   285  C  CA  . GLY A 1 48  ? -11.312 8.285   3.781   1.00 21.10 ? 36  GLY A CA  1 
ATOM   286  C  C   . GLY A 1 48  ? -10.668 7.270   4.689   1.00 22.07 ? 36  GLY A C   1 
ATOM   287  O  O   . GLY A 1 48  ? -9.591  7.522   5.248   1.00 22.77 ? 36  GLY A O   1 
ATOM   288  N  N   . ASN A 1 49  ? -11.273 6.090   4.817   1.00 22.47 ? 37  ASN A N   1 
ATOM   289  C  CA  . ASN A 1 49  ? -10.712 5.050   5.685   1.00 20.26 ? 37  ASN A CA  1 
ATOM   290  C  C   . ASN A 1 49  ? -9.390  4.475   5.172   1.00 23.56 ? 37  ASN A C   1 
ATOM   291  O  O   . ASN A 1 49  ? -8.608  3.898   5.933   1.00 24.58 ? 37  ASN A O   1 
ATOM   292  C  CB  . ASN A 1 49  ? -11.728 3.891   5.822   1.00 21.96 ? 37  ASN A CB  1 
ATOM   293  C  CG  . ASN A 1 49  ? -12.946 4.293   6.609   1.00 30.52 ? 37  ASN A CG  1 
ATOM   294  O  OD1 . ASN A 1 49  ? -14.024 3.698   6.504   1.00 38.21 ? 37  ASN A OD1 1 
ATOM   295  N  ND2 . ASN A 1 49  ? -12.781 5.319   7.408   1.00 28.62 ? 37  ASN A ND2 1 
ATOM   296  N  N   . PHE A 1 50  ? -9.136  4.619   3.877   1.00 21.69 ? 38  PHE A N   1 
ATOM   297  C  CA  . PHE A 1 50  ? -7.905  4.072   3.301   1.00 20.33 ? 38  PHE A CA  1 
ATOM   298  C  C   . PHE A 1 50  ? -6.757  5.063   3.098   1.00 20.13 ? 38  PHE A C   1 
ATOM   299  O  O   . PHE A 1 50  ? -5.746  4.743   2.411   1.00 21.21 ? 38  PHE A O   1 
ATOM   300  C  CB  . PHE A 1 50  ? -8.224  3.329   2.002   1.00 19.16 ? 38  PHE A CB  1 
ATOM   301  C  CG  . PHE A 1 50  ? -8.998  2.073   2.243   1.00 23.03 ? 38  PHE A CG  1 
ATOM   302  C  CD1 . PHE A 1 50  ? -10.380 2.129   2.513   1.00 24.11 ? 38  PHE A CD1 1 
ATOM   303  C  CD2 . PHE A 1 50  ? -8.358  0.867   2.267   1.00 24.33 ? 38  PHE A CD2 1 
ATOM   304  C  CE1 . PHE A 1 50  ? -11.093 0.956   2.801   1.00 21.46 ? 38  PHE A CE1 1 
ATOM   305  C  CE2 . PHE A 1 50  ? -9.051  -0.306  2.562   1.00 28.06 ? 38  PHE A CE2 1 
ATOM   306  C  CZ  . PHE A 1 50  ? -10.427 -0.243  2.826   1.00 24.73 ? 38  PHE A CZ  1 
ATOM   307  N  N   . ARG A 1 51  ? -6.895  6.234   3.704   1.00 18.81 ? 39  ARG A N   1 
ATOM   308  C  CA  . ARG A 1 51  ? -5.835  7.248   3.592   1.00 19.56 ? 39  ARG A CA  1 
ATOM   309  C  C   . ARG A 1 51  ? -4.943  6.884   4.795   1.00 21.86 ? 39  ARG A C   1 
ATOM   310  O  O   . ARG A 1 51  ? -4.964  7.555   5.849   1.00 22.61 ? 39  ARG A O   1 
ATOM   311  C  CB  . ARG A 1 51  ? -6.430  8.639   3.769   1.00 22.09 ? 39  ARG A CB  1 
ATOM   312  C  CG  . ARG A 1 51  ? -5.375  9.741   3.732   1.00 26.69 ? 39  ARG A CG  1 
ATOM   313  C  CD  . ARG A 1 51  ? -6.068  11.042  3.996   1.00 33.97 ? 39  ARG A CD  1 
ATOM   314  N  NE  . ARG A 1 51  ? -6.403  11.522  2.703   1.00 56.49 ? 39  ARG A NE  1 
ATOM   315  C  CZ  . ARG A 1 51  ? -5.670  12.401  2.065   1.00 45.21 ? 39  ARG A CZ  1 
ATOM   316  N  NH1 . ARG A 1 51  ? -4.601  12.922  2.646   1.00 52.67 ? 39  ARG A NH1 1 
ATOM   317  N  NH2 . ARG A 1 51  ? -5.926  12.611  0.794   1.00 28.04 ? 39  ARG A NH2 1 
ATOM   318  N  N   . LEU A 1 52  ? -4.189  5.807   4.619   1.00 19.01 ? 40  LEU A N   1 
ATOM   319  C  CA  . LEU A 1 52  ? -3.350  5.255   5.692   1.00 16.85 ? 40  LEU A CA  1 
ATOM   320  C  C   . LEU A 1 52  ? -1.885  5.546   5.435   1.00 19.46 ? 40  LEU A C   1 
ATOM   321  O  O   . LEU A 1 52  ? -1.394  5.353   4.322   1.00 21.81 ? 40  LEU A O   1 
ATOM   322  C  CB  . LEU A 1 52  ? -3.535  3.739   5.781   1.00 21.82 ? 40  LEU A CB  1 
ATOM   323  C  CG  . LEU A 1 52  ? -4.994  3.352   6.089   1.00 24.85 ? 40  LEU A CG  1 
ATOM   324  C  CD1 . LEU A 1 52  ? -5.068  1.863   6.235   1.00 26.30 ? 40  LEU A CD1 1 
ATOM   325  C  CD2 . LEU A 1 52  ? -5.508  4.092   7.363   1.00 27.80 ? 40  LEU A CD2 1 
ATOM   326  N  N   . PHE A 1 53  ? -1.196  5.964   6.491   1.00 21.80 ? 41  PHE A N   1 
ATOM   327  C  CA  . PHE A 1 53  ? 0.241   6.292   6.441   1.00 22.41 ? 41  PHE A CA  1 
ATOM   328  C  C   . PHE A 1 53  ? 1.031   5.098   7.037   1.00 20.88 ? 41  PHE A C   1 
ATOM   329  O  O   . PHE A 1 53  ? 1.083   4.913   8.256   1.00 20.15 ? 41  PHE A O   1 
ATOM   330  C  CB  . PHE A 1 53  ? 0.441   7.595   7.240   1.00 19.05 ? 41  PHE A CB  1 
ATOM   331  C  CG  . PHE A 1 53  ? -0.235  8.783   6.582   1.00 25.29 ? 41  PHE A CG  1 
ATOM   332  C  CD1 . PHE A 1 53  ? -1.516  9.201   6.964   1.00 23.31 ? 41  PHE A CD1 1 
ATOM   333  C  CD2 . PHE A 1 53  ? 0.372   9.411   5.518   1.00 19.01 ? 41  PHE A CD2 1 
ATOM   334  C  CE1 . PHE A 1 53  ? -2.170  10.247  6.249   1.00 24.17 ? 41  PHE A CE1 1 
ATOM   335  C  CE2 . PHE A 1 53  ? -0.286  10.460  4.811   1.00 25.15 ? 41  PHE A CE2 1 
ATOM   336  C  CZ  . PHE A 1 53  ? -1.544  10.861  5.184   1.00 25.47 ? 41  PHE A CZ  1 
ATOM   337  N  N   . LEU A 1 54  ? 1.646   4.280   6.176   1.00 18.00 ? 42  LEU A N   1 
ATOM   338  C  CA  . LEU A 1 54  ? 2.359   3.127   6.632   1.00 18.84 ? 42  LEU A CA  1 
ATOM   339  C  C   . LEU A 1 54  ? 3.629   3.583   7.367   1.00 18.62 ? 42  LEU A C   1 
ATOM   340  O  O   . LEU A 1 54  ? 4.254   4.630   7.007   1.00 21.67 ? 42  LEU A O   1 
ATOM   341  C  CB  . LEU A 1 54  ? 2.716   2.241   5.404   1.00 21.71 ? 42  LEU A CB  1 
ATOM   342  C  CG  . LEU A 1 54  ? 3.385   0.903   5.750   1.00 20.25 ? 42  LEU A CG  1 
ATOM   343  C  CD1 . LEU A 1 54  ? 2.450   0.038   6.623   1.00 19.96 ? 42  LEU A CD1 1 
ATOM   344  C  CD2 . LEU A 1 54  ? 3.766   0.153   4.423   1.00 20.13 ? 42  LEU A CD2 1 
ATOM   345  N  N   . GLU A 1 55  ? 3.999   2.816   8.398   1.00 17.96 ? 43  GLU A N   1 
ATOM   346  C  CA  . GLU A 1 55  ? 5.188   3.130   9.205   1.00 19.32 ? 43  GLU A CA  1 
ATOM   347  C  C   . GLU A 1 55  ? 6.172   1.990   9.217   1.00 23.89 ? 43  GLU A C   1 
ATOM   348  O  O   . GLU A 1 55  ? 7.389   2.208   9.138   1.00 22.52 ? 43  GLU A O   1 
ATOM   349  C  CB  . GLU A 1 55  ? 4.779   3.516   10.654  1.00 21.60 ? 43  GLU A CB  1 
ATOM   350  C  CG  . GLU A 1 55  ? 3.816   4.656   10.663  1.00 26.33 ? 43  GLU A CG  1 
ATOM   351  C  CD  . GLU A 1 55  ? 3.371   5.090   12.059  1.00 34.20 ? 43  GLU A CD  1 
ATOM   352  O  OE1 . GLU A 1 55  ? 3.462   4.294   13.010  1.00 34.76 ? 43  GLU A OE1 1 
ATOM   353  O  OE2 . GLU A 1 55  ? 2.916   6.238   12.181  1.00 39.82 ? 43  GLU A OE2 1 
ATOM   354  N  N   . GLN A 1 56  ? 5.648   0.773   9.320   1.00 19.60 ? 44  GLN A N   1 
ATOM   355  C  CA  . GLN A 1 56  ? 6.471   -0.394  9.237   1.00 21.26 ? 44  GLN A CA  1 
ATOM   356  C  C   . GLN A 1 56  ? 5.740   -1.667  8.863   1.00 20.91 ? 44  GLN A C   1 
ATOM   357  O  O   . GLN A 1 56  ? 4.512   -1.767  9.050   1.00 23.75 ? 44  GLN A O   1 
ATOM   358  C  CB  . GLN A 1 56  ? 7.233   -0.653  10.536  1.00 39.10 ? 44  GLN A CB  1 
ATOM   359  C  CG  . GLN A 1 56  ? 6.435   -0.826  11.717  1.00 49.99 ? 44  GLN A CG  1 
ATOM   360  C  CD  . GLN A 1 56  ? 7.330   -0.917  12.950  1.00 74.83 ? 44  GLN A CD  1 
ATOM   361  O  OE1 . GLN A 1 56  ? 8.083   -1.884  13.106  1.00 73.74 ? 44  GLN A OE1 1 
ATOM   362  N  NE2 . GLN A 1 56  ? 7.268   0.100   13.822  1.00 77.64 ? 44  GLN A NE2 1 
ATOM   363  N  N   . ILE A 1 57  ? 6.507   -2.602  8.306   1.00 20.93 ? 45  ILE A N   1 
ATOM   364  C  CA  . ILE A 1 57  ? 5.960   -3.929  8.001   1.00 19.75 ? 45  ILE A CA  1 
ATOM   365  C  C   . ILE A 1 57  ? 6.799   -4.914  8.789   1.00 22.63 ? 45  ILE A C   1 
ATOM   366  O  O   . ILE A 1 57  ? 8.020   -4.953  8.644   1.00 25.90 ? 45  ILE A O   1 
ATOM   367  C  CB  . ILE A 1 57  ? 6.115   -4.268  6.533   1.00 20.55 ? 45  ILE A CB  1 
ATOM   368  C  CG1 . ILE A 1 57  ? 5.255   -3.300  5.686   1.00 18.61 ? 45  ILE A CG1 1 
ATOM   369  C  CG2 . ILE A 1 57  ? 5.732   -5.802  6.319   1.00 24.97 ? 45  ILE A CG2 1 
ATOM   370  C  CD1 . ILE A 1 57  ? 5.331   -3.548  4.150   1.00 21.08 ? 45  ILE A CD1 1 
ATOM   371  N  N   . HIS A 1 58  ? 6.157   -5.692  9.647   1.00 20.67 ? 46  HIS A N   1 
ATOM   372  C  CA  . HIS A 1 58  ? 6.871   -6.709  10.382  1.00 26.51 ? 46  HIS A CA  1 
ATOM   373  C  C   . HIS A 1 58  ? 6.594   -8.070  9.701   1.00 30.05 ? 46  HIS A C   1 
ATOM   374  O  O   . HIS A 1 58  ? 5.462   -8.555  9.730   1.00 24.54 ? 46  HIS A O   1 
ATOM   375  C  CB  . HIS A 1 58  ? 6.390   -6.697  11.827  1.00 36.91 ? 46  HIS A CB  1 
ATOM   376  C  CG  . HIS A 1 58  ? 7.299   -7.421  12.754  1.00 55.24 ? 46  HIS A CG  1 
ATOM   377  N  ND1 . HIS A 1 58  ? 8.609   -7.039  12.963  1.00 67.62 ? 46  HIS A ND1 1 
ATOM   378  C  CD2 . HIS A 1 58  ? 7.104   -8.535  13.497  1.00 64.05 ? 46  HIS A CD2 1 
ATOM   379  C  CE1 . HIS A 1 58  ? 9.184   -7.890  13.794  1.00 48.23 ? 46  HIS A CE1 1 
ATOM   380  N  NE2 . HIS A 1 58  ? 8.291   -8.808  14.133  1.00 71.96 ? 46  HIS A NE2 1 
ATOM   381  N  N   . VAL A 1 59  ? 7.612   -8.674  9.082   1.00 24.18 ? 47  VAL A N   1 
ATOM   382  C  CA  . VAL A 1 59  ? 7.414   -9.927  8.342   1.00 22.71 ? 47  VAL A CA  1 
ATOM   383  C  C   . VAL A 1 59  ? 7.454   -11.113 9.308   1.00 31.06 ? 47  VAL A C   1 
ATOM   384  O  O   . VAL A 1 59  ? 8.395   -11.250 10.070  1.00 26.28 ? 47  VAL A O   1 
ATOM   385  C  CB  . VAL A 1 59  ? 8.524   -10.138 7.252   1.00 23.49 ? 47  VAL A CB  1 
ATOM   386  C  CG1 . VAL A 1 59  ? 8.363   -11.493 6.532   1.00 26.31 ? 47  VAL A CG1 1 
ATOM   387  C  CG2 . VAL A 1 59  ? 8.455   -9.005  6.200   1.00 23.95 ? 47  VAL A CG2 1 
ATOM   388  N  N   . LEU A 1 60  ? 6.419   -11.942 9.278   1.00 28.63 ? 48  LEU A N   1 
ATOM   389  C  CA  . LEU A 1 60  ? 6.359   -13.143 10.118  1.00 29.36 ? 48  LEU A CA  1 
ATOM   390  C  C   . LEU A 1 60  ? 6.260   -14.376 9.219   1.00 32.97 ? 48  LEU A C   1 
ATOM   391  O  O   . LEU A 1 60  ? 6.076   -14.256 8.012   1.00 31.53 ? 48  LEU A O   1 
ATOM   392  C  CB  . LEU A 1 60  ? 5.161   -13.082 11.070  1.00 25.36 ? 48  LEU A CB  1 
ATOM   393  C  CG  . LEU A 1 60  ? 5.247   -11.919 12.065  1.00 34.47 ? 48  LEU A CG  1 
ATOM   394  C  CD1 . LEU A 1 60  ? 3.996   -11.888 12.930  1.00 43.69 ? 48  LEU A CD1 1 
ATOM   395  C  CD2 . LEU A 1 60  ? 6.510   -12.022 12.936  1.00 39.75 ? 48  LEU A CD2 1 
ATOM   396  N  N   . GLU A 1 61  ? 6.315   -15.575 9.808   1.00 35.22 ? 49  GLU A N   1 
ATOM   397  C  CA  . GLU A 1 61  ? 6.271   -16.803 9.015   1.00 38.72 ? 49  GLU A CA  1 
ATOM   398  C  C   . GLU A 1 61  ? 5.130   -16.865 7.987   1.00 30.70 ? 49  GLU A C   1 
ATOM   399  O  O   . GLU A 1 61  ? 5.328   -17.236 6.825   1.00 29.39 ? 49  GLU A O   1 
ATOM   400  C  CB  . GLU A 1 61  ? 6.167   -18.057 9.923   1.00 49.87 ? 49  GLU A CB  1 
ATOM   401  C  CG  . GLU A 1 61  ? 7.264   -18.265 10.988  1.00 78.01 ? 49  GLU A CG  1 
ATOM   402  C  CD  . GLU A 1 61  ? 7.101   -19.599 11.790  1.00 87.54 ? 49  GLU A CD  1 
ATOM   403  O  OE1 . GLU A 1 61  ? 7.933   -19.869 12.701  1.00 87.26 ? 49  GLU A OE1 1 
ATOM   404  O  OE2 . GLU A 1 61  ? 6.143   -20.371 11.504  1.00 71.87 ? 49  GLU A OE2 1 
ATOM   405  N  N   . LYS A 1 62  ? 3.918   -16.550 8.441   1.00 33.17 ? 50  LYS A N   1 
ATOM   406  C  CA  . LYS A 1 62  ? 2.775   -16.626 7.547   1.00 37.34 ? 50  LYS A CA  1 
ATOM   407  C  C   . LYS A 1 62  ? 1.891   -15.378 7.551   1.00 36.31 ? 50  LYS A C   1 
ATOM   408  O  O   . LYS A 1 62  ? 0.704   -15.466 7.191   1.00 31.50 ? 50  LYS A O   1 
ATOM   409  C  CB  . LYS A 1 62  ? 1.918   -17.856 7.884   1.00 47.96 ? 50  LYS A CB  1 
ATOM   410  C  CG  . LYS A 1 62  ? 2.626   -19.178 7.627   1.00 62.52 ? 50  LYS A CG  1 
ATOM   411  C  CD  . LYS A 1 62  ? 1.691   -20.375 7.757   1.00 52.41 ? 50  LYS A CD  1 
ATOM   412  C  CE  . LYS A 1 62  ? 2.466   -21.689 7.636   1.00 58.18 ? 50  LYS A CE  1 
ATOM   413  N  NZ  . LYS A 1 62  ? 1.571   -22.899 7.702   1.00 59.69 ? 50  LYS A NZ  1 
ATOM   414  N  N   . SER A 1 63  ? 2.466   -14.243 7.929   1.00 28.31 ? 51  SER A N   1 
ATOM   415  C  CA  . SER A 1 63  ? 1.706   -12.999 7.983   1.00 24.75 ? 51  SER A CA  1 
ATOM   416  C  C   . SER A 1 63  ? 2.619   -11.784 7.967   1.00 26.14 ? 51  SER A C   1 
ATOM   417  O  O   . SER A 1 63  ? 3.851   -11.910 8.047   1.00 29.11 ? 51  SER A O   1 
ATOM   418  C  CB  . SER A 1 63  ? 0.832   -12.959 9.259   1.00 31.38 ? 51  SER A CB  1 
ATOM   419  O  OG  . SER A 1 63  ? 1.611   -12.924 10.455  1.00 35.66 ? 51  SER A OG  1 
ATOM   420  N  N   . LEU A 1 64  ? 2.002   -10.616 7.825   1.00 28.02 ? 52  LEU A N   1 
ATOM   421  C  CA  . LEU A 1 64  ? 2.695   -9.329  7.845   1.00 21.79 ? 52  LEU A CA  1 
ATOM   422  C  C   . LEU A 1 64  ? 1.952   -8.503  8.852   1.00 25.64 ? 52  LEU A C   1 
ATOM   423  O  O   . LEU A 1 64  ? 0.719   -8.410  8.813   1.00 27.18 ? 52  LEU A O   1 
ATOM   424  C  CB  . LEU A 1 64  ? 2.588   -8.626  6.485   1.00 19.18 ? 52  LEU A CB  1 
ATOM   425  C  CG  . LEU A 1 64  ? 3.264   -9.295  5.293   1.00 29.24 ? 52  LEU A CG  1 
ATOM   426  C  CD1 . LEU A 1 64  ? 4.772   -9.527  5.488   1.00 32.56 ? 52  LEU A CD1 1 
ATOM   427  C  CD2 . LEU A 1 64  ? 2.604   -10.550 5.143   1.00 48.43 ? 52  LEU A CD2 1 
ATOM   428  N  N   . VAL A 1 65  ? 2.671   -7.904  9.775   1.00 19.01 ? 53  VAL A N   1 
ATOM   429  C  CA  . VAL A 1 65  ? 1.996   -7.028  10.714  1.00 17.88 ? 53  VAL A CA  1 
ATOM   430  C  C   . VAL A 1 65  ? 2.226   -5.608  10.184  1.00 22.96 ? 53  VAL A C   1 
ATOM   431  O  O   . VAL A 1 65  ? 3.378   -5.134  10.130  1.00 25.39 ? 53  VAL A O   1 
ATOM   432  C  CB  . VAL A 1 65  ? 2.590   -7.100  12.103  1.00 23.75 ? 53  VAL A CB  1 
ATOM   433  C  CG1 . VAL A 1 65  ? 1.879   -6.085  12.993  1.00 27.10 ? 53  VAL A CG1 1 
ATOM   434  C  CG2 . VAL A 1 65  ? 2.476   -8.529  12.636  1.00 29.79 ? 53  VAL A CG2 1 
ATOM   435  N  N   . LEU A 1 66  ? 1.149   -4.934  9.797   1.00 19.78 ? 54  LEU A N   1 
ATOM   436  C  CA  . LEU A 1 66  ? 1.232   -3.594  9.233   1.00 18.46 ? 54  LEU A CA  1 
ATOM   437  C  C   . LEU A 1 66  ? 0.929   -2.533  10.276  1.00 22.56 ? 54  LEU A C   1 
ATOM   438  O  O   . LEU A 1 66  ? -0.134  -2.543  10.884  1.00 22.53 ? 54  LEU A O   1 
ATOM   439  C  CB  . LEU A 1 66  ? 0.233   -3.481  8.067   1.00 23.73 ? 54  LEU A CB  1 
ATOM   440  C  CG  . LEU A 1 66  ? 0.257   -4.616  7.036   1.00 22.88 ? 54  LEU A CG  1 
ATOM   441  C  CD1 . LEU A 1 66  ? -0.810  -4.345  5.966   1.00 22.63 ? 54  LEU A CD1 1 
ATOM   442  C  CD2 . LEU A 1 66  ? 1.639   -4.711  6.391   1.00 23.03 ? 54  LEU A CD2 1 
ATOM   443  N  N   . LYS A 1 67  ? 1.862   -1.615  10.483  1.00 20.70 ? 55  LYS A N   1 
ATOM   444  C  CA  . LYS A 1 67  ? 1.639   -0.525  11.430  1.00 18.74 ? 55  LYS A CA  1 
ATOM   445  C  C   . LYS A 1 67  ? 1.459   0.783   10.676  1.00 24.37 ? 55  LYS A C   1 
ATOM   446  O  O   . LYS A 1 67  ? 2.344   1.163   9.897   1.00 24.21 ? 55  LYS A O   1 
ATOM   447  C  CB  . LYS A 1 67  ? 2.842   -0.392  12.376  1.00 27.03 ? 55  LYS A CB  1 
ATOM   448  C  CG  . LYS A 1 67  ? 2.969   -1.597  13.320  1.00 49.66 ? 55  LYS A CG  1 
ATOM   449  C  CD  . LYS A 1 67  ? 4.043   -1.377  14.384  1.00 65.27 ? 55  LYS A CD  1 
ATOM   450  C  CE  . LYS A 1 67  ? 4.244   -2.612  15.269  1.00 69.84 ? 55  LYS A CE  1 
ATOM   451  N  NZ  . LYS A 1 67  ? 5.348   -2.342  16.260  1.00 71.28 ? 55  LYS A NZ  1 
ATOM   452  N  N   . PHE A 1 68  ? 0.326   1.450   10.904  1.00 19.24 ? 56  PHE A N   1 
ATOM   453  C  CA  . PHE A 1 68  ? -0.006  2.711   10.234  1.00 21.73 ? 56  PHE A CA  1 
ATOM   454  C  C   . PHE A 1 68  ? -0.387  3.805   11.249  1.00 26.61 ? 56  PHE A C   1 
ATOM   455  O  O   . PHE A 1 68  ? -0.517  3.562   12.447  1.00 25.83 ? 56  PHE A O   1 
ATOM   456  C  CB  . PHE A 1 68  ? -1.313  2.619   9.390   1.00 19.34 ? 56  PHE A CB  1 
ATOM   457  C  CG  . PHE A 1 68  ? -1.310  1.577   8.314   1.00 22.20 ? 56  PHE A CG  1 
ATOM   458  C  CD1 . PHE A 1 68  ? -1.812  0.315   8.575   1.00 24.29 ? 56  PHE A CD1 1 
ATOM   459  C  CD2 . PHE A 1 68  ? -0.867  1.878   7.023   1.00 22.79 ? 56  PHE A CD2 1 
ATOM   460  C  CE1 . PHE A 1 68  ? -1.885  -0.653  7.567   1.00 20.93 ? 56  PHE A CE1 1 
ATOM   461  C  CE2 . PHE A 1 68  ? -0.951  0.895   5.992   1.00 21.90 ? 56  PHE A CE2 1 
ATOM   462  C  CZ  . PHE A 1 68  ? -1.462  -0.364  6.291   1.00 22.33 ? 56  PHE A CZ  1 
ATOM   463  N  N   . HIS A 1 69  ? -0.574  5.006   10.721  1.00 26.57 ? 57  HIS A N   1 
ATOM   464  C  CA  . HIS A 1 69  ? -1.225  6.040   11.508  1.00 28.22 ? 57  HIS A CA  1 
ATOM   465  C  C   . HIS A 1 69  ? -2.238  6.650   10.529  1.00 34.72 ? 57  HIS A C   1 
ATOM   466  O  O   . HIS A 1 69  ? -2.088  6.584   9.302   1.00 23.07 ? 57  HIS A O   1 
ATOM   467  C  CB  . HIS A 1 69  ? -0.289  7.102   12.088  1.00 27.68 ? 57  HIS A CB  1 
ATOM   468  C  CG  . HIS A 1 69  ? 0.304   8.032   11.083  1.00 28.90 ? 57  HIS A CG  1 
ATOM   469  N  ND1 . HIS A 1 69  ? 1.606   7.901   10.644  1.00 29.02 ? 57  HIS A ND1 1 
ATOM   470  C  CD2 . HIS A 1 69  ? -0.172  9.171   10.521  1.00 30.89 ? 57  HIS A CD2 1 
ATOM   471  C  CE1 . HIS A 1 69  ? 1.907   8.933   9.875   1.00 27.89 ? 57  HIS A CE1 1 
ATOM   472  N  NE2 . HIS A 1 69  ? 0.852   9.717   9.784   1.00 33.34 ? 57  HIS A NE2 1 
ATOM   473  N  N   . THR A 1 70  ? -3.324  7.169   11.078  1.00 30.06 ? 58  THR A N   1 
ATOM   474  C  CA  . THR A 1 70  ? -4.347  7.822   10.275  1.00 32.56 ? 58  THR A CA  1 
ATOM   475  C  C   . THR A 1 70  ? -4.342  9.259   10.803  1.00 31.85 ? 58  THR A C   1 
ATOM   476  O  O   . THR A 1 70  ? -3.762  9.538   11.849  1.00 33.08 ? 58  THR A O   1 
ATOM   477  C  CB  . THR A 1 70  ? -5.694  7.170   10.537  1.00 40.10 ? 58  THR A CB  1 
ATOM   478  O  OG1 . THR A 1 70  ? -6.727  7.900   9.870   1.00 64.17 ? 58  THR A OG1 1 
ATOM   479  C  CG2 . THR A 1 70  ? -5.965  7.173   12.007  1.00 34.67 ? 58  THR A CG2 1 
ATOM   480  N  N   . VAL A 1 71  ? -4.974  10.169  10.075  1.00 31.49 ? 59  VAL A N   1 
ATOM   481  C  CA  . VAL A 1 71  ? -5.005  11.572  10.491  1.00 34.85 ? 59  VAL A CA  1 
ATOM   482  C  C   . VAL A 1 71  ? -6.449  12.096  10.439  1.00 41.09 ? 59  VAL A C   1 
ATOM   483  O  O   . VAL A 1 71  ? -7.198  11.824  9.496   1.00 38.77 ? 59  VAL A O   1 
ATOM   484  C  CB  . VAL A 1 71  ? -4.170  12.462  9.549   1.00 37.33 ? 59  VAL A CB  1 
ATOM   485  C  CG1 . VAL A 1 71  ? -4.200  13.924  10.062  1.00 42.46 ? 59  VAL A CG1 1 
ATOM   486  C  CG2 . VAL A 1 71  ? -2.748  11.964  9.450   1.00 33.58 ? 59  VAL A CG2 1 
ATOM   487  N  N   . ARG A 1 72  ? -6.831  12.842  11.469  1.00 50.46 ? 60  ARG A N   1 
ATOM   488  C  CA  . ARG A 1 72  ? -8.162  13.429  11.557  1.00 60.60 ? 60  ARG A CA  1 
ATOM   489  C  C   . ARG A 1 72  ? -8.024  14.741  12.331  1.00 66.14 ? 60  ARG A C   1 
ATOM   490  O  O   . ARG A 1 72  ? -7.518  14.769  13.458  1.00 59.98 ? 60  ARG A O   1 
ATOM   491  C  CB  . ARG A 1 72  ? -9.122  12.454  12.249  1.00 67.22 ? 60  ARG A CB  1 
ATOM   492  C  CG  . ARG A 1 72  ? -8.510  11.707  13.439  1.00 78.86 ? 60  ARG A CG  1 
ATOM   493  C  CD  . ARG A 1 72  ? -8.490  12.560  14.729  1.00 93.75 ? 60  ARG A CD  1 
ATOM   494  N  NE  . ARG A 1 72  ? -9.831  13.016  15.119  1.00 98.66 ? 60  ARG A NE  1 
ATOM   495  C  CZ  . ARG A 1 72  ? -10.093 13.812  16.156  1.00 97.07 ? 60  ARG A CZ  1 
ATOM   496  N  NH1 . ARG A 1 72  ? -9.103  14.255  16.925  1.00 94.64 ? 60  ARG A NH1 1 
ATOM   497  N  NH2 . ARG A 1 72  ? -11.348 14.169  16.425  1.00 94.39 ? 60  ARG A NH2 1 
ATOM   498  N  N   . ASP A 1 73  ? -8.428  15.835  11.692  1.00 69.11 ? 61  ASP A N   1 
ATOM   499  C  CA  . ASP A 1 73  ? -8.334  17.157  12.307  1.00 73.03 ? 61  ASP A CA  1 
ATOM   500  C  C   . ASP A 1 73  ? -6.898  17.433  12.757  1.00 69.89 ? 61  ASP A C   1 
ATOM   501  O  O   . ASP A 1 73  ? -6.663  17.961  13.843  1.00 74.11 ? 61  ASP A O   1 
ATOM   502  C  CB  . ASP A 1 73  ? -9.294  17.266  13.505  1.00 77.73 ? 61  ASP A CB  1 
ATOM   503  C  CG  . ASP A 1 73  ? -10.760 17.139  13.099  1.00 80.09 ? 61  ASP A CG  1 
ATOM   504  O  OD1 . ASP A 1 73  ? -11.177 16.035  12.678  1.00 86.60 ? 61  ASP A OD1 1 
ATOM   505  O  OD2 . ASP A 1 73  ? -11.495 18.149  13.202  1.00 82.33 ? 61  ASP A OD2 1 
ATOM   506  N  N   . GLU A 1 74  ? -5.940  17.070  11.913  1.00 65.22 ? 62  GLU A N   1 
ATOM   507  C  CA  . GLU A 1 74  ? -4.534  17.283  12.224  1.00 62.09 ? 62  GLU A CA  1 
ATOM   508  C  C   . GLU A 1 74  ? -4.023  16.434  13.387  1.00 59.97 ? 62  GLU A C   1 
ATOM   509  O  O   . GLU A 1 74  ? -2.936  16.684  13.907  1.00 62.19 ? 62  GLU A O   1 
ATOM   510  C  CB  . GLU A 1 74  ? -4.288  18.762  12.512  1.00 68.08 ? 62  GLU A CB  1 
ATOM   511  C  CG  . GLU A 1 74  ? -4.542  19.636  11.299  1.00 80.14 ? 62  GLU A CG  1 
ATOM   512  C  CD  . GLU A 1 74  ? -4.295  21.106  11.563  1.00 88.91 ? 62  GLU A CD  1 
ATOM   513  O  OE1 . GLU A 1 74  ? -3.137  21.467  11.881  1.00 89.56 ? 62  GLU A OE1 1 
ATOM   514  O  OE2 . GLU A 1 74  ? -5.262  21.895  11.448  1.00 89.38 ? 62  GLU A OE2 1 
ATOM   515  N  N   . GLU A 1 75  ? -4.797  15.428  13.791  1.00 54.07 ? 63  GLU A N   1 
ATOM   516  C  CA  . GLU A 1 75  ? -4.373  14.540  14.879  1.00 53.73 ? 63  GLU A CA  1 
ATOM   517  C  C   . GLU A 1 75  ? -4.088  13.094  14.419  1.00 46.82 ? 63  GLU A C   1 
ATOM   518  O  O   . GLU A 1 75  ? -4.952  12.433  13.855  1.00 39.64 ? 63  GLU A O   1 
ATOM   519  C  CB  . GLU A 1 75  ? -5.436  14.506  15.966  1.00 56.27 ? 63  GLU A CB  1 
ATOM   520  C  CG  . GLU A 1 75  ? -5.013  13.722  17.188  1.00 70.95 ? 63  GLU A CG  1 
ATOM   521  C  CD  . GLU A 1 75  ? -6.032  13.804  18.313  1.00 83.11 ? 63  GLU A CD  1 
ATOM   522  O  OE1 . GLU A 1 75  ? -6.329  14.936  18.764  1.00 82.32 ? 63  GLU A OE1 1 
ATOM   523  O  OE2 . GLU A 1 75  ? -6.529  12.734  18.740  1.00 83.59 ? 63  GLU A OE2 1 
ATOM   524  N  N   . CYS A 1 76  ? -2.888  12.596  14.697  1.00 44.21 ? 64  CYS A N   1 
ATOM   525  C  CA  . CYS A 1 76  ? -2.517  11.238  14.323  1.00 39.61 ? 64  CYS A CA  1 
ATOM   526  C  C   . CYS A 1 76  ? -3.008  10.165  15.288  1.00 40.69 ? 64  CYS A C   1 
ATOM   527  O  O   . CYS A 1 76  ? -3.015  10.378  16.488  1.00 41.22 ? 64  CYS A O   1 
ATOM   528  C  CB  . CYS A 1 76  ? -1.008  11.137  14.243  1.00 42.98 ? 64  CYS A CB  1 
ATOM   529  S  SG  . CYS A 1 76  ? -0.299  11.789  12.705  1.00 44.76 ? 64  CYS A SG  1 
ATOM   530  N  N   . SER A 1 77  ? -3.428  9.021   14.754  1.00 37.82 ? 65  SER A N   1 
ATOM   531  C  CA  . SER A 1 77  ? -3.856  7.875   15.554  1.00 35.59 ? 65  SER A CA  1 
ATOM   532  C  C   . SER A 1 77  ? -3.179  6.615   15.011  1.00 37.96 ? 65  SER A C   1 
ATOM   533  O  O   . SER A 1 77  ? -3.140  6.395   13.804  1.00 45.03 ? 65  SER A O   1 
ATOM   534  C  CB  . SER A 1 77  ? -5.379  7.697   15.494  1.00 39.87 ? 65  SER A CB  1 
ATOM   535  O  OG  . SER A 1 77  ? -6.033  8.837   16.007  1.00 60.26 ? 65  SER A OG  1 
ATOM   536  N  N   . GLU A 1 78  ? -2.627  5.795   15.891  1.00 33.08 ? 66  GLU A N   1 
ATOM   537  C  CA  . GLU A 1 78  ? -1.984  4.587   15.443  1.00 32.90 ? 66  GLU A CA  1 
ATOM   538  C  C   . GLU A 1 78  ? -3.017  3.530   15.064  1.00 33.20 ? 66  GLU A C   1 
ATOM   539  O  O   . GLU A 1 78  ? -4.099  3.474   15.609  1.00 35.28 ? 66  GLU A O   1 
ATOM   540  C  CB  . GLU A 1 78  ? -1.080  4.045   16.534  1.00 34.17 ? 66  GLU A CB  1 
ATOM   541  C  CG  . GLU A 1 78  ? 0.032   4.989   16.925  1.00 48.50 ? 66  GLU A CG  1 
ATOM   542  C  CD  . GLU A 1 78  ? 1.055   5.209   15.813  1.00 63.43 ? 66  GLU A CD  1 
ATOM   543  O  OE1 . GLU A 1 78  ? 0.691   5.795   14.780  1.00 59.88 ? 66  GLU A OE1 1 
ATOM   544  O  OE2 . GLU A 1 78  ? 2.225   4.792   15.972  1.00 75.43 ? 66  GLU A OE2 1 
ATOM   545  N  N   . LEU A 1 79  ? -2.662  2.657   14.139  1.00 27.73 ? 67  LEU A N   1 
ATOM   546  C  CA  . LEU A 1 79  ? -3.569  1.593   13.713  1.00 26.58 ? 67  LEU A CA  1 
ATOM   547  C  C   . LEU A 1 79  ? -2.669  0.427   13.294  1.00 31.55 ? 67  LEU A C   1 
ATOM   548  O  O   . LEU A 1 79  ? -1.747  0.633   12.525  1.00 32.19 ? 67  LEU A O   1 
ATOM   549  C  CB  . LEU A 1 79  ? -4.385  2.077   12.501  1.00 31.44 ? 67  LEU A CB  1 
ATOM   550  C  CG  . LEU A 1 79  ? -5.481  1.209   11.878  1.00 44.65 ? 67  LEU A CG  1 
ATOM   551  C  CD1 . LEU A 1 79  ? -6.138  1.989   10.745  1.00 55.01 ? 67  LEU A CD1 1 
ATOM   552  C  CD2 . LEU A 1 79  ? -4.918  -0.062  11.350  1.00 58.78 ? 67  LEU A CD2 1 
ATOM   553  N  N   . SER A 1 80  ? -2.921  -0.783  13.794  1.00 27.68 ? 68  SER A N   1 
ATOM   554  C  CA  . SER A 1 80  ? -2.132  -1.969  13.438  1.00 29.46 ? 68  SER A CA  1 
ATOM   555  C  C   . SER A 1 80  ? -3.093  -2.957  12.871  1.00 30.19 ? 68  SER A C   1 
ATOM   556  O  O   . SER A 1 80  ? -4.239  -3.053  13.310  1.00 26.30 ? 68  SER A O   1 
ATOM   557  C  CB  . SER A 1 80  ? -1.451  -2.644  14.638  1.00 40.81 ? 68  SER A CB  1 
ATOM   558  O  OG  . SER A 1 80  ? -0.495  -1.795  15.212  1.00 59.71 ? 68  SER A OG  1 
ATOM   559  N  N   . MET A 1 81  ? -2.596  -3.758  11.955  1.00 25.35 ? 69  MET A N   1 
ATOM   560  C  CA  . MET A 1 81  ? -3.433  -4.690  11.242  1.00 31.69 ? 69  MET A CA  1 
ATOM   561  C  C   . MET A 1 81  ? -2.583  -5.889  10.881  1.00 29.37 ? 69  MET A C   1 
ATOM   562  O  O   . MET A 1 81  ? -1.415  -5.723  10.588  1.00 26.88 ? 69  MET A O   1 
ATOM   563  C  CB  . MET A 1 81  ? -3.836  -3.931  9.979   1.00 35.03 ? 69  MET A CB  1 
ATOM   564  C  CG  . MET A 1 81  ? -4.909  -4.417  9.176   1.00 49.44 ? 69  MET A CG  1 
ATOM   565  S  SD  . MET A 1 81  ? -4.914  -3.177  7.861   1.00 27.89 ? 69  MET A SD  1 
ATOM   566  C  CE  . MET A 1 81  ? -5.323  -1.721  8.678   1.00 26.48 ? 69  MET A CE  1 
ATOM   567  N  N   . VAL A 1 82  ? -3.153  -7.088  10.878  1.00 23.06 ? 70  VAL A N   1 
ATOM   568  C  CA  . VAL A 1 82  ? -2.380  -8.275  10.522  1.00 22.58 ? 70  VAL A CA  1 
ATOM   569  C  C   . VAL A 1 82  ? -2.872  -8.864  9.225   1.00 28.62 ? 70  VAL A C   1 
ATOM   570  O  O   . VAL A 1 82  ? -4.058  -9.166  9.100   1.00 26.04 ? 70  VAL A O   1 
ATOM   571  C  CB  . VAL A 1 82  ? -2.468  -9.382  11.591  1.00 23.86 ? 70  VAL A CB  1 
ATOM   572  C  CG1 . VAL A 1 82  ? -1.814  -10.675 11.075  1.00 27.17 ? 70  VAL A CG1 1 
ATOM   573  C  CG2 . VAL A 1 82  ? -1.784  -8.915  12.851  1.00 33.64 ? 70  VAL A CG2 1 
ATOM   574  N  N   . ALA A 1 83  ? -1.964  -9.019  8.260   1.00 21.72 ? 71  ALA A N   1 
ATOM   575  C  CA  . ALA A 1 83  ? -2.336  -9.597  6.953   1.00 25.68 ? 71  ALA A CA  1 
ATOM   576  C  C   . ALA A 1 83  ? -1.841  -11.016 6.876   1.00 26.68 ? 71  ALA A C   1 
ATOM   577  O  O   . ALA A 1 83  ? -0.641  -11.272 7.043   1.00 25.87 ? 71  ALA A O   1 
ATOM   578  C  CB  . ALA A 1 83  ? -1.729  -8.778  5.779   1.00 25.38 ? 71  ALA A CB  1 
ATOM   579  N  N   . ASP A 1 84  ? -2.747  -11.951 6.627   1.00 25.66 ? 72  ASP A N   1 
ATOM   580  C  CA  . ASP A 1 84  ? -2.394  -13.362 6.524   1.00 22.83 ? 72  ASP A CA  1 
ATOM   581  C  C   . ASP A 1 84  ? -2.149  -13.800 5.078   1.00 25.01 ? 72  ASP A C   1 
ATOM   582  O  O   . ASP A 1 84  ? -2.792  -13.317 4.112   1.00 26.53 ? 72  ASP A O   1 
ATOM   583  C  CB  . ASP A 1 84  ? -3.538  -14.230 7.102   1.00 25.61 ? 72  ASP A CB  1 
ATOM   584  C  CG  . ASP A 1 84  ? -3.789  -13.944 8.583   1.00 37.31 ? 72  ASP A CG  1 
ATOM   585  O  OD1 . ASP A 1 84  ? -2.877  -14.164 9.416   1.00 40.13 ? 72  ASP A OD1 1 
ATOM   586  O  OD2 . ASP A 1 84  ? -4.885  -13.480 8.925   1.00 41.67 ? 72  ASP A OD2 1 
ATOM   587  N  N   . LYS A 1 85  ? -1.228  -14.730 4.907   1.00 23.96 ? 73  LYS A N   1 
ATOM   588  C  CA  . LYS A 1 85  ? -0.974  -15.266 3.574   1.00 30.06 ? 73  LYS A CA  1 
ATOM   589  C  C   . LYS A 1 85  ? -2.229  -16.022 3.165   1.00 33.96 ? 73  LYS A C   1 
ATOM   590  O  O   . LYS A 1 85  ? -2.893  -16.612 4.010   1.00 31.34 ? 73  LYS A O   1 
ATOM   591  C  CB  . LYS A 1 85  ? 0.199   -16.254 3.593   1.00 39.25 ? 73  LYS A CB  1 
ATOM   592  C  CG  . LYS A 1 85  ? 1.510   -15.642 3.976   1.00 43.65 ? 73  LYS A CG  1 
ATOM   593  C  CD  . LYS A 1 85  ? 2.699   -16.593 3.856   1.00 52.30 ? 73  LYS A CD  1 
ATOM   594  C  CE  . LYS A 1 85  ? 2.902   -17.067 2.420   1.00 68.98 ? 73  LYS A CE  1 
ATOM   595  N  NZ  . LYS A 1 85  ? 2.967   -15.955 1.389   1.00 76.66 ? 73  LYS A NZ  1 
ATOM   596  N  N   . THR A 1 86  ? -2.584  -15.982 1.888   1.00 34.25 ? 74  THR A N   1 
ATOM   597  C  CA  . THR A 1 86  ? -3.764  -16.721 1.413   1.00 36.23 ? 74  THR A CA  1 
ATOM   598  C  C   . THR A 1 86  ? -3.234  -17.952 0.668   1.00 38.90 ? 74  THR A C   1 
ATOM   599  O  O   . THR A 1 86  ? -2.036  -18.223 0.706   1.00 32.32 ? 74  THR A O   1 
ATOM   600  C  CB  . THR A 1 86  ? -4.607  -15.906 0.432   1.00 33.33 ? 74  THR A CB  1 
ATOM   601  O  OG1 . THR A 1 86  ? -3.887  -15.717 -0.784  1.00 33.24 ? 74  THR A OG1 1 
ATOM   602  C  CG2 . THR A 1 86  ? -5.018  -14.559 1.049   1.00 34.82 ? 74  THR A CG2 1 
ATOM   603  N  N   . GLU A 1 87  ? -4.120  -18.657 -0.042  1.00 39.51 ? 75  GLU A N   1 
ATOM   604  C  CA  . GLU A 1 87  ? -3.731  -19.840 -0.793  1.00 43.13 ? 75  GLU A CA  1 
ATOM   605  C  C   . GLU A 1 87  ? -2.899  -19.477 -2.017  1.00 44.10 ? 75  GLU A C   1 
ATOM   606  O  O   . GLU A 1 87  ? -2.229  -20.345 -2.584  1.00 40.61 ? 75  GLU A O   1 
ATOM   607  C  CB  . GLU A 1 87  ? -4.981  -20.641 -1.209  1.00 46.58 ? 75  GLU A CB  1 
ATOM   608  C  CG  . GLU A 1 87  ? -5.761  -21.222 -0.001  1.00 62.49 ? 75  GLU A CG  1 
ATOM   609  C  CD  . GLU A 1 87  ? -7.031  -22.011 -0.386  1.00 79.74 ? 75  GLU A CD  1 
ATOM   610  O  OE1 . GLU A 1 87  ? -7.972  -21.413 -0.966  1.00 90.90 ? 75  GLU A OE1 1 
ATOM   611  O  OE2 . GLU A 1 87  ? -7.091  -23.233 -0.098  1.00 83.01 ? 75  GLU A OE2 1 
ATOM   612  N  N   . LYS A 1 88  ? -2.942  -18.226 -2.468  1.00 32.47 ? 76  LYS A N   1 
ATOM   613  C  CA  . LYS A 1 88  ? -2.093  -17.903 -3.612  1.00 36.46 ? 76  LYS A CA  1 
ATOM   614  C  C   . LYS A 1 88  ? -0.799  -17.237 -3.160  1.00 35.83 ? 76  LYS A C   1 
ATOM   615  O  O   . LYS A 1 88  ? -0.813  -16.323 -2.355  1.00 32.92 ? 76  LYS A O   1 
ATOM   616  C  CB  . LYS A 1 88  ? -2.825  -17.036 -4.628  1.00 48.46 ? 76  LYS A CB  1 
ATOM   617  C  CG  . LYS A 1 88  ? -3.714  -15.997 -4.069  1.00 64.61 ? 76  LYS A CG  1 
ATOM   618  C  CD  . LYS A 1 88  ? -4.429  -15.289 -5.210  1.00 72.59 ? 76  LYS A CD  1 
ATOM   619  C  CE  . LYS A 1 88  ? -5.547  -16.152 -5.774  1.00 72.26 ? 76  LYS A CE  1 
ATOM   620  N  NZ  . LYS A 1 88  ? -6.557  -16.509 -4.734  1.00 75.82 ? 76  LYS A NZ  1 
ATOM   621  N  N   . ALA A 1 89  ? 0.332   -17.714 -3.667  1.00 33.36 ? 77  ALA A N   1 
ATOM   622  C  CA  . ALA A 1 89  ? 1.624   -17.157 -3.252  1.00 33.85 ? 77  ALA A CA  1 
ATOM   623  C  C   . ALA A 1 89  ? 1.698   -15.651 -3.553  1.00 27.03 ? 77  ALA A C   1 
ATOM   624  O  O   . ALA A 1 89  ? 1.243   -15.188 -4.590  1.00 32.66 ? 77  ALA A O   1 
ATOM   625  C  CB  . ALA A 1 89  ? 2.780   -17.885 -3.965  1.00 36.50 ? 77  ALA A CB  1 
ATOM   626  N  N   . GLY A 1 90  ? 2.313   -14.908 -2.644  1.00 30.47 ? 78  GLY A N   1 
ATOM   627  C  CA  . GLY A 1 90  ? 2.412   -13.482 -2.869  1.00 29.49 ? 78  GLY A CA  1 
ATOM   628  C  C   . GLY A 1 90  ? 1.138   -12.714 -2.554  1.00 31.42 ? 78  GLY A C   1 
ATOM   629  O  O   . GLY A 1 90  ? 1.166   -11.493 -2.641  1.00 23.38 ? 78  GLY A O   1 
ATOM   630  N  N   . GLU A 1 91  ? 0.025   -13.388 -2.229  1.00 23.92 ? 79  GLU A N   1 
ATOM   631  C  CA  . GLU A 1 91  ? -1.193  -12.653 -1.878  1.00 25.06 ? 79  GLU A CA  1 
ATOM   632  C  C   . GLU A 1 91  ? -1.471  -12.730 -0.390  1.00 25.78 ? 79  GLU A C   1 
ATOM   633  O  O   . GLU A 1 91  ? -1.284  -13.801 0.253   1.00 23.63 ? 79  GLU A O   1 
ATOM   634  C  CB  . GLU A 1 91  ? -2.412  -13.195 -2.632  1.00 23.32 ? 79  GLU A CB  1 
ATOM   635  C  CG  . GLU A 1 91  ? -3.660  -12.328 -2.465  1.00 27.95 ? 79  GLU A CG  1 
ATOM   636  C  CD  . GLU A 1 91  ? -4.847  -12.890 -3.217  1.00 39.90 ? 79  GLU A CD  1 
ATOM   637  O  OE1 . GLU A 1 91  ? -5.216  -12.311 -4.260  1.00 38.15 ? 79  GLU A OE1 1 
ATOM   638  O  OE2 . GLU A 1 91  ? -5.384  -13.926 -2.761  1.00 39.00 ? 79  GLU A OE2 1 
ATOM   639  N  N   . TYR A 1 92  ? -1.901  -11.606 0.173   1.00 20.55 ? 80  TYR A N   1 
ATOM   640  C  CA  . TYR A 1 92  ? -2.248  -11.502 1.576   1.00 18.69 ? 80  TYR A CA  1 
ATOM   641  C  C   . TYR A 1 92  ? -3.675  -10.997 1.746   1.00 22.87 ? 80  TYR A C   1 
ATOM   642  O  O   . TYR A 1 92  ? -4.207  -10.273 0.873   1.00 25.36 ? 80  TYR A O   1 
ATOM   643  C  CB  . TYR A 1 92  ? -1.310  -10.539 2.303   1.00 23.21 ? 80  TYR A CB  1 
ATOM   644  C  CG  . TYR A 1 92  ? 0.107   -11.046 2.327   1.00 22.10 ? 80  TYR A CG  1 
ATOM   645  C  CD1 . TYR A 1 92  ? 0.938   -10.896 1.240   1.00 25.62 ? 80  TYR A CD1 1 
ATOM   646  C  CD2 . TYR A 1 92  ? 0.570   -11.759 3.423   1.00 28.29 ? 80  TYR A CD2 1 
ATOM   647  C  CE1 . TYR A 1 92  ? 2.262   -11.456 1.242   1.00 31.03 ? 80  TYR A CE1 1 
ATOM   648  C  CE2 . TYR A 1 92  ? 1.829   -12.314 3.434   1.00 32.52 ? 80  TYR A CE2 1 
ATOM   649  C  CZ  . TYR A 1 92  ? 2.677   -12.158 2.353   1.00 33.46 ? 80  TYR A CZ  1 
ATOM   650  O  OH  . TYR A 1 92  ? 3.964   -12.665 2.460   1.00 31.20 ? 80  TYR A OH  1 
ATOM   651  N  N   . SER A 1 93  ? -4.315  -11.377 2.848   1.00 22.44 ? 81  SER A N   1 
ATOM   652  C  CA  . SER A 1 93  ? -5.658  -10.864 3.093   1.00 20.52 ? 81  SER A CA  1 
ATOM   653  C  C   . SER A 1 93  ? -5.718  -10.225 4.468   1.00 25.01 ? 81  SER A C   1 
ATOM   654  O  O   . SER A 1 93  ? -4.965  -10.563 5.400   1.00 23.21 ? 81  SER A O   1 
ATOM   655  C  CB  . SER A 1 93  ? -6.740  -11.972 3.011   1.00 23.14 ? 81  SER A CB  1 
ATOM   656  O  OG  . SER A 1 93  ? -6.479  -12.955 3.982   1.00 23.59 ? 81  SER A OG  1 
ATOM   657  N  N   . VAL A 1 94  ? -6.636  -9.288  4.610   1.00 19.80 ? 82  VAL A N   1 
ATOM   658  C  CA  . VAL A 1 94  ? -6.812  -8.609  5.901   1.00 21.74 ? 82  VAL A CA  1 
ATOM   659  C  C   . VAL A 1 94  ? -8.173  -7.972  6.012   1.00 25.29 ? 82  VAL A C   1 
ATOM   660  O  O   . VAL A 1 94  ? -8.715  -7.407  5.020   1.00 21.01 ? 82  VAL A O   1 
ATOM   661  C  CB  . VAL A 1 94  ? -5.703  -7.522  6.147   1.00 25.71 ? 82  VAL A CB  1 
ATOM   662  C  CG1 . VAL A 1 94  ? -5.838  -6.407  5.113   1.00 25.63 ? 82  VAL A CG1 1 
ATOM   663  C  CG2 . VAL A 1 94  ? -5.857  -6.909  7.562   1.00 25.76 ? 82  VAL A CG2 1 
ATOM   664  N  N   . THR A 1 95  ? -8.771  -8.121  7.190   1.00 23.53 ? 83  THR A N   1 
ATOM   665  C  CA  . THR A 1 95  ? -10.048 -7.475  7.461   1.00 24.77 ? 83  THR A CA  1 
ATOM   666  C  C   . THR A 1 95  ? -9.846  -6.044  7.974   1.00 25.65 ? 83  THR A C   1 
ATOM   667  O  O   . THR A 1 95  ? -9.177  -5.819  8.994   1.00 26.05 ? 83  THR A O   1 
ATOM   668  C  CB  . THR A 1 95  ? -10.852 -8.258  8.472   1.00 28.49 ? 83  THR A CB  1 
ATOM   669  O  OG1 . THR A 1 95  ? -11.256 -9.495  7.890   1.00 29.23 ? 83  THR A OG1 1 
ATOM   670  C  CG2 . THR A 1 95  ? -12.105 -7.499  8.846   1.00 28.92 ? 83  THR A CG2 1 
ATOM   671  N  N   . TYR A 1 96  ? -10.407 -5.079  7.242   1.00 20.26 ? 84  TYR A N   1 
ATOM   672  C  CA  . TYR A 1 96  ? -10.331 -3.659  7.556   1.00 21.36 ? 84  TYR A CA  1 
ATOM   673  C  C   . TYR A 1 96  ? -11.344 -2.941  6.634   1.00 22.96 ? 84  TYR A C   1 
ATOM   674  O  O   . TYR A 1 96  ? -11.167 -2.888  5.425   1.00 22.25 ? 84  TYR A O   1 
ATOM   675  C  CB  . TYR A 1 96  ? -8.935  -3.118  7.286   1.00 24.17 ? 84  TYR A CB  1 
ATOM   676  C  CG  . TYR A 1 96  ? -8.855  -1.627  7.511   1.00 18.92 ? 84  TYR A CG  1 
ATOM   677  C  CD1 . TYR A 1 96  ? -8.961  -1.090  8.788   1.00 24.96 ? 84  TYR A CD1 1 
ATOM   678  C  CD2 . TYR A 1 96  ? -8.779  -0.756  6.439   1.00 25.10 ? 84  TYR A CD2 1 
ATOM   679  C  CE1 . TYR A 1 96  ? -8.999  0.235   8.989   1.00 23.20 ? 84  TYR A CE1 1 
ATOM   680  C  CE2 . TYR A 1 96  ? -8.821  0.599   6.620   1.00 25.02 ? 84  TYR A CE2 1 
ATOM   681  C  CZ  . TYR A 1 96  ? -8.932  1.106   7.898   1.00 25.64 ? 84  TYR A CZ  1 
ATOM   682  O  OH  . TYR A 1 96  ? -8.967  2.459   8.116   1.00 24.62 ? 84  TYR A OH  1 
ATOM   683  N  N   . ASP A 1 97  ? -12.380 -2.350  7.234   1.00 19.27 ? 85  ASP A N   1 
ATOM   684  C  CA  . ASP A 1 97  ? -13.422 -1.672  6.491   1.00 21.60 ? 85  ASP A CA  1 
ATOM   685  C  C   . ASP A 1 97  ? -13.828 -2.530  5.278   1.00 21.60 ? 85  ASP A C   1 
ATOM   686  O  O   . ASP A 1 97  ? -13.931 -2.046  4.160   1.00 21.83 ? 85  ASP A O   1 
ATOM   687  C  CB  . ASP A 1 97  ? -12.942 -0.299  6.022   1.00 28.76 ? 85  ASP A CB  1 
ATOM   688  C  CG  . ASP A 1 97  ? -14.094 0.572   5.513   1.00 35.64 ? 85  ASP A CG  1 
ATOM   689  O  OD1 . ASP A 1 97  ? -15.225 0.438   6.037   1.00 27.89 ? 85  ASP A OD1 1 
ATOM   690  O  OD2 . ASP A 1 97  ? -13.870 1.407   4.615   1.00 28.89 ? 85  ASP A OD2 1 
ATOM   691  N  N   . GLY A 1 98  ? -14.095 -3.797  5.556   1.00 19.15 ? 86  GLY A N   1 
ATOM   692  C  CA  . GLY A 1 98  ? -14.439 -4.790  4.539   1.00 18.50 ? 86  GLY A CA  1 
ATOM   693  C  C   . GLY A 1 98  ? -13.347 -5.865  4.479   1.00 20.78 ? 86  GLY A C   1 
ATOM   694  O  O   . GLY A 1 98  ? -12.446 -5.966  5.370   1.00 22.88 ? 86  GLY A O   1 
ATOM   695  N  N   . PHE A 1 99  ? -13.410 -6.686  3.423   1.00 18.24 ? 87  PHE A N   1 
ATOM   696  C  CA  . PHE A 1 99  ? -12.464 -7.781  3.247   1.00 20.31 ? 87  PHE A CA  1 
ATOM   697  C  C   . PHE A 1 99  ? -11.478 -7.340  2.149   1.00 20.63 ? 87  PHE A C   1 
ATOM   698  O  O   . PHE A 1 99  ? -11.892 -6.974  1.064   1.00 21.57 ? 87  PHE A O   1 
ATOM   699  C  CB  . PHE A 1 99  ? -13.195 -9.035  2.777   1.00 20.07 ? 87  PHE A CB  1 
ATOM   700  C  CG  . PHE A 1 99  ? -12.277 -10.154 2.378   1.00 21.24 ? 87  PHE A CG  1 
ATOM   701  C  CD1 . PHE A 1 99  ? -11.458 -10.803 3.352   1.00 22.84 ? 87  PHE A CD1 1 
ATOM   702  C  CD2 . PHE A 1 99  ? -12.212 -10.564 1.058   1.00 23.29 ? 87  PHE A CD2 1 
ATOM   703  C  CE1 . PHE A 1 99  ? -10.608 -11.819 2.971   1.00 26.45 ? 87  PHE A CE1 1 
ATOM   704  C  CE2 . PHE A 1 99  ? -11.372 -11.587 0.665   1.00 25.73 ? 87  PHE A CE2 1 
ATOM   705  C  CZ  . PHE A 1 99  ? -10.549 -12.222 1.650   1.00 24.62 ? 87  PHE A CZ  1 
ATOM   706  N  N   . ASN A 1 100 ? -10.188 -7.392  2.479   1.00 18.67 ? 88  ASN A N   1 
ATOM   707  C  CA  . ASN A 1 100 ? -9.133  -6.987  1.521   1.00 20.88 ? 88  ASN A CA  1 
ATOM   708  C  C   . ASN A 1 100 ? -8.155  -8.088  1.162   1.00 18.69 ? 88  ASN A C   1 
ATOM   709  O  O   . ASN A 1 100 ? -7.810  -8.927  2.021   1.00 21.43 ? 88  ASN A O   1 
ATOM   710  C  CB  . ASN A 1 100 ? -8.280  -5.863  2.136   1.00 16.24 ? 88  ASN A CB  1 
ATOM   711  C  CG  . ASN A 1 100 ? -9.111  -4.706  2.651   1.00 19.10 ? 88  ASN A CG  1 
ATOM   712  O  OD1 . ASN A 1 100 ? -9.533  -3.830  1.883   1.00 20.74 ? 88  ASN A OD1 1 
ATOM   713  N  ND2 . ASN A 1 100 ? -9.340  -4.680  3.976   1.00 20.87 ? 88  ASN A ND2 1 
ATOM   714  N  N   . THR A 1 101 ? -7.679  -8.073  -0.076  1.00 20.19 ? 89  THR A N   1 
ATOM   715  C  CA  . THR A 1 101 ? -6.618  -8.970  -0.498  1.00 20.44 ? 89  THR A CA  1 
ATOM   716  C  C   . THR A 1 101 ? -5.647  -8.056  -1.219  1.00 19.51 ? 89  THR A C   1 
ATOM   717  O  O   . THR A 1 101 ? -6.058  -7.075  -1.878  1.00 21.15 ? 89  THR A O   1 
ATOM   718  C  CB  . THR A 1 101 ? -7.064  -10.090 -1.455  1.00 23.05 ? 89  THR A CB  1 
ATOM   719  O  OG1 . THR A 1 101 ? -7.578  -9.509  -2.639  1.00 23.69 ? 89  THR A OG1 1 
ATOM   720  C  CG2 . THR A 1 101 ? -8.154  -10.947 -0.741  1.00 26.25 ? 89  THR A CG2 1 
ATOM   721  N  N   . PHE A 1 102 ? -4.362  -8.330  -1.066  1.00 19.48 ? 90  PHE A N   1 
ATOM   722  C  CA  . PHE A 1 102 ? -3.383  -7.529  -1.799  1.00 17.34 ? 90  PHE A CA  1 
ATOM   723  C  C   . PHE A 1 102 ? -2.150  -8.327  -2.187  1.00 17.70 ? 90  PHE A C   1 
ATOM   724  O  O   . PHE A 1 102 ? -1.857  -9.426  -1.641  1.00 19.05 ? 90  PHE A O   1 
ATOM   725  C  CB  . PHE A 1 102 ? -2.992  -6.251  -1.030  1.00 15.94 ? 90  PHE A CB  1 
ATOM   726  C  CG  . PHE A 1 102 ? -2.201  -6.513  0.240   1.00 17.49 ? 90  PHE A CG  1 
ATOM   727  C  CD1 . PHE A 1 102 ? -2.849  -6.663  1.459   1.00 17.93 ? 90  PHE A CD1 1 
ATOM   728  C  CD2 . PHE A 1 102 ? -0.808  -6.569  0.191   1.00 18.91 ? 90  PHE A CD2 1 
ATOM   729  C  CE1 . PHE A 1 102 ? -2.136  -6.863  2.651   1.00 19.90 ? 90  PHE A CE1 1 
ATOM   730  C  CE2 . PHE A 1 102 ? -0.063  -6.783  1.419   1.00 21.38 ? 90  PHE A CE2 1 
ATOM   731  C  CZ  . PHE A 1 102 ? -0.772  -6.919  2.642   1.00 21.83 ? 90  PHE A CZ  1 
ATOM   732  N  N   . THR A 1 103 ? -1.428  -7.768  -3.156  1.00 18.29 ? 91  THR A N   1 
ATOM   733  C  CA  . THR A 1 103 ? -0.189  -8.346  -3.635  1.00 18.76 ? 91  THR A CA  1 
ATOM   734  C  C   . THR A 1 103 ? 0.768   -7.157  -3.775  1.00 23.50 ? 91  THR A C   1 
ATOM   735  O  O   . THR A 1 103 ? 0.361   -5.989  -3.644  1.00 20.68 ? 91  THR A O   1 
ATOM   736  C  CB  . THR A 1 103 ? -0.309  -9.007  -4.998  1.00 18.32 ? 91  THR A CB  1 
ATOM   737  O  OG1 . THR A 1 103 ? -0.812  -8.045  -5.957  1.00 21.46 ? 91  THR A OG1 1 
ATOM   738  C  CG2 . THR A 1 103 ? -1.303  -10.235 -4.944  1.00 18.60 ? 91  THR A CG2 1 
ATOM   739  N  N   . ILE A 1 104 ? 2.038   -7.472  -3.970  1.00 17.90 ? 92  ILE A N   1 
ATOM   740  C  CA  . ILE A 1 104 ? 3.068   -6.440  -4.188  1.00 18.69 ? 92  ILE A CA  1 
ATOM   741  C  C   . ILE A 1 104 ? 3.576   -6.676  -5.623  1.00 19.26 ? 92  ILE A C   1 
ATOM   742  O  O   . ILE A 1 104 ? 4.506   -7.420  -5.863  1.00 20.23 ? 92  ILE A O   1 
ATOM   743  C  CB  . ILE A 1 104 ? 4.190   -6.586  -3.131  1.00 20.57 ? 92  ILE A CB  1 
ATOM   744  C  CG1 . ILE A 1 104 ? 3.594   -6.318  -1.730  1.00 21.24 ? 92  ILE A CG1 1 
ATOM   745  C  CG2 . ILE A 1 104 ? 5.329   -5.572  -3.447  1.00 19.55 ? 92  ILE A CG2 1 
ATOM   746  C  CD1 . ILE A 1 104 ? 4.501   -6.747  -0.601  1.00 29.50 ? 92  ILE A CD1 1 
ATOM   747  N  N   . PRO A 1 105 ? 2.957   -5.991  -6.611  1.00 21.80 ? 93  PRO A N   1 
ATOM   748  C  CA  . PRO A 1 105 ? 3.390   -6.197  -7.990  1.00 20.61 ? 93  PRO A CA  1 
ATOM   749  C  C   . PRO A 1 105 ? 4.838   -5.766  -8.274  1.00 18.14 ? 93  PRO A C   1 
ATOM   750  O  O   . PRO A 1 105 ? 5.438   -6.278  -9.216  1.00 18.53 ? 93  PRO A O   1 
ATOM   751  C  CB  . PRO A 1 105 ? 2.398   -5.382  -8.829  1.00 23.61 ? 93  PRO A CB  1 
ATOM   752  C  CG  . PRO A 1 105 ? 1.347   -4.920  -7.897  1.00 35.99 ? 93  PRO A CG  1 
ATOM   753  C  CD  . PRO A 1 105 ? 1.792   -5.078  -6.514  1.00 22.87 ? 93  PRO A CD  1 
ATOM   754  N  N   . LYS A 1 106 ? 5.406   -4.831  -7.504  1.00 18.09 ? 94  LYS A N   1 
ATOM   755  C  CA  . LYS A 1 106 ? 6.803   -4.457  -7.816  1.00 15.61 ? 94  LYS A CA  1 
ATOM   756  C  C   . LYS A 1 106 ? 7.458   -3.859  -6.607  1.00 18.53 ? 94  LYS A C   1 
ATOM   757  O  O   . LYS A 1 106 ? 6.844   -3.027  -5.893  1.00 20.54 ? 94  LYS A O   1 
ATOM   758  C  CB  . LYS A 1 106 ? 6.798   -3.382  -8.946  1.00 19.50 ? 94  LYS A CB  1 
ATOM   759  C  CG  . LYS A 1 106 ? 8.176   -3.169  -9.627  1.00 32.38 ? 94  LYS A CG  1 
ATOM   760  C  CD  . LYS A 1 106 ? 8.746   -4.488  -10.148 1.00 42.54 ? 94  LYS A CD  1 
ATOM   761  C  CE  . LYS A 1 106 ? 7.862   -5.106  -11.215 1.00 50.48 ? 94  LYS A CE  1 
ATOM   762  N  NZ  . LYS A 1 106 ? 8.415   -6.385  -11.726 1.00 50.03 ? 94  LYS A NZ  1 
ATOM   763  N  N   . THR A 1 107 ? 8.668   -4.294  -6.314  1.00 19.92 ? 95  THR A N   1 
ATOM   764  C  CA  . THR A 1 107 ? 9.413   -3.643  -5.233  1.00 20.97 ? 95  THR A CA  1 
ATOM   765  C  C   . THR A 1 107 ? 10.897  -3.845  -5.548  1.00 21.29 ? 95  THR A C   1 
ATOM   766  O  O   . THR A 1 107 ? 11.240  -4.823  -6.212  1.00 20.03 ? 95  THR A O   1 
ATOM   767  C  CB  . THR A 1 107 ? 9.118   -4.236  -3.810  1.00 21.93 ? 95  THR A CB  1 
ATOM   768  O  OG1 . THR A 1 107 ? 9.971   -3.593  -2.831  1.00 20.44 ? 95  THR A OG1 1 
ATOM   769  C  CG2 . THR A 1 107 ? 9.438   -5.769  -3.725  1.00 18.72 ? 95  THR A CG2 1 
ATOM   770  N  N   . ASP A 1 108 ? 11.752  -2.901  -5.119  1.00 18.76 ? 96  ASP A N   1 
ATOM   771  C  CA  . ASP A 1 108 ? 13.182  -3.114  -5.278  1.00 20.00 ? 96  ASP A CA  1 
ATOM   772  C  C   . ASP A 1 108 ? 13.789  -3.315  -3.862  1.00 22.76 ? 96  ASP A C   1 
ATOM   773  O  O   . ASP A 1 108 ? 15.011  -3.319  -3.703  1.00 20.30 ? 96  ASP A O   1 
ATOM   774  C  CB  . ASP A 1 108 ? 13.850  -1.973  -6.006  1.00 19.96 ? 96  ASP A CB  1 
ATOM   775  C  CG  . ASP A 1 108 ? 13.972  -0.745  -5.170  1.00 22.34 ? 96  ASP A CG  1 
ATOM   776  O  OD1 . ASP A 1 108 ? 13.237  -0.585  -4.192  1.00 18.88 ? 96  ASP A OD1 1 
ATOM   777  O  OD2 . ASP A 1 108 ? 14.808  0.111   -5.537  1.00 22.39 ? 96  ASP A OD2 1 
ATOM   778  N  N   . TYR A 1 109 ? 12.903  -3.465  -2.862  1.00 19.74 ? 97  TYR A N   1 
ATOM   779  C  CA  . TYR A 1 109 ? 13.243  -3.705  -1.462  1.00 20.33 ? 97  TYR A CA  1 
ATOM   780  C  C   . TYR A 1 109 ? 13.926  -2.534  -0.748  1.00 20.44 ? 97  TYR A C   1 
ATOM   781  O  O   . TYR A 1 109 ? 13.544  -2.205  0.356   1.00 23.15 ? 97  TYR A O   1 
ATOM   782  C  CB  . TYR A 1 109 ? 14.143  -4.944  -1.272  1.00 19.34 ? 97  TYR A CB  1 
ATOM   783  C  CG  . TYR A 1 109 ? 13.626  -6.215  -1.872  1.00 19.00 ? 97  TYR A CG  1 
ATOM   784  C  CD1 . TYR A 1 109 ? 12.448  -6.816  -1.395  1.00 23.04 ? 97  TYR A CD1 1 
ATOM   785  C  CD2 . TYR A 1 109 ? 14.320  -6.847  -2.904  1.00 20.31 ? 97  TYR A CD2 1 
ATOM   786  C  CE1 . TYR A 1 109 ? 11.978  -8.054  -1.957  1.00 20.79 ? 97  TYR A CE1 1 
ATOM   787  C  CE2 . TYR A 1 109 ? 13.869  -8.058  -3.454  1.00 26.31 ? 97  TYR A CE2 1 
ATOM   788  C  CZ  . TYR A 1 109 ? 12.691  -8.653  -2.956  1.00 24.64 ? 97  TYR A CZ  1 
ATOM   789  O  OH  . TYR A 1 109 ? 12.294  -9.890  -3.424  1.00 23.95 ? 97  TYR A OH  1 
ATOM   790  N  N   . ASP A 1 110 ? 14.900  -1.918  -1.397  1.00 18.77 ? 98  ASP A N   1 
ATOM   791  C  CA  . ASP A 1 110 ? 15.692  -0.832  -0.808  1.00 19.31 ? 98  ASP A CA  1 
ATOM   792  C  C   . ASP A 1 110 ? 15.199  0.591   -0.960  1.00 21.57 ? 98  ASP A C   1 
ATOM   793  O  O   . ASP A 1 110 ? 15.648  1.488   -0.265  1.00 21.37 ? 98  ASP A O   1 
ATOM   794  C  CB  . ASP A 1 110 ? 17.107  -0.885  -1.382  1.00 22.08 ? 98  ASP A CB  1 
ATOM   795  C  CG  . ASP A 1 110 ? 17.795  -2.170  -1.087  1.00 23.42 ? 98  ASP A CG  1 
ATOM   796  O  OD1 . ASP A 1 110 ? 17.636  -2.669  0.022   1.00 25.00 ? 98  ASP A OD1 1 
ATOM   797  O  OD2 . ASP A 1 110 ? 18.494  -2.672  -1.973  1.00 25.62 ? 98  ASP A OD2 1 
ATOM   798  N  N   . ASN A 1 111 ? 14.308  0.818   -1.908  1.00 16.26 ? 99  ASN A N   1 
ATOM   799  C  CA  . ASN A 1 111 ? 13.746  2.148   -2.118  1.00 17.05 ? 99  ASN A CA  1 
ATOM   800  C  C   . ASN A 1 111 ? 12.243  2.163   -2.063  1.00 16.47 ? 99  ASN A C   1 
ATOM   801  O  O   . ASN A 1 111 ? 11.658  2.890   -1.275  1.00 16.06 ? 99  ASN A O   1 
ATOM   802  C  CB  . ASN A 1 111 ? 14.125  2.699   -3.474  1.00 20.78 ? 99  ASN A CB  1 
ATOM   803  C  CG  . ASN A 1 111 ? 15.584  3.071   -3.550  1.00 26.56 ? 99  ASN A CG  1 
ATOM   804  O  OD1 . ASN A 1 111 ? 16.033  4.051   -2.913  1.00 26.52 ? 99  ASN A OD1 1 
ATOM   805  N  ND2 . ASN A 1 111 ? 16.340  2.308   -4.313  1.00 24.09 ? 99  ASN A ND2 1 
ATOM   806  N  N   . PHE A 1 112 ? 11.614  1.358   -2.925  1.00 17.76 ? 100 PHE A N   1 
ATOM   807  C  CA  . PHE A 1 112 ? 10.137  1.425   -3.017  1.00 15.91 ? 100 PHE A CA  1 
ATOM   808  C  C   . PHE A 1 112 ? 9.421   0.110   -2.944  1.00 19.87 ? 100 PHE A C   1 
ATOM   809  O  O   . PHE A 1 112 ? 10.009  -0.972  -3.169  1.00 19.30 ? 100 PHE A O   1 
ATOM   810  C  CB  . PHE A 1 112 ? 9.717   2.110   -4.358  1.00 16.26 ? 100 PHE A CB  1 
ATOM   811  C  CG  . PHE A 1 112 ? 9.985   1.243   -5.601  1.00 17.36 ? 100 PHE A CG  1 
ATOM   812  C  CD1 . PHE A 1 112 ? 9.036   0.298   -6.017  1.00 18.15 ? 100 PHE A CD1 1 
ATOM   813  C  CD2 . PHE A 1 112 ? 11.188  1.326   -6.309  1.00 19.04 ? 100 PHE A CD2 1 
ATOM   814  C  CE1 . PHE A 1 112 ? 9.296   -0.542  -7.111  1.00 17.83 ? 100 PHE A CE1 1 
ATOM   815  C  CE2 . PHE A 1 112 ? 11.464  0.468   -7.433  1.00 20.71 ? 100 PHE A CE2 1 
ATOM   816  C  CZ  . PHE A 1 112 ? 10.507  -0.466  -7.824  1.00 21.37 ? 100 PHE A CZ  1 
ATOM   817  N  N   . LEU A 1 113 ? 8.131   0.225   -2.627  1.00 19.22 ? 101 LEU A N   1 
ATOM   818  C  CA  . LEU A 1 113 ? 7.246   -0.929  -2.592  1.00 19.44 ? 101 LEU A CA  1 
ATOM   819  C  C   . LEU A 1 113 ? 5.921   -0.452  -3.241  1.00 18.49 ? 101 LEU A C   1 
ATOM   820  O  O   . LEU A 1 113 ? 5.384   0.609   -2.870  1.00 18.41 ? 101 LEU A O   1 
ATOM   821  C  CB  . LEU A 1 113 ? 7.010   -1.349  -1.148  1.00 20.18 ? 101 LEU A CB  1 
ATOM   822  C  CG  . LEU A 1 113 ? 6.290   -2.692  -1.029  1.00 25.08 ? 101 LEU A CG  1 
ATOM   823  C  CD1 . LEU A 1 113 ? 6.754   -3.373  0.236   1.00 24.87 ? 101 LEU A CD1 1 
ATOM   824  C  CD2 . LEU A 1 113 ? 4.798   -2.501  -1.144  1.00 21.41 ? 101 LEU A CD2 1 
ATOM   825  N  N   . MET A 1 114 ? 5.443   -1.208  -4.236  1.00 15.23 ? 102 MET A N   1 
ATOM   826  C  CA  . MET A 1 114 ? 4.156   -0.897  -4.899  1.00 15.55 ? 102 MET A CA  1 
ATOM   827  C  C   . MET A 1 114 ? 3.183   -2.035  -4.580  1.00 18.19 ? 102 MET A C   1 
ATOM   828  O  O   . MET A 1 114 ? 3.471   -3.199  -4.898  1.00 20.70 ? 102 MET A O   1 
ATOM   829  C  CB  . MET A 1 114 ? 4.319   -0.859  -6.390  1.00 18.30 ? 102 MET A CB  1 
ATOM   830  C  CG  . MET A 1 114 ? 5.344   0.212   -6.823  1.00 23.55 ? 102 MET A CG  1 
ATOM   831  S  SD  . MET A 1 114 ? 5.283   0.510   -8.597  1.00 19.62 ? 102 MET A SD  1 
ATOM   832  C  CE  . MET A 1 114 ? 6.770   1.658   -8.781  1.00 20.82 ? 102 MET A CE  1 
ATOM   833  N  N   . ALA A 1 115 ? 2.051   -1.689  -3.960  1.00 14.90 ? 103 ALA A N   1 
ATOM   834  C  CA  . ALA A 1 115 ? 1.001   -2.670  -3.589  1.00 14.30 ? 103 ALA A CA  1 
ATOM   835  C  C   . ALA A 1 115 ? -0.246  -2.435  -4.399  1.00 15.57 ? 103 ALA A C   1 
ATOM   836  O  O   . ALA A 1 115 ? -0.553  -1.288  -4.784  1.00 17.33 ? 103 ALA A O   1 
ATOM   837  C  CB  . ALA A 1 115 ? 0.615   -2.514  -2.095  1.00 16.15 ? 103 ALA A CB  1 
ATOM   838  N  N   . HIS A 1 116 ? -0.952  -3.553  -4.674  1.00 14.11 ? 104 HIS A N   1 
ATOM   839  C  CA  . HIS A 1 116 ? -2.240  -3.469  -5.380  1.00 17.85 ? 104 HIS A CA  1 
ATOM   840  C  C   . HIS A 1 116 ? -3.218  -4.235  -4.470  1.00 16.74 ? 104 HIS A C   1 
ATOM   841  O  O   . HIS A 1 116 ? -2.972  -5.421  -4.127  1.00 18.30 ? 104 HIS A O   1 
ATOM   842  C  CB  . HIS A 1 116 ? -2.197  -4.105  -6.779  1.00 18.42 ? 104 HIS A CB  1 
ATOM   843  C  CG  . HIS A 1 116 ? -3.559  -4.204  -7.414  1.00 23.17 ? 104 HIS A CG  1 
ATOM   844  N  ND1 . HIS A 1 116 ? -4.348  -5.335  -7.309  1.00 25.36 ? 104 HIS A ND1 1 
ATOM   845  C  CD2 . HIS A 1 116 ? -4.283  -3.299  -8.117  1.00 25.55 ? 104 HIS A CD2 1 
ATOM   846  C  CE1 . HIS A 1 116 ? -5.492  -5.124  -7.946  1.00 20.18 ? 104 HIS A CE1 1 
ATOM   847  N  NE2 . HIS A 1 116 ? -5.475  -3.899  -8.451  1.00 20.89 ? 104 HIS A NE2 1 
ATOM   848  N  N   . LEU A 1 117 ? -4.267  -3.530  -4.047  1.00 16.20 ? 105 LEU A N   1 
ATOM   849  C  CA  . LEU A 1 117 ? -5.275  -4.101  -3.117  1.00 15.16 ? 105 LEU A CA  1 
ATOM   850  C  C   . LEU A 1 117 ? -6.688  -4.048  -3.687  1.00 16.13 ? 105 LEU A C   1 
ATOM   851  O  O   . LEU A 1 117 ? -7.069  -3.112  -4.399  1.00 17.00 ? 105 LEU A O   1 
ATOM   852  C  CB  . LEU A 1 117 ? -5.250  -3.324  -1.810  1.00 18.60 ? 105 LEU A CB  1 
ATOM   853  C  CG  . LEU A 1 117 ? -6.302  -3.663  -0.738  1.00 16.36 ? 105 LEU A CG  1 
ATOM   854  C  CD1 . LEU A 1 117 ? -5.692  -3.382  0.627   1.00 18.02 ? 105 LEU A CD1 1 
ATOM   855  C  CD2 . LEU A 1 117 ? -7.538  -2.862  -0.890  1.00 16.44 ? 105 LEU A CD2 1 
ATOM   856  N  N   . ILE A 1 118 ? -7.466  -5.086  -3.379  1.00 16.65 ? 106 ILE A N   1 
ATOM   857  C  CA  . ILE A 1 118 ? -8.865  -5.122  -3.804  1.00 13.48 ? 106 ILE A CA  1 
ATOM   858  C  C   . ILE A 1 118 ? -9.662  -5.178  -2.464  1.00 16.18 ? 106 ILE A C   1 
ATOM   859  O  O   . ILE A 1 118 ? -9.418  -6.016  -1.545  1.00 16.54 ? 106 ILE A O   1 
ATOM   860  C  CB  . ILE A 1 118 ? -9.189  -6.428  -4.539  1.00 13.89 ? 106 ILE A CB  1 
ATOM   861  C  CG1 . ILE A 1 118 ? -8.427  -6.491  -5.874  1.00 18.61 ? 106 ILE A CG1 1 
ATOM   862  C  CG2 . ILE A 1 118 ? -10.745 -6.568  -4.676  1.00 17.91 ? 106 ILE A CG2 1 
ATOM   863  C  CD1 . ILE A 1 118 ? -8.861  -5.330  -6.829  1.00 19.56 ? 106 ILE A CD1 1 
ATOM   864  N  N   . ASN A 1 119 ? -10.556 -4.239  -2.321  1.00 15.01 ? 107 ASN A N   1 
ATOM   865  C  CA  . ASN A 1 119 ? -11.441 -4.207  -1.125  1.00 17.55 ? 107 ASN A CA  1 
ATOM   866  C  C   . ASN A 1 119 ? -12.836 -4.607  -1.521  1.00 18.57 ? 107 ASN A C   1 
ATOM   867  O  O   . ASN A 1 119 ? -13.291 -4.236  -2.597  1.00 16.97 ? 107 ASN A O   1 
ATOM   868  C  CB  . ASN A 1 119 ? -11.493 -2.798  -0.556  1.00 17.89 ? 107 ASN A CB  1 
ATOM   869  C  CG  . ASN A 1 119 ? -12.554 -2.644  0.568   1.00 20.25 ? 107 ASN A CG  1 
ATOM   870  O  OD1 . ASN A 1 119 ? -13.720 -2.280  0.313   1.00 20.92 ? 107 ASN A OD1 1 
ATOM   871  N  ND2 . ASN A 1 119 ? -12.139 -2.881  1.805   1.00 19.03 ? 107 ASN A ND2 1 
ATOM   872  N  N   . GLU A 1 120 ? -13.539 -5.300  -0.623  1.00 19.93 ? 108 GLU A N   1 
ATOM   873  C  CA  . GLU A 1 120 ? -14.910 -5.705  -0.882  1.00 18.45 ? 108 GLU A CA  1 
ATOM   874  C  C   . GLU A 1 120 ? -15.666 -5.405  0.419   1.00 15.37 ? 108 GLU A C   1 
ATOM   875  O  O   . GLU A 1 120 ? -15.314 -5.922  1.500   1.00 17.25 ? 108 GLU A O   1 
ATOM   876  C  CB  . GLU A 1 120 ? -15.012 -7.186  -1.175  1.00 18.06 ? 108 GLU A CB  1 
ATOM   877  C  CG  . GLU A 1 120 ? -14.268 -7.462  -2.461  1.00 17.76 ? 108 GLU A CG  1 
ATOM   878  C  CD  . GLU A 1 120 ? -14.151 -8.905  -2.842  1.00 22.87 ? 108 GLU A CD  1 
ATOM   879  O  OE1 . GLU A 1 120 ? -14.352 -9.793  -1.998  1.00 22.02 ? 108 GLU A OE1 1 
ATOM   880  O  OE2 . GLU A 1 120 ? -13.785 -9.143  -4.031  1.00 26.35 ? 108 GLU A OE2 1 
ATOM   881  N  N   . LYS A 1 121 ? -16.692 -4.590  0.270   1.00 15.86 ? 109 LYS A N   1 
ATOM   882  C  CA  . LYS A 1 121 ? -17.544 -4.186  1.431   1.00 16.13 ? 109 LYS A CA  1 
ATOM   883  C  C   . LYS A 1 121 ? -18.965 -3.997  0.942   1.00 15.04 ? 109 LYS A C   1 
ATOM   884  O  O   . LYS A 1 121 ? -19.206 -3.347  -0.088  1.00 17.89 ? 109 LYS A O   1 
ATOM   885  C  CB  . LYS A 1 121 ? -17.022 -2.858  2.018   1.00 20.59 ? 109 LYS A CB  1 
ATOM   886  C  CG  . LYS A 1 121 ? -17.780 -2.368  3.245   1.00 29.41 ? 109 LYS A CG  1 
ATOM   887  C  CD  . LYS A 1 121 ? -17.187 -1.056  3.731   1.00 50.50 ? 109 LYS A CD  1 
ATOM   888  C  CE  . LYS A 1 121 ? -18.242 -0.265  4.464   1.00 47.00 ? 109 LYS A CE  1 
ATOM   889  N  NZ  . LYS A 1 121 ? -17.738 1.042   4.994   1.00 48.06 ? 109 LYS A NZ  1 
ATOM   890  N  N   . ASP A 1 122 ? -19.914 -4.499  1.728   1.00 21.00 ? 110 ASP A N   1 
ATOM   891  C  CA  . ASP A 1 122 ? -21.333 -4.359  1.394   1.00 22.67 ? 110 ASP A CA  1 
ATOM   892  C  C   . ASP A 1 122 ? -21.673 -4.786  -0.021  1.00 20.04 ? 110 ASP A C   1 
ATOM   893  O  O   . ASP A 1 122 ? -22.538 -4.173  -0.675  1.00 19.13 ? 110 ASP A O   1 
ATOM   894  C  CB  . ASP A 1 122 ? -21.731 -2.887  1.612   1.00 22.69 ? 110 ASP A CB  1 
ATOM   895  C  CG  . ASP A 1 122 ? -21.542 -2.473  3.059   1.00 23.05 ? 110 ASP A CG  1 
ATOM   896  O  OD1 . ASP A 1 122 ? -21.206 -1.292  3.343   1.00 23.56 ? 110 ASP A OD1 1 
ATOM   897  O  OD2 . ASP A 1 122 ? -21.673 -3.361  3.912   1.00 22.82 ? 110 ASP A OD2 1 
ATOM   898  N  N   . GLY A 1 123 ? -21.005 -5.832  -0.503  1.00 18.75 ? 111 GLY A N   1 
ATOM   899  C  CA  . GLY A 1 123 ? -21.277 -6.335  -1.842  1.00 20.30 ? 111 GLY A CA  1 
ATOM   900  C  C   . GLY A 1 123 ? -20.647 -5.556  -3.004  1.00 18.42 ? 111 GLY A C   1 
ATOM   901  O  O   . GLY A 1 123 ? -20.835 -5.943  -4.147  1.00 18.61 ? 111 GLY A O   1 
ATOM   902  N  N   . GLU A 1 124 ? -19.880 -4.518  -2.682  1.00 16.31 ? 112 GLU A N   1 
ATOM   903  C  CA  . GLU A 1 124 ? -19.203 -3.666  -3.676  1.00 18.13 ? 112 GLU A CA  1 
ATOM   904  C  C   . GLU A 1 124 ? -17.696 -4.005  -3.685  1.00 20.80 ? 112 GLU A C   1 
ATOM   905  O  O   . GLU A 1 124 ? -17.212 -4.930  -2.979  1.00 18.65 ? 112 GLU A O   1 
ATOM   906  C  CB  . GLU A 1 124 ? -19.347 -2.173  -3.281  1.00 20.23 ? 112 GLU A CB  1 
ATOM   907  C  CG  . GLU A 1 124 ? -20.816 -1.781  -3.069  1.00 29.58 ? 112 GLU A CG  1 
ATOM   908  C  CD  . GLU A 1 124 ? -21.034 -0.305  -3.296  1.00 57.69 ? 112 GLU A CD  1 
ATOM   909  O  OE1 . GLU A 1 124 ? -20.389 0.505   -2.591  1.00 50.41 ? 112 GLU A OE1 1 
ATOM   910  O  OE2 . GLU A 1 124 ? -21.852 0.025   -4.187  1.00 73.02 ? 112 GLU A OE2 1 
ATOM   911  N  N   . THR A 1 125 ? -16.945 -3.241  -4.477  1.00 18.70 ? 113 THR A N   1 
ATOM   912  C  CA  . THR A 1 125 ? -15.497 -3.451  -4.514  1.00 16.23 ? 113 THR A CA  1 
ATOM   913  C  C   . THR A 1 125 ? -14.833 -2.166  -5.033  1.00 17.52 ? 113 THR A C   1 
ATOM   914  O  O   . THR A 1 125 ? -15.491 -1.307  -5.632  1.00 17.95 ? 113 THR A O   1 
ATOM   915  C  CB  . THR A 1 125 ? -15.136 -4.616  -5.506  1.00 19.91 ? 113 THR A CB  1 
ATOM   916  O  OG1 . THR A 1 125 ? -13.772 -5.033  -5.329  1.00 20.56 ? 113 THR A OG1 1 
ATOM   917  C  CG2 . THR A 1 125 ? -15.312 -4.145  -6.962  1.00 22.06 ? 113 THR A CG2 1 
ATOM   918  N  N   . PHE A 1 126 ? -13.533 -2.058  -4.785  1.00 18.28 ? 114 PHE A N   1 
ATOM   919  C  CA  . PHE A 1 126 ? -12.743 -0.993  -5.408  1.00 19.06 ? 114 PHE A CA  1 
ATOM   920  C  C   . PHE A 1 126 ? -11.267 -1.409  -5.354  1.00 18.14 ? 114 PHE A C   1 
ATOM   921  O  O   . PHE A 1 126 ? -10.884 -2.325  -4.561  1.00 17.28 ? 114 PHE A O   1 
ATOM   922  C  CB  . PHE A 1 126 ? -12.984 0.387   -4.737  1.00 19.00 ? 114 PHE A CB  1 
ATOM   923  C  CG  . PHE A 1 126 ? -12.359 0.545   -3.400  1.00 19.76 ? 114 PHE A CG  1 
ATOM   924  C  CD1 . PHE A 1 126 ? -11.043 0.915   -3.260  1.00 25.04 ? 114 PHE A CD1 1 
ATOM   925  C  CD2 . PHE A 1 126 ? -13.108 0.313   -2.243  1.00 22.26 ? 114 PHE A CD2 1 
ATOM   926  C  CE1 . PHE A 1 126 ? -10.478 1.045   -1.983  1.00 25.74 ? 114 PHE A CE1 1 
ATOM   927  C  CE2 . PHE A 1 126 ? -12.543 0.446   -0.970  1.00 23.13 ? 114 PHE A CE2 1 
ATOM   928  C  CZ  . PHE A 1 126 ? -11.244 0.808   -0.850  1.00 24.60 ? 114 PHE A CZ  1 
ATOM   929  N  N   . GLN A 1 127 ? -10.452 -0.759  -6.196  1.00 16.62 ? 115 GLN A N   1 
ATOM   930  C  CA  . GLN A 1 127 ? -9.032  -1.034  -6.221  1.00 16.99 ? 115 GLN A CA  1 
ATOM   931  C  C   . GLN A 1 127 ? -8.272  0.065   -5.509  1.00 17.11 ? 115 GLN A C   1 
ATOM   932  O  O   . GLN A 1 127 ? -8.592  1.215   -5.702  1.00 17.88 ? 115 GLN A O   1 
ATOM   933  C  CB  . GLN A 1 127 ? -8.478  -0.997  -7.628  1.00 14.35 ? 115 GLN A CB  1 
ATOM   934  C  CG  . GLN A 1 127 ? -9.070  -2.006  -8.605  1.00 16.20 ? 115 GLN A CG  1 
ATOM   935  C  CD  . GLN A 1 127 ? -8.392  -1.894  -9.906  1.00 16.81 ? 115 GLN A CD  1 
ATOM   936  O  OE1 . GLN A 1 127 ? -8.805  -1.074  -10.788 1.00 24.11 ? 115 GLN A OE1 1 
ATOM   937  N  NE2 . GLN A 1 127 ? -7.375  -2.687  -10.091 1.00 14.56 ? 115 GLN A NE2 1 
ATOM   938  N  N   . LEU A 1 128 ? -7.270  -0.312  -4.734  1.00 15.03 ? 116 LEU A N   1 
ATOM   939  C  CA  . LEU A 1 128 ? -6.361  0.665   -4.127  1.00 17.73 ? 116 LEU A CA  1 
ATOM   940  C  C   . LEU A 1 128 ? -4.934  0.281   -4.547  1.00 17.54 ? 116 LEU A C   1 
ATOM   941  O  O   . LEU A 1 128 ? -4.578  -0.904  -4.615  1.00 20.27 ? 116 LEU A O   1 
ATOM   942  C  CB  . LEU A 1 128 ? -6.470  0.682   -2.598  1.00 18.74 ? 116 LEU A CB  1 
ATOM   943  C  CG  . LEU A 1 128 ? -5.498  1.646   -1.906  1.00 23.20 ? 116 LEU A CG  1 
ATOM   944  C  CD1 . LEU A 1 128 ? -6.101  2.249   -0.645  1.00 35.13 ? 116 LEU A CD1 1 
ATOM   945  C  CD2 . LEU A 1 128 ? -4.243  0.881   -1.586  1.00 27.53 ? 116 LEU A CD2 1 
ATOM   946  N  N   . MET A 1 129 ? -4.119  1.285   -4.866  1.00 15.13 ? 117 MET A N   1 
ATOM   947  C  CA  . MET A 1 129 ? -2.725  1.055   -5.199  1.00 17.54 ? 117 MET A CA  1 
ATOM   948  C  C   . MET A 1 129 ? -1.942  1.986   -4.299  1.00 19.41 ? 117 MET A C   1 
ATOM   949  O  O   . MET A 1 129 ? -2.383  3.091   -4.034  1.00 19.90 ? 117 MET A O   1 
ATOM   950  C  CB  . MET A 1 129 ? -2.404  1.337   -6.697  1.00 18.35 ? 117 MET A CB  1 
ATOM   951  C  CG  . MET A 1 129 ? -3.358  0.540   -7.591  1.00 34.01 ? 117 MET A CG  1 
ATOM   952  S  SD  . MET A 1 129 ? -2.585  -0.031  -9.099  1.00 30.08 ? 117 MET A SD  1 
ATOM   953  C  CE  . MET A 1 129 ? -1.339  -1.033  -8.134  1.00 16.33 ? 117 MET A CE  1 
ATOM   954  N  N   . GLY A 1 130 ? -0.823  1.492   -3.773  1.00 18.53 ? 118 GLY A N   1 
ATOM   955  C  CA  . GLY A 1 130 ? -0.009  2.326   -2.903  1.00 17.72 ? 118 GLY A CA  1 
ATOM   956  C  C   . GLY A 1 130 ? 1.453   2.305   -3.298  1.00 19.92 ? 118 GLY A C   1 
ATOM   957  O  O   . GLY A 1 130 ? 1.981   1.298   -3.788  1.00 16.84 ? 118 GLY A O   1 
ATOM   958  N  N   . LEU A 1 131 ? 2.121   3.444   -3.117  1.00 16.47 ? 119 LEU A N   1 
ATOM   959  C  CA  . LEU A 1 131 ? 3.568   3.502   -3.380  1.00 16.73 ? 119 LEU A CA  1 
ATOM   960  C  C   . LEU A 1 131 ? 4.191   3.901   -2.050  1.00 19.65 ? 119 LEU A C   1 
ATOM   961  O  O   . LEU A 1 131 ? 3.851   4.957   -1.489  1.00 19.10 ? 119 LEU A O   1 
ATOM   962  C  CB  . LEU A 1 131 ? 3.884   4.578   -4.426  1.00 19.87 ? 119 LEU A CB  1 
ATOM   963  C  CG  . LEU A 1 131 ? 5.407   4.786   -4.570  1.00 19.21 ? 119 LEU A CG  1 
ATOM   964  C  CD1 . LEU A 1 131 ? 6.054   3.529   -5.194  1.00 18.90 ? 119 LEU A CD1 1 
ATOM   965  C  CD2 . LEU A 1 131 ? 5.619   6.070   -5.469  1.00 19.31 ? 119 LEU A CD2 1 
ATOM   966  N  N   . TYR A 1 132 ? 5.064   3.042   -1.523  1.00 16.52 ? 120 TYR A N   1 
ATOM   967  C  CA  . TYR A 1 132 ? 5.675   3.293   -0.203  1.00 13.72 ? 120 TYR A CA  1 
ATOM   968  C  C   . TYR A 1 132 ? 7.171   3.372   -0.395  1.00 15.12 ? 120 TYR A C   1 
ATOM   969  O  O   . TYR A 1 132 ? 7.752   2.741   -1.289  1.00 15.80 ? 120 TYR A O   1 
ATOM   970  C  CB  . TYR A 1 132 ? 5.378   2.129   0.711   1.00 20.65 ? 120 TYR A CB  1 
ATOM   971  C  CG  . TYR A 1 132 ? 3.902   1.795   0.684   1.00 18.06 ? 120 TYR A CG  1 
ATOM   972  C  CD1 . TYR A 1 132 ? 3.006   2.391   1.583   1.00 17.29 ? 120 TYR A CD1 1 
ATOM   973  C  CD2 . TYR A 1 132 ? 3.394   0.905   -0.291  1.00 16.71 ? 120 TYR A CD2 1 
ATOM   974  C  CE1 . TYR A 1 132 ? 1.638   2.112   1.484   1.00 20.27 ? 120 TYR A CE1 1 
ATOM   975  C  CE2 . TYR A 1 132 ? 2.054   0.628   -0.375  1.00 16.95 ? 120 TYR A CE2 1 
ATOM   976  C  CZ  . TYR A 1 132 ? 1.175   1.230   0.500   1.00 20.74 ? 120 TYR A CZ  1 
ATOM   977  O  OH  . TYR A 1 132 ? -0.203  0.972   0.352   1.00 22.59 ? 120 TYR A OH  1 
ATOM   978  N  N   . GLY A 1 133 ? 7.796   4.211   0.432   1.00 17.06 ? 121 GLY A N   1 
ATOM   979  C  CA  . GLY A 1 133 ? 9.230   4.377   0.293   1.00 17.10 ? 121 GLY A CA  1 
ATOM   980  C  C   . GLY A 1 133 ? 9.952   4.089   1.616   1.00 17.74 ? 121 GLY A C   1 
ATOM   981  O  O   . GLY A 1 133 ? 9.342   4.188   2.707   1.00 16.44 ? 121 GLY A O   1 
ATOM   982  N  N   . ARG A 1 134 ? 11.238  3.750   1.514   1.00 14.55 ? 122 ARG A N   1 
ATOM   983  C  CA  . ARG A 1 134 ? 12.092  3.501   2.712   1.00 16.22 ? 122 ARG A CA  1 
ATOM   984  C  C   . ARG A 1 134 ? 12.304  4.827   3.431   1.00 19.74 ? 122 ARG A C   1 
ATOM   985  O  O   . ARG A 1 134 ? 12.325  4.869   4.669   1.00 16.90 ? 122 ARG A O   1 
ATOM   986  C  CB  . ARG A 1 134 ? 13.426  2.877   2.323   1.00 18.63 ? 122 ARG A CB  1 
ATOM   987  C  CG  . ARG A 1 134 ? 13.282  1.377   1.931   1.00 16.66 ? 122 ARG A CG  1 
ATOM   988  C  CD  . ARG A 1 134 ? 12.636  0.556   3.090   1.00 15.73 ? 122 ARG A CD  1 
ATOM   989  N  NE  . ARG A 1 134 ? 12.824  -0.861  2.814   1.00 19.81 ? 122 ARG A NE  1 
ATOM   990  C  CZ  . ARG A 1 134 ? 12.551  -1.839  3.684   1.00 19.66 ? 122 ARG A CZ  1 
ATOM   991  N  NH1 . ARG A 1 134 ? 12.041  -1.572  4.915   1.00 19.02 ? 122 ARG A NH1 1 
ATOM   992  N  NH2 . ARG A 1 134 ? 12.832  -3.085  3.313   1.00 15.22 ? 122 ARG A NH2 1 
ATOM   993  N  N   . GLU A 1 135 ? 12.450  5.907   2.653   1.00 18.93 ? 123 GLU A N   1 
ATOM   994  C  CA  . GLU A 1 135 ? 12.523  7.257   3.229   1.00 18.25 ? 123 GLU A CA  1 
ATOM   995  C  C   . GLU A 1 135 ? 11.130  7.930   3.041   1.00 21.17 ? 123 GLU A C   1 
ATOM   996  O  O   . GLU A 1 135 ? 10.244  7.393   2.350   1.00 17.84 ? 123 GLU A O   1 
ATOM   997  C  CB  . GLU A 1 135 ? 13.579  8.081   2.528   1.00 19.43 ? 123 GLU A CB  1 
ATOM   998  C  CG  . GLU A 1 135 ? 14.959  7.454   2.559   1.00 20.37 ? 123 GLU A CG  1 
ATOM   999  C  CD  . GLU A 1 135 ? 16.004  8.454   1.977   1.00 22.19 ? 123 GLU A CD  1 
ATOM   1000 O  OE1 . GLU A 1 135 ? 15.623  9.443   1.263   1.00 19.24 ? 123 GLU A OE1 1 
ATOM   1001 O  OE2 . GLU A 1 135 ? 17.197  8.245   2.235   1.00 25.11 ? 123 GLU A OE2 1 
ATOM   1002 N  N   . PRO A 1 136 ? 10.911  9.123   3.632   1.00 21.33 ? 124 PRO A N   1 
ATOM   1003 C  CA  . PRO A 1 136 ? 9.608   9.819   3.505   1.00 20.38 ? 124 PRO A CA  1 
ATOM   1004 C  C   . PRO A 1 136 ? 9.206   10.334  2.128   1.00 19.28 ? 124 PRO A C   1 
ATOM   1005 O  O   . PRO A 1 136 ? 8.106   10.882  2.000   1.00 20.07 ? 124 PRO A O   1 
ATOM   1006 C  CB  . PRO A 1 136 ? 9.672   10.973  4.547   1.00 20.82 ? 124 PRO A CB  1 
ATOM   1007 C  CG  . PRO A 1 136 ? 10.747  10.465  5.531   1.00 20.55 ? 124 PRO A CG  1 
ATOM   1008 C  CD  . PRO A 1 136 ? 11.783  9.807   4.601   1.00 19.80 ? 124 PRO A CD  1 
ATOM   1009 N  N   . ASP A 1 137 ? 10.069  10.166  1.119   1.00 20.92 ? 125 ASP A N   1 
ATOM   1010 C  CA  . ASP A 1 137 ? 9.729   10.548  -0.237  1.00 19.56 ? 125 ASP A CA  1 
ATOM   1011 C  C   . ASP A 1 137 ? 10.517  9.615   -1.185  1.00 18.26 ? 125 ASP A C   1 
ATOM   1012 O  O   . ASP A 1 137 ? 11.322  8.798   -0.743  1.00 17.93 ? 125 ASP A O   1 
ATOM   1013 C  CB  . ASP A 1 137 ? 10.115  12.025  -0.504  1.00 17.00 ? 125 ASP A CB  1 
ATOM   1014 C  CG  . ASP A 1 137 ? 9.297   12.676  -1.635  1.00 27.54 ? 125 ASP A CG  1 
ATOM   1015 O  OD1 . ASP A 1 137 ? 8.457   12.028  -2.300  1.00 20.95 ? 125 ASP A OD1 1 
ATOM   1016 O  OD2 . ASP A 1 137 ? 9.517   13.874  -1.859  1.00 24.37 ? 125 ASP A OD2 1 
ATOM   1017 N  N   . LEU A 1 138 ? 10.199  9.705   -2.464  1.00 17.50 ? 126 LEU A N   1 
ATOM   1018 C  CA  . LEU A 1 138 ? 10.877  8.939   -3.540  1.00 15.01 ? 126 LEU A CA  1 
ATOM   1019 C  C   . LEU A 1 138 ? 11.208  9.868   -4.704  1.00 16.66 ? 126 LEU A C   1 
ATOM   1020 O  O   . LEU A 1 138 ? 10.694  10.987  -4.754  1.00 21.66 ? 126 LEU A O   1 
ATOM   1021 C  CB  . LEU A 1 138 ? 9.954   7.783   -4.001  1.00 16.59 ? 126 LEU A CB  1 
ATOM   1022 C  CG  . LEU A 1 138 ? 9.846   6.619   -3.008  1.00 18.49 ? 126 LEU A CG  1 
ATOM   1023 C  CD1 . LEU A 1 138 ? 8.653   5.682   -3.348  1.00 19.10 ? 126 LEU A CD1 1 
ATOM   1024 C  CD2 . LEU A 1 138 ? 11.074  5.821   -3.102  1.00 18.12 ? 126 LEU A CD2 1 
ATOM   1025 N  N   . SER A 1 139 ? 12.057  9.400   -5.631  1.00 17.42 ? 127 SER A N   1 
ATOM   1026 C  CA  . SER A 1 139 ? 12.436  10.178  -6.791  1.00 17.72 ? 127 SER A CA  1 
ATOM   1027 C  C   . SER A 1 139 ? 11.223  10.362  -7.708  1.00 21.25 ? 127 SER A C   1 
ATOM   1028 O  O   . SER A 1 139 ? 10.257  9.590   -7.715  1.00 17.72 ? 127 SER A O   1 
ATOM   1029 C  CB  . SER A 1 139 ? 13.521  9.473   -7.584  1.00 20.20 ? 127 SER A CB  1 
ATOM   1030 O  OG  . SER A 1 139 ? 13.011  8.254   -8.138  1.00 20.75 ? 127 SER A OG  1 
ATOM   1031 N  N   . SER A 1 140 ? 11.289  11.387  -8.524  1.00 19.44 ? 128 SER A N   1 
ATOM   1032 C  CA  . SER A 1 140 ? 10.190  11.613  -9.457  1.00 17.40 ? 128 SER A CA  1 
ATOM   1033 C  C   . SER A 1 140 ? 10.122  10.452  -10.447 1.00 18.70 ? 128 SER A C   1 
ATOM   1034 O  O   . SER A 1 140 ? 9.014   10.119  -10.896 1.00 22.81 ? 128 SER A O   1 
ATOM   1035 C  CB  . SER A 1 140 ? 10.405  12.962  -10.168 1.00 21.64 ? 128 SER A CB  1 
ATOM   1036 O  OG  . SER A 1 140 ? 11.606  12.912  -10.877 1.00 36.17 ? 128 SER A OG  1 
ATOM   1037 N  N   . ASP A 1 141 ? 11.260  9.844   -10.800 1.00 19.69 ? 129 ASP A N   1 
ATOM   1038 C  CA  . ASP A 1 141 ? 11.214  8.713   -11.720 1.00 24.37 ? 129 ASP A CA  1 
ATOM   1039 C  C   . ASP A 1 141 ? 10.462  7.498   -11.126 1.00 22.14 ? 129 ASP A C   1 
ATOM   1040 O  O   . ASP A 1 141 ? 9.728   6.783   -11.851 1.00 19.43 ? 129 ASP A O   1 
ATOM   1041 C  CB  . ASP A 1 141 ? 12.626  8.324   -12.134 1.00 29.18 ? 129 ASP A CB  1 
ATOM   1042 C  CG  . ASP A 1 141 ? 13.263  9.378   -13.065 1.00 56.32 ? 129 ASP A CG  1 
ATOM   1043 O  OD1 . ASP A 1 141 ? 12.526  9.927   -13.929 1.00 56.93 ? 129 ASP A OD1 1 
ATOM   1044 O  OD2 . ASP A 1 141 ? 14.476  9.647   -12.932 1.00 69.91 ? 129 ASP A OD2 1 
ATOM   1045 N  N   . ILE A 1 142 ? 10.662  7.215   -9.839  1.00 20.87 ? 130 ILE A N   1 
ATOM   1046 C  CA  . ILE A 1 142 ? 9.887   6.092   -9.244  1.00 19.86 ? 130 ILE A CA  1 
ATOM   1047 C  C   . ILE A 1 142 ? 8.399   6.487   -9.194  1.00 21.43 ? 130 ILE A C   1 
ATOM   1048 O  O   . ILE A 1 142 ? 7.519   5.671   -9.415  1.00 18.46 ? 130 ILE A O   1 
ATOM   1049 C  CB  . ILE A 1 142 ? 10.408  5.726   -7.813  1.00 20.35 ? 130 ILE A CB  1 
ATOM   1050 C  CG1 . ILE A 1 142 ? 11.832  5.172   -7.927  1.00 25.00 ? 130 ILE A CG1 1 
ATOM   1051 C  CG2 . ILE A 1 142 ? 9.481   4.688   -7.152  1.00 15.70 ? 130 ILE A CG2 1 
ATOM   1052 C  CD1 . ILE A 1 142 ? 11.959  4.003   -8.855  1.00 30.29 ? 130 ILE A CD1 1 
ATOM   1053 N  N   . LYS A 1 143 ? 8.106   7.738   -8.893  1.00 19.22 ? 131 LYS A N   1 
ATOM   1054 C  CA  . LYS A 1 143 ? 6.709   8.186   -8.867  1.00 19.93 ? 131 LYS A CA  1 
ATOM   1055 C  C   . LYS A 1 143 ? 6.065   8.010   -10.246 1.00 21.30 ? 131 LYS A C   1 
ATOM   1056 O  O   . LYS A 1 143 ? 4.903   7.651   -10.338 1.00 20.35 ? 131 LYS A O   1 
ATOM   1057 C  CB  . LYS A 1 143 ? 6.620   9.674   -8.441  1.00 16.28 ? 131 LYS A CB  1 
ATOM   1058 C  CG  . LYS A 1 143 ? 6.958   9.850   -6.982  1.00 20.77 ? 131 LYS A CG  1 
ATOM   1059 C  CD  . LYS A 1 143 ? 6.678   11.292  -6.543  1.00 20.39 ? 131 LYS A CD  1 
ATOM   1060 C  CE  . LYS A 1 143 ? 7.161   11.417  -5.114  1.00 20.60 ? 131 LYS A CE  1 
ATOM   1061 N  NZ  . LYS A 1 143 ? 6.910   12.774  -4.440  1.00 19.98 ? 131 LYS A NZ  1 
ATOM   1062 N  N   . GLU A 1 144 ? 6.844   8.222   -11.311 1.00 18.14 ? 132 GLU A N   1 
ATOM   1063 C  CA  . GLU A 1 144 ? 6.317   8.071   -12.696 1.00 20.62 ? 132 GLU A CA  1 
ATOM   1064 C  C   . GLU A 1 144 ? 6.110   6.570   -12.959 1.00 19.53 ? 132 GLU A C   1 
ATOM   1065 O  O   . GLU A 1 144 ? 5.093   6.174   -13.531 1.00 18.90 ? 132 GLU A O   1 
ATOM   1066 C  CB  . GLU A 1 144 ? 7.290   8.697   -13.719 1.00 21.62 ? 132 GLU A CB  1 
ATOM   1067 C  CG  . GLU A 1 144 ? 6.956   8.365   -15.173 1.00 23.98 ? 132 GLU A CG  1 
ATOM   1068 C  CD  . GLU A 1 144 ? 5.624   8.971   -15.630 1.00 20.11 ? 132 GLU A CD  1 
ATOM   1069 O  OE1 . GLU A 1 144 ? 4.963   9.737   -14.872 1.00 18.93 ? 132 GLU A OE1 1 
ATOM   1070 O  OE2 . GLU A 1 144 ? 5.227   8.634   -16.753 1.00 21.11 ? 132 GLU A OE2 1 
ATOM   1071 N  N   . ARG A 1 145 ? 7.014   5.716   -12.458 1.00 17.41 ? 133 ARG A N   1 
ATOM   1072 C  CA  . ARG A 1 145 ? 6.838   4.257   -12.634 1.00 18.15 ? 133 ARG A CA  1 
ATOM   1073 C  C   . ARG A 1 145 ? 5.543   3.788   -11.944 1.00 16.59 ? 133 ARG A C   1 
ATOM   1074 O  O   . ARG A 1 145 ? 4.822   2.928   -12.478 1.00 18.26 ? 133 ARG A O   1 
ATOM   1075 C  CB  . ARG A 1 145 ? 8.038   3.461   -12.068 1.00 16.27 ? 133 ARG A CB  1 
ATOM   1076 C  CG  . ARG A 1 145 ? 9.332   3.686   -12.921 1.00 21.24 ? 133 ARG A CG  1 
ATOM   1077 C  CD  . ARG A 1 145 ? 10.518  2.867   -12.360 1.00 25.10 ? 133 ARG A CD  1 
ATOM   1078 N  NE  . ARG A 1 145 ? 10.168  1.458   -12.517 1.00 29.36 ? 133 ARG A NE  1 
ATOM   1079 C  CZ  . ARG A 1 145 ? 10.799  0.424   -11.959 1.00 36.41 ? 133 ARG A CZ  1 
ATOM   1080 N  NH1 . ARG A 1 145 ? 11.852  0.619   -11.178 1.00 24.92 ? 133 ARG A NH1 1 
ATOM   1081 N  NH2 . ARG A 1 145 ? 10.366  -0.819  -12.185 1.00 32.20 ? 133 ARG A NH2 1 
ATOM   1082 N  N   . PHE A 1 146 ? 5.241   4.387   -10.800 1.00 17.33 ? 134 PHE A N   1 
ATOM   1083 C  CA  . PHE A 1 146 ? 4.011   4.074   -10.102 1.00 15.51 ? 134 PHE A CA  1 
ATOM   1084 C  C   . PHE A 1 146 ? 2.827   4.521   -10.939 1.00 18.86 ? 134 PHE A C   1 
ATOM   1085 O  O   . PHE A 1 146 ? 1.859   3.775   -11.086 1.00 18.82 ? 134 PHE A O   1 
ATOM   1086 C  CB  . PHE A 1 146 ? 3.973   4.771   -8.764  1.00 17.83 ? 134 PHE A CB  1 
ATOM   1087 C  CG  . PHE A 1 146 ? 2.740   4.450   -7.957  1.00 15.16 ? 134 PHE A CG  1 
ATOM   1088 C  CD1 . PHE A 1 146 ? 2.503   3.143   -7.529  1.00 14.77 ? 134 PHE A CD1 1 
ATOM   1089 C  CD2 . PHE A 1 146 ? 1.834   5.446   -7.590  1.00 17.21 ? 134 PHE A CD2 1 
ATOM   1090 C  CE1 . PHE A 1 146 ? 1.362   2.845   -6.733  1.00 16.34 ? 134 PHE A CE1 1 
ATOM   1091 C  CE2 . PHE A 1 146 ? 0.698   5.150   -6.784  1.00 17.38 ? 134 PHE A CE2 1 
ATOM   1092 C  CZ  . PHE A 1 146 ? 0.477   3.835   -6.362  1.00 17.95 ? 134 PHE A CZ  1 
ATOM   1093 N  N   . ALA A 1 147 ? 2.876   5.732   -11.479 1.00 16.21 ? 135 ALA A N   1 
ATOM   1094 C  CA  . ALA A 1 147 ? 1.763   6.195   -12.331 1.00 14.08 ? 135 ALA A CA  1 
ATOM   1095 C  C   . ALA A 1 147 ? 1.546   5.211   -13.490 1.00 14.19 ? 135 ALA A C   1 
ATOM   1096 O  O   . ALA A 1 147 ? 0.385   4.920   -13.830 1.00 17.42 ? 135 ALA A O   1 
ATOM   1097 C  CB  . ALA A 1 147 ? 2.057   7.578   -12.860 1.00 16.93 ? 135 ALA A CB  1 
ATOM   1098 N  N   . GLN A 1 148 ? 2.631   4.721   -14.104 1.00 15.11 ? 136 GLN A N   1 
ATOM   1099 C  CA  . GLN A 1 148 ? 2.488   3.754   -15.163 1.00 15.93 ? 136 GLN A CA  1 
ATOM   1100 C  C   . GLN A 1 148 ? 1.782   2.469   -14.656 1.00 17.75 ? 136 GLN A C   1 
ATOM   1101 O  O   . GLN A 1 148 ? 0.919   1.927   -15.350 1.00 16.51 ? 136 GLN A O   1 
ATOM   1102 C  CB  . GLN A 1 148 ? 3.859   3.422   -15.746 1.00 17.06 ? 136 GLN A CB  1 
ATOM   1103 C  CG  . GLN A 1 148 ? 4.479   4.634   -16.446 1.00 16.42 ? 136 GLN A CG  1 
ATOM   1104 C  CD  . GLN A 1 148 ? 3.636   5.167   -17.626 1.00 19.43 ? 136 GLN A CD  1 
ATOM   1105 O  OE1 . GLN A 1 148 ? 3.593   6.378   -17.890 1.00 22.11 ? 136 GLN A OE1 1 
ATOM   1106 N  NE2 . GLN A 1 148 ? 3.014   4.267   -18.349 1.00 14.59 ? 136 GLN A NE2 1 
ATOM   1107 N  N   . LEU A 1 149 ? 2.160   1.970   -13.482 1.00 17.18 ? 137 LEU A N   1 
ATOM   1108 C  CA  . LEU A 1 149 ? 1.523   0.757   -12.958 1.00 18.63 ? 137 LEU A CA  1 
ATOM   1109 C  C   . LEU A 1 149 ? 0.021   1.043   -12.678 1.00 21.18 ? 137 LEU A C   1 
ATOM   1110 O  O   . LEU A 1 149 ? -0.832  0.166   -12.941 1.00 18.68 ? 137 LEU A O   1 
ATOM   1111 C  CB  . LEU A 1 149 ? 2.223   0.289   -11.683 1.00 16.89 ? 137 LEU A CB  1 
ATOM   1112 C  CG  . LEU A 1 149 ? 1.672   -0.992  -11.044 1.00 24.99 ? 137 LEU A CG  1 
ATOM   1113 C  CD1 . LEU A 1 149 ? 1.989   -2.121  -12.021 1.00 28.59 ? 137 LEU A CD1 1 
ATOM   1114 C  CD2 . LEU A 1 149 ? 2.333   -1.223  -9.676  1.00 28.98 ? 137 LEU A CD2 1 
ATOM   1115 N  N   . CYS A 1 150 ? -0.306  2.254   -12.187 1.00 18.58 ? 138 CYS A N   1 
ATOM   1116 C  CA  . CYS A 1 150 ? -1.724  2.588   -11.934 1.00 17.63 ? 138 CYS A CA  1 
ATOM   1117 C  C   . CYS A 1 150 ? -2.501  2.578   -13.265 1.00 16.77 ? 138 CYS A C   1 
ATOM   1118 O  O   . CYS A 1 150 ? -3.627  2.068   -13.331 1.00 15.13 ? 138 CYS A O   1 
ATOM   1119 C  CB  . CYS A 1 150 ? -1.895  3.970   -11.224 1.00 17.12 ? 138 CYS A CB  1 
ATOM   1120 S  SG  . CYS A 1 150 ? -1.298  3.911   -9.542  1.00 19.05 ? 138 CYS A SG  1 
ATOM   1121 N  N   . GLU A 1 151 ? -1.881  3.092   -14.330 1.00 16.54 ? 139 GLU A N   1 
ATOM   1122 C  CA  . GLU A 1 151 ? -2.562  3.152   -15.652 1.00 17.21 ? 139 GLU A CA  1 
ATOM   1123 C  C   . GLU A 1 151 ? -2.843  1.724   -16.143 1.00 19.70 ? 139 GLU A C   1 
ATOM   1124 O  O   . GLU A 1 151 ? -3.885  1.483   -16.762 1.00 17.65 ? 139 GLU A O   1 
ATOM   1125 C  CB  . GLU A 1 151 ? -1.666  3.890   -16.670 1.00 19.65 ? 139 GLU A CB  1 
ATOM   1126 C  CG  . GLU A 1 151 ? -2.118  3.799   -18.140 1.00 19.77 ? 139 GLU A CG  1 
ATOM   1127 C  CD  . GLU A 1 151 ? -1.195  4.601   -19.050 1.00 19.40 ? 139 GLU A CD  1 
ATOM   1128 O  OE1 . GLU A 1 151 ? -1.416  4.649   -20.297 1.00 17.71 ? 139 GLU A OE1 1 
ATOM   1129 O  OE2 . GLU A 1 151 ? -0.295  5.193   -18.427 1.00 16.99 ? 139 GLU A OE2 1 
ATOM   1130 N  N   . GLU A 1 152 ? -1.957  0.785   -15.815 1.00 18.43 ? 140 GLU A N   1 
ATOM   1131 C  CA  . GLU A 1 152 ? -2.124  -0.626  -16.270 1.00 18.06 ? 140 GLU A CA  1 
ATOM   1132 C  C   . GLU A 1 152 ? -3.303  -1.254  -15.551 1.00 17.56 ? 140 GLU A C   1 
ATOM   1133 O  O   . GLU A 1 152 ? -3.784  -2.317  -15.955 1.00 20.76 ? 140 GLU A O   1 
ATOM   1134 C  CB  . GLU A 1 152 ? -0.883  -1.455  -15.963 1.00 17.16 ? 140 GLU A CB  1 
ATOM   1135 C  CG  . GLU A 1 152 ? 0.262   -1.011  -16.881 1.00 21.76 ? 140 GLU A CG  1 
ATOM   1136 C  CD  . GLU A 1 152 ? 1.556   -1.778  -16.706 1.00 43.21 ? 140 GLU A CD  1 
ATOM   1137 O  OE1 . GLU A 1 152 ? 1.788   -2.292  -15.594 1.00 32.78 ? 140 GLU A OE1 1 
ATOM   1138 O  OE2 . GLU A 1 152 ? 2.330   -1.847  -17.686 1.00 59.58 ? 140 GLU A OE2 1 
ATOM   1139 N  N   . HIS A 1 153 ? -3.749  -0.597  -14.486 1.00 16.79 ? 141 HIS A N   1 
ATOM   1140 C  CA  . HIS A 1 153 ? -4.903  -1.104  -13.714 1.00 15.97 ? 141 HIS A CA  1 
ATOM   1141 C  C   . HIS A 1 153 ? -6.154  -0.273  -13.870 1.00 17.94 ? 141 HIS A C   1 
ATOM   1142 O  O   . HIS A 1 153 ? -7.111  -0.422  -13.109 1.00 21.67 ? 141 HIS A O   1 
ATOM   1143 C  CB  . HIS A 1 153 ? -4.558  -1.243  -12.253 1.00 20.32 ? 141 HIS A CB  1 
ATOM   1144 C  CG  . HIS A 1 153 ? -3.587  -2.337  -11.999 1.00 23.02 ? 141 HIS A CG  1 
ATOM   1145 N  ND1 . HIS A 1 153 ? -3.980  -3.638  -11.755 1.00 28.73 ? 141 HIS A ND1 1 
ATOM   1146 C  CD2 . HIS A 1 153 ? -2.235  -2.346  -12.013 1.00 21.16 ? 141 HIS A CD2 1 
ATOM   1147 C  CE1 . HIS A 1 153 ? -2.907  -4.396  -11.612 1.00 24.21 ? 141 HIS A CE1 1 
ATOM   1148 N  NE2 . HIS A 1 153 ? -1.846  -3.641  -11.766 1.00 28.14 ? 141 HIS A NE2 1 
ATOM   1149 N  N   . GLY A 1 154 ? -6.117  0.623   -14.860 1.00 16.36 ? 142 GLY A N   1 
ATOM   1150 C  CA  . GLY A 1 154 ? -7.259  1.453   -15.180 1.00 15.66 ? 142 GLY A CA  1 
ATOM   1151 C  C   . GLY A 1 154 ? -7.523  2.546   -14.138 1.00 20.66 ? 142 GLY A C   1 
ATOM   1152 O  O   . GLY A 1 154 ? -8.650  2.931   -13.955 1.00 18.44 ? 142 GLY A O   1 
ATOM   1153 N  N   . ILE A 1 155 ? -6.476  3.058   -13.500 1.00 17.73 ? 143 ILE A N   1 
ATOM   1154 C  CA  . ILE A 1 155 ? -6.645  4.102   -12.491 1.00 16.94 ? 143 ILE A CA  1 
ATOM   1155 C  C   . ILE A 1 155 ? -5.966  5.335   -13.079 1.00 20.23 ? 143 ILE A C   1 
ATOM   1156 O  O   . ILE A 1 155 ? -4.750  5.342   -13.308 1.00 18.20 ? 143 ILE A O   1 
ATOM   1157 C  CB  . ILE A 1 155 ? -5.951  3.730   -11.113 1.00 16.70 ? 143 ILE A CB  1 
ATOM   1158 C  CG1 . ILE A 1 155 ? -6.652  2.508   -10.506 1.00 19.26 ? 143 ILE A CG1 1 
ATOM   1159 C  CG2 . ILE A 1 155 ? -6.113  4.906   -10.111 1.00 15.36 ? 143 ILE A CG2 1 
ATOM   1160 C  CD1 . ILE A 1 155 ? -5.882  1.878   -9.302  1.00 18.10 ? 143 ILE A CD1 1 
ATOM   1161 N  N   . LEU A 1 156 ? -6.784  6.346   -13.326 1.00 22.09 ? 144 LEU A N   1 
ATOM   1162 C  CA  . LEU A 1 156 ? -6.346  7.614   -13.903 1.00 22.12 ? 144 LEU A CA  1 
ATOM   1163 C  C   . LEU A 1 156 ? -5.429  8.366   -12.938 1.00 21.61 ? 144 LEU A C   1 
ATOM   1164 O  O   . LEU A 1 156 ? -5.575  8.267   -11.752 1.00 21.40 ? 144 LEU A O   1 
ATOM   1165 C  CB  . LEU A 1 156 ? -7.550  8.497   -14.177 1.00 24.50 ? 144 LEU A CB  1 
ATOM   1166 C  CG  . LEU A 1 156 ? -8.506  8.069   -15.280 1.00 27.46 ? 144 LEU A CG  1 
ATOM   1167 C  CD1 . LEU A 1 156 ? -9.767  8.887   -15.276 1.00 30.13 ? 144 LEU A CD1 1 
ATOM   1168 C  CD2 . LEU A 1 156 ? -7.747  8.243   -16.611 1.00 24.84 ? 144 LEU A CD2 1 
ATOM   1169 N  N   . ARG A 1 157 ? -4.518  9.176   -13.486 1.00 18.29 ? 145 ARG A N   1 
ATOM   1170 C  CA  . ARG A 1 157 ? -3.647  9.951   -12.634 1.00 18.92 ? 145 ARG A CA  1 
ATOM   1171 C  C   . ARG A 1 157 ? -4.418  10.901  -11.743 1.00 22.31 ? 145 ARG A C   1 
ATOM   1172 O  O   . ARG A 1 157 ? -3.958  11.202  -10.656 1.00 20.78 ? 145 ARG A O   1 
ATOM   1173 C  CB  . ARG A 1 157 ? -2.664  10.766  -13.457 1.00 18.98 ? 145 ARG A CB  1 
ATOM   1174 C  CG  . ARG A 1 157 ? -1.608  9.941   -14.133 1.00 21.04 ? 145 ARG A CG  1 
ATOM   1175 C  CD  . ARG A 1 157 ? -0.830  10.756  -15.158 1.00 17.38 ? 145 ARG A CD  1 
ATOM   1176 N  NE  . ARG A 1 157 ? 0.130   9.906   -15.861 1.00 19.14 ? 145 ARG A NE  1 
ATOM   1177 C  CZ  . ARG A 1 157 ? 1.438   9.941   -15.614 1.00 21.29 ? 145 ARG A CZ  1 
ATOM   1178 N  NH1 . ARG A 1 157 ? 1.893   10.782  -14.707 1.00 22.23 ? 145 ARG A NH1 1 
ATOM   1179 N  NH2 . ARG A 1 157 ? 2.287   9.173   -16.288 1.00 21.49 ? 145 ARG A NH2 1 
ATOM   1180 N  N   . GLU A 1 158 ? -5.580  11.394  -12.199 1.00 21.45 ? 146 GLU A N   1 
ATOM   1181 C  CA  . GLU A 1 158 ? -6.359  12.333  -11.361 1.00 22.39 ? 146 GLU A CA  1 
ATOM   1182 C  C   . GLU A 1 158 ? -6.873  11.624  -10.103 1.00 19.13 ? 146 GLU A C   1 
ATOM   1183 O  O   . GLU A 1 158 ? -7.397  12.270  -9.195  1.00 21.58 ? 146 GLU A O   1 
ATOM   1184 C  CB  . GLU A 1 158 ? -7.545  12.938  -12.160 1.00 26.97 ? 146 GLU A CB  1 
ATOM   1185 C  CG  . GLU A 1 158 ? -8.723  11.995  -12.388 1.00 62.43 ? 146 GLU A CG  1 
ATOM   1186 C  CD  . GLU A 1 158 ? -9.774  12.591  -13.331 1.00 78.55 ? 146 GLU A CD  1 
ATOM   1187 O  OE1 . GLU A 1 158 ? -9.505  13.660  -13.907 1.00 84.26 ? 146 GLU A OE1 1 
ATOM   1188 O  OE2 . GLU A 1 158 ? -10.856 11.994  -13.511 1.00 68.20 ? 146 GLU A OE2 1 
ATOM   1189 N  N   . ASN A 1 159 ? -6.707  10.303  -10.055 1.00 20.48 ? 147 ASN A N   1 
ATOM   1190 C  CA  . ASN A 1 159 ? -7.109  9.485   -8.910  1.00 19.18 ? 147 ASN A CA  1 
ATOM   1191 C  C   . ASN A 1 159 ? -5.882  8.990   -8.140  1.00 18.68 ? 147 ASN A C   1 
ATOM   1192 O  O   . ASN A 1 159 ? -5.964  8.099   -7.306  1.00 17.73 ? 147 ASN A O   1 
ATOM   1193 C  CB  . ASN A 1 159 ? -7.937  8.289   -9.352  1.00 17.58 ? 147 ASN A CB  1 
ATOM   1194 C  CG  . ASN A 1 159 ? -9.379  8.669   -9.702  1.00 26.38 ? 147 ASN A CG  1 
ATOM   1195 O  OD1 . ASN A 1 159 ? -10.132 7.827   -10.159 1.00 45.22 ? 147 ASN A OD1 1 
ATOM   1196 N  ND2 . ASN A 1 159 ? -9.765  9.920   -9.477  1.00 21.34 ? 147 ASN A ND2 1 
ATOM   1197 N  N   . ILE A 1 160 ? -4.739  9.593   -8.422  1.00 16.23 ? 148 ILE A N   1 
ATOM   1198 C  CA  . ILE A 1 160 ? -3.515  9.258   -7.727  1.00 15.47 ? 148 ILE A CA  1 
ATOM   1199 C  C   . ILE A 1 160 ? -3.181  10.482  -6.844  1.00 20.78 ? 148 ILE A C   1 
ATOM   1200 O  O   . ILE A 1 160 ? -3.086  11.595  -7.340  1.00 22.04 ? 148 ILE A O   1 
ATOM   1201 C  CB  . ILE A 1 160 ? -2.396  9.029   -8.772  1.00 18.77 ? 148 ILE A CB  1 
ATOM   1202 C  CG1 . ILE A 1 160 ? -2.786  7.827   -9.668  1.00 16.26 ? 148 ILE A CG1 1 
ATOM   1203 C  CG2 . ILE A 1 160 ? -1.003  8.904   -8.036  1.00 17.44 ? 148 ILE A CG2 1 
ATOM   1204 C  CD1 . ILE A 1 160 ? -1.724  7.572   -10.766 1.00 18.05 ? 148 ILE A CD1 1 
ATOM   1205 N  N   . ILE A 1 161 ? -2.946  10.261  -5.559  1.00 19.04 ? 149 ILE A N   1 
ATOM   1206 C  CA  . ILE A 1 161 ? -2.725  11.391  -4.620  1.00 18.36 ? 149 ILE A CA  1 
ATOM   1207 C  C   . ILE A 1 161 ? -1.366  11.283  -3.984  1.00 20.42 ? 149 ILE A C   1 
ATOM   1208 O  O   . ILE A 1 161 ? -1.086  10.321  -3.271  1.00 17.09 ? 149 ILE A O   1 
ATOM   1209 C  CB  . ILE A 1 161 ? -3.823  11.413  -3.513  1.00 15.87 ? 149 ILE A CB  1 
ATOM   1210 C  CG1 . ILE A 1 161 ? -5.215  11.466  -4.149  1.00 20.22 ? 149 ILE A CG1 1 
ATOM   1211 C  CG2 . ILE A 1 161 ? -3.636  12.610  -2.542  1.00 21.46 ? 149 ILE A CG2 1 
ATOM   1212 C  CD1 . ILE A 1 161 ? -6.325  11.448  -3.096  1.00 21.50 ? 149 ILE A CD1 1 
ATOM   1213 N  N   . ASP A 1 162 ? -0.502  12.247  -4.281  1.00 19.15 ? 150 ASP A N   1 
ATOM   1214 C  CA  . ASP A 1 162 ? 0.832   12.236  -3.654  1.00 20.51 ? 150 ASP A CA  1 
ATOM   1215 C  C   . ASP A 1 162 ? 0.667   12.788  -2.216  1.00 25.75 ? 150 ASP A C   1 
ATOM   1216 O  O   . ASP A 1 162 ? 0.245   13.924  -2.046  1.00 24.52 ? 150 ASP A O   1 
ATOM   1217 C  CB  . ASP A 1 162 ? 1.786   13.105  -4.475  1.00 22.25 ? 150 ASP A CB  1 
ATOM   1218 C  CG  . ASP A 1 162 ? 3.247   13.060  -3.973  1.00 24.76 ? 150 ASP A CG  1 
ATOM   1219 O  OD1 . ASP A 1 162 ? 3.436   13.149  -2.753  1.00 25.93 ? 150 ASP A OD1 1 
ATOM   1220 O  OD2 . ASP A 1 162 ? 4.202   12.959  -4.811  1.00 25.82 ? 150 ASP A OD2 1 
ATOM   1221 N  N   . LEU A 1 163 ? 1.043   11.999  -1.203  1.00 22.29 ? 151 LEU A N   1 
ATOM   1222 C  CA  . LEU A 1 163 ? 0.911   12.372  0.210   1.00 23.23 ? 151 LEU A CA  1 
ATOM   1223 C  C   . LEU A 1 163 ? 2.251   12.617  0.863   1.00 23.59 ? 151 LEU A C   1 
ATOM   1224 O  O   . LEU A 1 163 ? 2.314   12.692  2.104   1.00 25.92 ? 151 LEU A O   1 
ATOM   1225 C  CB  . LEU A 1 163 ? 0.201   11.234  0.983   1.00 20.23 ? 151 LEU A CB  1 
ATOM   1226 C  CG  . LEU A 1 163 ? -1.271  11.116  0.532   1.00 27.36 ? 151 LEU A CG  1 
ATOM   1227 C  CD1 . LEU A 1 163 ? -1.854  9.697   0.821   1.00 25.67 ? 151 LEU A CD1 1 
ATOM   1228 C  CD2 . LEU A 1 163 ? -2.061  12.196  1.249   1.00 45.32 ? 151 LEU A CD2 1 
ATOM   1229 N  N   . SER A 1 164 ? 3.293   12.804  0.040   1.00 23.23 ? 152 SER A N   1 
ATOM   1230 C  CA  . SER A 1 164 ? 4.633   12.947  0.582   1.00 24.09 ? 152 SER A CA  1 
ATOM   1231 C  C   . SER A 1 164 ? 4.775   14.253  1.329   1.00 31.37 ? 152 SER A C   1 
ATOM   1232 O  O   . SER A 1 164 ? 5.615   14.353  2.198   1.00 30.00 ? 152 SER A O   1 
ATOM   1233 C  CB  . SER A 1 164 ? 5.696   12.843  -0.503  1.00 21.70 ? 152 SER A CB  1 
ATOM   1234 O  OG  . SER A 1 164 ? 5.589   13.862  -1.471  1.00 24.01 ? 152 SER A OG  1 
ATOM   1235 N  N   . ASN A 1 165 ? 3.951   15.240  0.994   1.00 27.57 ? 153 ASN A N   1 
ATOM   1236 C  CA  . ASN A 1 165 ? 4.010   16.513  1.732   1.00 41.29 ? 153 ASN A CA  1 
ATOM   1237 C  C   . ASN A 1 165 ? 3.117   16.477  2.987   1.00 41.30 ? 153 ASN A C   1 
ATOM   1238 O  O   . ASN A 1 165 ? 2.878   17.513  3.637   1.00 44.61 ? 153 ASN A O   1 
ATOM   1239 C  CB  . ASN A 1 165 ? 3.566   17.650  0.826   1.00 56.12 ? 153 ASN A CB  1 
ATOM   1240 C  CG  . ASN A 1 165 ? 4.128   18.977  1.257   1.00 82.91 ? 153 ASN A CG  1 
ATOM   1241 O  OD1 . ASN A 1 165 ? 3.813   19.477  2.344   1.00 93.75 ? 153 ASN A OD1 1 
ATOM   1242 N  ND2 . ASN A 1 165 ? 4.983   19.557  0.416   1.00 90.45 ? 153 ASN A ND2 1 
ATOM   1243 N  N   . ALA A 1 166 ? 2.628   15.291  3.348   1.00 37.16 ? 154 ALA A N   1 
ATOM   1244 C  CA  . ALA A 1 166 ? 1.750   15.170  4.521   1.00 38.61 ? 154 ALA A CA  1 
ATOM   1245 C  C   . ALA A 1 166 ? 1.753   13.814  5.228   1.00 39.18 ? 154 ALA A C   1 
ATOM   1246 O  O   . ALA A 1 166 ? 0.737   13.440  5.840   1.00 35.28 ? 154 ALA A O   1 
ATOM   1247 C  CB  . ALA A 1 166 ? 0.347   15.486  4.125   1.00 43.17 ? 154 ALA A CB  1 
ATOM   1248 N  N   . ASN A 1 167 ? 2.882   13.097  5.193   1.00 35.32 ? 155 ASN A N   1 
ATOM   1249 C  CA  . ASN A 1 167 ? 2.929   11.760  5.809   1.00 33.31 ? 155 ASN A CA  1 
ATOM   1250 C  C   . ASN A 1 167 ? 3.581   11.687  7.195   1.00 39.00 ? 155 ASN A C   1 
ATOM   1251 O  O   . ASN A 1 167 ? 3.758   10.598  7.763   1.00 36.53 ? 155 ASN A O   1 
ATOM   1252 C  CB  . ASN A 1 167 ? 3.554   10.724  4.819   1.00 32.98 ? 155 ASN A CB  1 
ATOM   1253 C  CG  . ASN A 1 167 ? 4.986   11.056  4.389   1.00 35.98 ? 155 ASN A CG  1 
ATOM   1254 O  OD1 . ASN A 1 167 ? 5.564   10.408  3.473   1.00 29.67 ? 155 ASN A OD1 1 
ATOM   1255 N  ND2 . ASN A 1 167 ? 5.567   12.048  5.027   1.00 32.24 ? 155 ASN A ND2 1 
ATOM   1256 N  N   . ARG A 1 168 ? 3.920   12.851  7.750   1.00 38.73 ? 156 ARG A N   1 
ATOM   1257 C  CA  . ARG A 1 168 ? 4.528   12.898  9.075   1.00 47.61 ? 156 ARG A CA  1 
ATOM   1258 C  C   . ARG A 1 168 ? 3.577   13.536  10.115  1.00 47.19 ? 156 ARG A C   1 
ATOM   1259 O  O   . ARG A 1 168 ? 2.829   14.472  9.797   1.00 47.99 ? 156 ARG A O   1 
ATOM   1260 C  CB  . ARG A 1 168 ? 5.836   13.688  9.019   1.00 53.13 ? 156 ARG A CB  1 
ATOM   1261 C  CG  . ARG A 1 168 ? 6.858   13.175  8.008   1.00 71.39 ? 156 ARG A CG  1 
ATOM   1262 C  CD  . ARG A 1 168 ? 8.070   14.112  7.999   1.00 74.06 ? 156 ARG A CD  1 
ATOM   1263 N  NE  . ARG A 1 168 ? 8.936   13.962  6.829   1.00 65.06 ? 156 ARG A NE  1 
ATOM   1264 C  CZ  . ARG A 1 168 ? 8.538   14.046  5.559   1.00 69.67 ? 156 ARG A CZ  1 
ATOM   1265 N  NH1 . ARG A 1 168 ? 7.265   14.274  5.239   1.00 66.47 ? 156 ARG A NH1 1 
ATOM   1266 N  NH2 . ARG A 1 168 ? 9.440   13.936  4.592   1.00 87.94 ? 156 ARG A NH2 1 
ATOM   1267 N  N   . CYS A 1 169 ? 3.613   12.992  11.335  1.00 50.86 ? 157 CYS A N   1 
ATOM   1268 C  CA  . CYS A 1 169 ? 2.822   13.473  12.465  1.00 49.43 ? 157 CYS A CA  1 
ATOM   1269 C  C   . CYS A 1 169 ? 3.499   14.645  13.145  1.00 54.16 ? 157 CYS A C   1 
ATOM   1270 O  O   . CYS A 1 169 ? 4.661   14.946  12.799  1.00 53.46 ? 157 CYS A O   1 
ATOM   1271 C  CB  . CYS A 1 169 ? 2.626   12.357  13.482  1.00 50.67 ? 157 CYS A CB  1 
ATOM   1272 S  SG  . CYS A 1 169 ? 1.602   11.030  12.774  1.00 48.11 ? 157 CYS A SG  1 
HETATM 1273 CD CD  . CD  B 2 .   ? 0.221   6.195   -20.806 1.00 19.38 ? 200 CD  A CD  1 
HETATM 1274 CD CD  . CD  C 2 .   ? 15.718  -16.092 5.567   1.00 29.49 ? 201 CD  A CD  1 
HETATM 1275 NA NA  . NA  D 3 .   ? -3.455  -7.431  -8.328  1.00 15.86 ? 202 NA  A NA  1 
HETATM 1276 NA NA  . NA  E 3 .   ? -7.872  -14.566 -6.563  1.00 23.54 ? 203 NA  A NA  1 
HETATM 1277 NA NA  . NA  F 3 .   ? -1.863  -6.678  -11.376 1.00 16.34 ? 204 NA  A NA  1 
HETATM 1278 C  C9  . IPZ G 4 .   ? -0.138  -1.425  2.872   1.00 33.83 ? 300 IPZ A C9  1 
HETATM 1279 C  C8  . IPZ G 4 .   ? -1.595  -1.784  2.564   1.00 30.69 ? 300 IPZ A C8  1 
HETATM 1280 C  C10 . IPZ G 4 .   ? -1.695  -2.420  1.179   1.00 27.57 ? 300 IPZ A C10 1 
HETATM 1281 C  C2  . IPZ G 4 .   ? -2.506  -0.552  2.636   1.00 31.19 ? 300 IPZ A C2  1 
HETATM 1282 N  N1  . IPZ G 4 .   ? -2.111  0.657   2.216   1.00 26.14 ? 300 IPZ A N1  1 
HETATM 1283 C  C6  . IPZ G 4 .   ? -2.906  1.716   2.252   1.00 36.18 ? 300 IPZ A C6  1 
HETATM 1284 C  C5  . IPZ G 4 .   ? -4.205  1.577   2.732   1.00 28.18 ? 300 IPZ A C5  1 
HETATM 1285 N  N4  . IPZ G 4 .   ? -4.619  0.389   3.149   1.00 23.44 ? 300 IPZ A N4  1 
HETATM 1286 C  C3  . IPZ G 4 .   ? -3.806  -0.677  3.120   1.00 24.63 ? 300 IPZ A C3  1 
HETATM 1287 O  O7  . IPZ G 4 .   ? -4.189  -1.906  3.563   1.00 26.64 ? 300 IPZ A O7  1 
HETATM 1288 C  C11 . IPZ G 4 .   ? -5.373  -1.943  4.369   1.00 26.14 ? 300 IPZ A C11 1 
HETATM 1289 O  O   . HOH H 5 .   ? -18.788 -7.426  0.242   1.00 19.05 ? 405 HOH A O   1 
HETATM 1290 O  O   . HOH H 5 .   ? -15.985 0.118   8.463   1.00 22.96 ? 406 HOH A O   1 
HETATM 1291 O  O   . HOH H 5 .   ? 12.422  6.258   -0.148  1.00 21.36 ? 407 HOH A O   1 
HETATM 1292 O  O   . HOH H 5 .   ? -2.863  -5.107  -14.905 1.00 24.27 ? 408 HOH A O   1 
HETATM 1293 O  O   . HOH H 5 .   ? 11.280  15.166  -0.491  1.00 19.53 ? 409 HOH A O   1 
HETATM 1294 O  O   . HOH H 5 .   ? -11.193 -8.317  -1.451  1.00 21.56 ? 410 HOH A O   1 
HETATM 1295 O  O   . HOH H 5 .   ? -14.496 -0.091  1.928   1.00 21.76 ? 411 HOH A O   1 
HETATM 1296 O  O   . HOH H 5 .   ? -5.757  3.600   -17.220 1.00 20.11 ? 412 HOH A O   1 
HETATM 1297 O  O   . HOH H 5 .   ? -15.904 -2.196  -1.549  1.00 21.13 ? 413 HOH A O   1 
HETATM 1298 O  O   . HOH H 5 .   ? -16.948 -8.080  2.082   1.00 21.92 ? 414 HOH A O   1 
HETATM 1299 O  O   . HOH H 5 .   ? -13.015 -1.464  -8.849  1.00 20.14 ? 415 HOH A O   1 
HETATM 1300 O  O   . HOH H 5 .   ? 14.762  6.098   -1.830  1.00 24.91 ? 416 HOH A O   1 
HETATM 1301 O  O   . HOH H 5 .   ? 17.618  -14.808 5.581   1.00 27.12 ? 417 HOH A O   1 
HETATM 1302 O  O   . HOH H 5 .   ? 3.578   7.044   6.110   1.00 25.03 ? 418 HOH A O   1 
HETATM 1303 O  O   . HOH H 5 .   ? -18.585 -1.520  -6.407  1.00 23.78 ? 419 HOH A O   1 
HETATM 1304 O  O   . HOH H 5 .   ? 19.703  -3.885  1.355   1.00 28.88 ? 420 HOH A O   1 
HETATM 1305 O  O   . HOH H 5 .   ? -15.142 -0.051  -8.019  1.00 27.80 ? 421 HOH A O   1 
HETATM 1306 O  O   . HOH H 5 .   ? -13.657 13.617  -4.437  1.00 32.78 ? 422 HOH A O   1 
HETATM 1307 O  O   . HOH H 5 .   ? 21.213  -3.322  -2.354  1.00 27.87 ? 423 HOH A O   1 
HETATM 1308 O  O   . HOH H 5 .   ? 13.913  -10.981 -4.963  1.00 34.02 ? 424 HOH A O   1 
HETATM 1309 O  O   . HOH H 5 .   ? -23.662 -1.685  -1.027  1.00 24.47 ? 425 HOH A O   1 
HETATM 1310 O  O   . HOH H 5 .   ? 13.955  7.292   -4.800  1.00 21.53 ? 426 HOH A O   1 
HETATM 1311 O  O   . HOH H 5 .   ? 5.662   -21.687 13.492  1.00 35.92 ? 427 HOH A O   1 
HETATM 1312 O  O   . HOH H 5 .   ? -1.009  14.574  -5.909  1.00 24.49 ? 428 HOH A O   1 
HETATM 1313 O  O   . HOH H 5 .   ? -3.440  -7.734  -6.253  1.00 28.34 ? 429 HOH A O   1 
HETATM 1314 O  O   . HOH H 5 .   ? 19.150  6.569   3.929   1.00 26.21 ? 430 HOH A O   1 
HETATM 1315 O  O   . HOH H 5 .   ? 2.881   -15.859 10.688  1.00 35.52 ? 431 HOH A O   1 
HETATM 1316 O  O   . HOH H 5 .   ? 10.084  13.407  -5.723  1.00 30.76 ? 432 HOH A O   1 
HETATM 1317 O  O   . HOH H 5 .   ? 0.450   6.721   -16.271 1.00 32.50 ? 433 HOH A O   1 
HETATM 1318 O  O   . HOH H 5 .   ? 15.610  -5.262  2.731   1.00 25.08 ? 434 HOH A O   1 
HETATM 1319 O  O   . HOH H 5 .   ? -5.258  -9.273  -4.393  1.00 34.92 ? 435 HOH A O   1 
HETATM 1320 O  O   . HOH H 5 .   ? 16.293  4.195   0.420   1.00 32.01 ? 436 HOH A O   1 
HETATM 1321 O  O   . HOH H 5 .   ? 7.228   11.898  -11.679 1.00 37.43 ? 437 HOH A O   1 
HETATM 1322 O  O   . HOH H 5 .   ? -1.700  8.184   -17.579 1.00 27.69 ? 438 HOH A O   1 
HETATM 1323 O  O   . HOH H 5 .   ? 13.836  12.882  -8.361  1.00 30.51 ? 439 HOH A O   1 
HETATM 1324 O  O   . HOH H 5 .   ? 3.157   6.599   14.518  1.00 31.20 ? 440 HOH A O   1 
HETATM 1325 O  O   . HOH H 5 .   ? -16.988 0.279   -1.788  1.00 28.80 ? 441 HOH A O   1 
HETATM 1326 O  O   . HOH H 5 .   ? 8.151   4.889   9.464   1.00 27.25 ? 442 HOH A O   1 
HETATM 1327 O  O   . HOH H 5 .   ? -10.395 -10.112 -3.231  1.00 29.16 ? 443 HOH A O   1 
HETATM 1328 O  O   . HOH H 5 .   ? -13.868 5.843   3.542   1.00 27.92 ? 444 HOH A O   1 
HETATM 1329 O  O   . HOH H 5 .   ? 9.586   -14.926 0.115   1.00 31.41 ? 445 HOH A O   1 
HETATM 1330 O  O   . HOH H 5 .   ? 6.938   7.423   -18.351 1.00 27.67 ? 446 HOH A O   1 
HETATM 1331 O  O   . HOH H 5 .   ? 18.191  3.418   -1.175  1.00 27.23 ? 447 HOH A O   1 
HETATM 1332 O  O   . HOH H 5 .   ? 0.699   12.669  -12.748 1.00 28.55 ? 448 HOH A O   1 
HETATM 1333 O  O   . HOH H 5 .   ? -14.827 -4.916  8.210   1.00 28.94 ? 449 HOH A O   1 
HETATM 1334 O  O   . HOH H 5 .   ? 0.466   -5.801  -11.995 1.00 32.11 ? 450 HOH A O   1 
HETATM 1335 O  O   . HOH H 5 .   ? 15.145  6.802   -9.114  1.00 37.55 ? 451 HOH A O   1 
HETATM 1336 O  O   . HOH H 5 .   ? -5.646  -7.591  12.036  1.00 39.90 ? 452 HOH A O   1 
HETATM 1337 O  O   . HOH H 5 .   ? 15.345  -8.865  6.118   1.00 29.70 ? 453 HOH A O   1 
HETATM 1338 O  O   . HOH H 5 .   ? -4.085  9.160   -16.443 1.00 28.36 ? 454 HOH A O   1 
HETATM 1339 O  O   . HOH H 5 .   ? 5.610   0.532   -13.603 1.00 34.36 ? 455 HOH A O   1 
HETATM 1340 O  O   . HOH H 5 .   ? -17.138 5.414   1.054   1.00 45.43 ? 456 HOH A O   1 
HETATM 1341 O  O   . HOH H 5 .   ? 10.135  6.785   -14.777 1.00 30.55 ? 457 HOH A O   1 
HETATM 1342 O  O   . HOH H 5 .   ? -7.244  -12.380 6.554   1.00 31.34 ? 458 HOH A O   1 
HETATM 1343 O  O   . HOH H 5 .   ? 0.607   12.217  8.449   1.00 32.65 ? 459 HOH A O   1 
HETATM 1344 O  O   . HOH H 5 .   ? -13.221 8.032   -8.112  1.00 31.14 ? 460 HOH A O   1 
HETATM 1345 O  O   . HOH H 5 .   ? 0.412   -15.922 0.211   1.00 36.80 ? 461 HOH A O   1 
HETATM 1346 O  O   . HOH H 5 .   ? 10.361  15.132  2.090   1.00 27.59 ? 462 HOH A O   1 
HETATM 1347 O  O   . HOH H 5 .   ? 20.838  -5.802  -3.062  1.00 34.14 ? 463 HOH A O   1 
HETATM 1348 O  O   . HOH H 5 .   ? 5.890   -15.671 -4.431  1.00 34.21 ? 464 HOH A O   1 
HETATM 1349 O  O   . HOH H 5 .   ? -6.372  14.635  -0.810  1.00 34.46 ? 465 HOH A O   1 
HETATM 1350 O  O   . HOH H 5 .   ? -13.277 10.684  1.983   1.00 39.29 ? 466 HOH A O   1 
HETATM 1351 O  O   . HOH H 5 .   ? 13.821  11.190  -10.636 1.00 30.42 ? 467 HOH A O   1 
HETATM 1352 O  O   . HOH H 5 .   ? -5.651  -11.415 8.632   1.00 37.11 ? 468 HOH A O   1 
HETATM 1353 O  O   . HOH H 5 .   ? 8.024   0.622   -14.553 1.00 46.01 ? 469 HOH A O   1 
HETATM 1354 O  O   . HOH H 5 .   ? -8.111  -9.679  9.420   1.00 33.98 ? 470 HOH A O   1 
HETATM 1355 O  O   . HOH H 5 .   ? 12.932  13.171  -12.989 1.00 38.97 ? 471 HOH A O   1 
HETATM 1356 O  O   . HOH H 5 .   ? -6.276  15.639  -4.111  1.00 40.34 ? 472 HOH A O   1 
HETATM 1357 O  O   . HOH H 5 .   ? 1.345   2.136   -18.231 1.00 29.08 ? 473 HOH A O   1 
HETATM 1358 O  O   . HOH H 5 .   ? -9.577  5.542   -12.761 1.00 33.14 ? 474 HOH A O   1 
HETATM 1359 O  O   . HOH H 5 .   ? -14.986 2.648   -8.985  1.00 33.53 ? 475 HOH A O   1 
HETATM 1360 O  O   . HOH H 5 .   ? -15.211 3.327   3.486   1.00 31.68 ? 476 HOH A O   1 
HETATM 1361 O  O   . HOH H 5 .   ? 7.810   -4.413  13.324  1.00 51.29 ? 477 HOH A O   1 
HETATM 1362 O  O   . HOH H 5 .   ? -7.276  17.644  -12.256 1.00 38.58 ? 478 HOH A O   1 
HETATM 1363 O  O   . HOH H 5 .   ? -8.010  -12.693 -5.197  1.00 39.60 ? 479 HOH A O   1 
HETATM 1364 O  O   . HOH H 5 .   ? -19.442 -0.415  -0.318  1.00 52.20 ? 480 HOH A O   1 
HETATM 1365 O  O   . HOH H 5 .   ? -13.966 12.894  -0.002  1.00 39.42 ? 481 HOH A O   1 
HETATM 1366 O  O   . HOH H 5 .   ? 3.350   13.636  -7.279  1.00 38.27 ? 482 HOH A O   1 
HETATM 1367 O  O   . HOH H 5 .   ? -0.150  -8.726  -8.450  1.00 35.40 ? 483 HOH A O   1 
HETATM 1368 O  O   . HOH H 5 .   ? 4.683   11.490  -12.495 1.00 38.80 ? 484 HOH A O   1 
HETATM 1369 O  O   . HOH H 5 .   ? -12.636 -2.284  10.109  1.00 33.34 ? 485 HOH A O   1 
HETATM 1370 O  O   . HOH H 5 .   ? 8.361   13.556  2.342   1.00 32.55 ? 486 HOH A O   1 
HETATM 1371 O  O   . HOH H 5 .   ? 4.353   -0.682  -15.376 1.00 51.39 ? 487 HOH A O   1 
HETATM 1372 O  O   . HOH H 5 .   ? -8.744  15.234  -0.157  1.00 48.89 ? 488 HOH A O   1 
HETATM 1373 O  O   . HOH H 5 .   ? -2.916  6.701   18.612  1.00 45.23 ? 489 HOH A O   1 
HETATM 1374 O  O   . HOH H 5 .   ? 5.476   8.504   7.421   1.00 33.86 ? 490 HOH A O   1 
HETATM 1375 O  O   . HOH H 5 .   ? -8.598  9.473   6.956   1.00 39.23 ? 491 HOH A O   1 
HETATM 1376 O  O   . HOH H 5 .   ? 9.128   -9.047  -11.220 1.00 51.92 ? 492 HOH A O   1 
HETATM 1377 O  O   . HOH H 5 .   ? 0.103   14.344  10.028  1.00 42.44 ? 493 HOH A O   1 
HETATM 1378 O  O   . HOH H 5 .   ? -2.509  6.617   -14.589 1.00 34.30 ? 494 HOH A O   1 
HETATM 1379 O  O   . HOH H 5 .   ? 3.081   10.175  -10.070 1.00 32.39 ? 495 HOH A O   1 
HETATM 1380 O  O   . HOH H 5 .   ? 0.751   -12.793 12.975  1.00 38.04 ? 496 HOH A O   1 
HETATM 1381 O  O   . HOH H 5 .   ? 4.722   -13.951 0.606   1.00 37.79 ? 497 HOH A O   1 
HETATM 1382 O  O   . HOH H 5 .   ? 4.163   -7.311  -11.208 1.00 44.13 ? 498 HOH A O   1 
HETATM 1383 O  O   . HOH H 5 .   ? -9.002  4.038   10.513  1.00 43.66 ? 499 HOH A O   1 
HETATM 1384 O  O   . HOH H 5 .   ? 20.805  -4.195  -6.771  1.00 48.69 ? 500 HOH A O   1 
HETATM 1385 O  O   . HOH H 5 .   ? -5.902  9.567   7.329   1.00 35.98 ? 501 HOH A O   1 
HETATM 1386 O  O   . HOH H 5 .   ? 3.193   15.614  7.471   1.00 53.80 ? 502 HOH A O   1 
HETATM 1387 O  O   . HOH H 5 .   ? -15.023 8.208   -4.781  1.00 37.65 ? 503 HOH A O   1 
HETATM 1388 O  O   . HOH H 5 .   ? -21.313 2.705   -1.782  1.00 56.41 ? 504 HOH A O   1 
HETATM 1389 O  O   . HOH H 5 .   ? -4.939  -12.762 11.675  1.00 51.25 ? 505 HOH A O   1 
HETATM 1390 O  O   . HOH H 5 .   ? -10.936 17.951  1.961   1.00 62.60 ? 506 HOH A O   1 
HETATM 1391 O  O   . HOH H 5 .   ? -8.108  -7.496  10.826  1.00 44.25 ? 507 HOH A O   1 
HETATM 1392 O  O   . HOH H 5 .   ? -1.488  -16.522 8.286   1.00 44.79 ? 508 HOH A O   1 
HETATM 1393 O  O   . HOH H 5 .   ? -4.822  -0.984  15.867  1.00 40.70 ? 509 HOH A O   1 
HETATM 1394 O  O   . HOH H 5 .   ? 4.924   10.553  11.734  1.00 40.65 ? 510 HOH A O   1 
HETATM 1395 O  O   . HOH H 5 .   ? 9.503   1.085   11.554  1.00 45.51 ? 511 HOH A O   1 
HETATM 1396 O  O   . HOH H 5 .   ? 2.586   17.683  13.535  1.00 53.58 ? 512 HOH A O   1 
HETATM 1397 O  O   . HOH H 5 .   ? 1.528   15.743  -0.279  1.00 47.60 ? 513 HOH A O   1 
HETATM 1398 O  O   . HOH H 5 .   ? -1.270  7.978   -20.043 1.00 24.85 ? 514 HOH A O   1 
HETATM 1399 O  O   . HOH H 5 .   ? -10.234 -13.051 -3.071  1.00 26.78 ? 515 HOH A O   1 
HETATM 1400 O  O   . HOH H 5 .   ? -1.176  -6.689  -9.048  1.00 29.81 ? 516 HOH A O   1 
HETATM 1401 O  O   . HOH H 5 .   ? -21.313 -1.720  -6.591  1.00 30.35 ? 517 HOH A O   1 
HETATM 1402 O  O   . HOH H 5 .   ? 0.526   10.597  -10.927 1.00 28.34 ? 518 HOH A O   1 
HETATM 1403 O  O   . HOH H 5 .   ? 6.907   -15.430 0.047   1.00 34.76 ? 519 HOH A O   1 
HETATM 1404 O  O   . HOH H 5 .   ? 8.198   5.308   -16.256 1.00 38.41 ? 520 HOH A O   1 
HETATM 1405 O  O   . HOH H 5 .   ? -15.536 -7.248  7.042   1.00 32.18 ? 521 HOH A O   1 
HETATM 1406 O  O   . HOH H 5 .   ? -17.452 -1.348  -8.989  1.00 31.49 ? 522 HOH A O   1 
HETATM 1407 O  O   . HOH H 5 .   ? -24.669 -1.433  -3.471  1.00 32.98 ? 523 HOH A O   1 
HETATM 1408 O  O   . HOH H 5 .   ? -9.823  16.078  -12.669 1.00 46.20 ? 524 HOH A O   1 
HETATM 1409 O  O   . HOH H 5 .   ? 9.960   16.235  6.379   1.00 31.88 ? 525 HOH A O   1 
HETATM 1410 O  O   . HOH H 5 .   ? -14.896 7.111   1.624   1.00 39.64 ? 526 HOH A O   1 
HETATM 1411 O  O   . HOH H 5 .   ? -16.394 -2.624  8.399   1.00 41.56 ? 527 HOH A O   1 
HETATM 1412 O  O   . HOH H 5 .   ? 13.405  2.773   -10.954 1.00 39.11 ? 528 HOH A O   1 
HETATM 1413 O  O   . HOH H 5 .   ? -3.463  -9.770  -8.132  1.00 39.74 ? 529 HOH A O   1 
HETATM 1414 O  O   . HOH H 5 .   ? 10.162  -1.584  11.580  1.00 45.79 ? 530 HOH A O   1 
HETATM 1415 O  O   . HOH H 5 .   ? 0.515   -10.633 15.016  1.00 45.72 ? 531 HOH A O   1 
HETATM 1416 O  O   . HOH H 5 .   ? -9.352  9.792   10.034  1.00 44.72 ? 532 HOH A O   1 
HETATM 1417 O  O   . HOH H 5 .   ? 5.576   -17.901 -6.537  1.00 47.07 ? 533 HOH A O   1 
HETATM 1418 O  O   . HOH H 5 .   ? -8.166  -15.090 3.195   1.00 41.92 ? 534 HOH A O   1 
HETATM 1419 O  O   . HOH H 5 .   ? 9.474   10.999  8.991   1.00 40.79 ? 535 HOH A O   1 
HETATM 1420 O  O   . HOH H 5 .   ? -9.049  -16.362 -6.021  1.00 47.93 ? 536 HOH A O   1 
HETATM 1421 O  O   . HOH H 5 .   ? 6.844   -16.978 -2.417  1.00 37.94 ? 537 HOH A O   1 
HETATM 1422 O  O   . HOH H 5 .   ? -0.025  -4.496  -14.557 1.00 41.96 ? 538 HOH A O   1 
HETATM 1423 O  O   . HOH H 5 .   ? -18.914 3.342   -1.250  1.00 48.63 ? 539 HOH A O   1 
HETATM 1424 O  O   . HOH H 5 .   ? 9.812   -4.131  11.160  1.00 38.11 ? 540 HOH A O   1 
HETATM 1425 O  O   . HOH H 5 .   ? -10.183 6.453   9.433   1.00 56.41 ? 541 HOH A O   1 
HETATM 1426 O  O   . HOH H 5 .   ? 2.018   -9.343  -7.705  1.00 53.84 ? 542 HOH A O   1 
HETATM 1427 O  O   . HOH H 5 .   ? 6.930   16.239  -1.410  1.00 44.02 ? 543 HOH A O   1 
HETATM 1428 O  O   . HOH H 5 .   ? 7.600   2.754   -16.280 1.00 37.78 ? 544 HOH A O   1 
HETATM 1429 O  O   . HOH H 5 .   ? 11.333  2.962   11.587  1.00 50.99 ? 545 HOH A O   1 
HETATM 1430 O  O   . HOH H 5 .   ? 4.760   -13.434 5.413   1.00 46.86 ? 546 HOH A O   1 
HETATM 1431 O  O   . HOH H 5 .   ? 10.963  -11.700 8.907   1.00 42.24 ? 547 HOH A O   1 
HETATM 1432 O  O   . HOH H 5 .   ? 10.291  6.466   10.558  1.00 40.23 ? 548 HOH A O   1 
HETATM 1433 O  O   . HOH H 5 .   ? -11.693 11.233  -10.799 1.00 43.97 ? 549 HOH A O   1 
HETATM 1434 O  O   . HOH H 5 .   ? -12.833 8.199   -11.240 1.00 57.70 ? 550 HOH A O   1 
HETATM 1435 O  O   . HOH H 5 .   ? 2.110   16.623  15.868  1.00 52.79 ? 551 HOH A O   1 
HETATM 1436 O  O   . HOH H 5 .   ? -3.780  -3.369  17.406  1.00 52.31 ? 552 HOH A O   1 
HETATM 1437 O  O   . HOH H 5 .   ? 12.579  -14.792 8.811   1.00 57.23 ? 553 HOH A O   1 
HETATM 1438 O  O   . HOH H 5 .   ? -10.316 14.343  -16.365 1.00 47.63 ? 554 HOH A O   1 
HETATM 1439 O  O   . HOH H 5 .   ? 10.223  -11.695 -10.533 1.00 40.84 ? 555 HOH A O   1 
HETATM 1440 O  O   . HOH H 5 .   ? -10.411 13.993  -9.141  1.00 60.59 ? 556 HOH A O   1 
HETATM 1441 O  O   . HOH H 5 .   ? 7.748   14.606  -6.738  1.00 41.97 ? 557 HOH A O   1 
HETATM 1442 O  O   . HOH H 5 .   ? -22.125 0.794   1.465   1.00 56.27 ? 558 HOH A O   1 
HETATM 1443 O  O   . HOH H 5 .   ? 6.335   7.242   10.419  1.00 58.70 ? 559 HOH A O   1 
HETATM 1444 O  O   . HOH H 5 .   ? -16.310 4.301   8.620   1.00 47.12 ? 560 HOH A O   1 
HETATM 1445 O  O   . HOH H 5 .   ? -7.417  -15.479 -2.249  1.00 43.23 ? 561 HOH A O   1 
HETATM 1446 O  O   . HOH H 5 .   ? -10.772 -2.601  12.036  1.00 52.87 ? 562 HOH A O   1 
HETATM 1447 O  O   . HOH H 5 .   ? -2.738  0.512   17.516  1.00 48.77 ? 563 HOH A O   1 
HETATM 1448 O  O   . HOH H 5 .   ? -0.923  15.907  8.187   1.00 53.69 ? 564 HOH A O   1 
HETATM 1449 O  O   . HOH H 5 .   ? -15.639 2.369   1.072   1.00 46.05 ? 565 HOH A O   1 
HETATM 1450 O  O   . HOH H 5 .   ? 11.502  8.785   9.163   1.00 25.69 ? 566 HOH A O   1 
HETATM 1451 O  O   . HOH H 5 .   ? -9.111  -10.598 -5.631  1.00 31.14 ? 567 HOH A O   1 
HETATM 1452 O  O   . HOH H 5 .   ? 12.527  5.364   11.454  1.00 30.70 ? 568 HOH A O   1 
HETATM 1453 O  O   . HOH H 5 .   ? -10.365 -14.709 -1.086  1.00 42.01 ? 569 HOH A O   1 
HETATM 1454 O  O   . HOH H 5 .   ? -22.017 2.392   -4.153  1.00 47.32 ? 570 HOH A O   1 
HETATM 1455 O  O   . HOH H 5 .   ? -16.390 -8.910  8.916   1.00 56.24 ? 571 HOH A O   1 
HETATM 1456 O  O   . HOH H 5 .   ? -9.249  -18.649 -6.777  1.00 41.44 ? 572 HOH A O   1 
HETATM 1457 O  O   . HOH H 5 .   ? -18.399 -4.140  7.642   1.00 56.77 ? 573 HOH A O   1 
HETATM 1458 O  O   . HOH H 5 .   ? -2.881  -14.115 12.136  1.00 52.69 ? 574 HOH A O   1 
HETATM 1459 O  O   . HOH H 5 .   ? -12.708 13.540  -14.823 1.00 57.96 ? 575 HOH A O   1 
HETATM 1460 O  O   . HOH H 5 .   ? -6.630  3.767   15.097  1.00 50.18 ? 576 HOH A O   1 
HETATM 1461 O  O   . HOH H 5 .   ? -2.239  14.369  6.452   1.00 47.32 ? 577 HOH A O   1 
HETATM 1462 O  O   . HOH H 5 .   ? -1.480  -11.037 -9.136  1.00 43.87 ? 578 HOH A O   1 
HETATM 1463 O  O   . HOH H 5 .   ? -5.484  -8.281  -7.423  1.00 47.77 ? 579 HOH A O   1 
HETATM 1464 O  O   . HOH H 5 .   ? 2.782   16.761  -3.128  1.00 55.51 ? 580 HOH A O   1 
HETATM 1465 O  O   . HOH H 5 .   ? -3.431  -5.619  15.619  1.00 58.15 ? 581 HOH A O   1 
HETATM 1466 O  O   . HOH H 5 .   ? -9.791  -11.450 6.724   1.00 46.88 ? 582 HOH A O   1 
HETATM 1467 O  O   . HOH H 5 .   ? -10.461 -14.988 4.106   1.00 50.28 ? 583 HOH A O   1 
HETATM 1468 O  O   . HOH H 5 .   ? 6.719   17.407  1.301   1.00 58.24 ? 584 HOH A O   1 
HETATM 1469 O  O   . HOH H 5 .   ? 0.891   17.409  6.649   1.00 60.29 ? 585 HOH A O   1 
HETATM 1470 O  O   . HOH H 5 .   ? 10.882  -16.461 1.757   1.00 54.67 ? 586 HOH A O   1 
HETATM 1471 O  O   . HOH H 5 .   ? 6.869   -15.213 5.607   1.00 52.15 ? 587 HOH A O   1 
HETATM 1472 O  O   . HOH H 5 .   ? 17.384  -5.748  0.319   1.00 46.99 ? 588 HOH A O   1 
HETATM 1473 O  O   . HOH H 5 .   ? 15.618  0.662   -7.757  1.00 43.10 ? 589 HOH A O   1 
HETATM 1474 O  O   . HOH H 5 .   ? 2.203   11.438  -8.149  1.00 57.57 ? 590 HOH A O   1 
HETATM 1475 O  O   . HOH H 5 .   ? 18.148  -5.588  -2.193  1.00 48.57 ? 591 HOH A O   1 
HETATM 1476 O  O   . HOH H 5 .   ? -11.107 14.058  -18.766 1.00 54.71 ? 592 HOH A O   1 
HETATM 1477 O  O   . HOH H 5 .   ? -13.992 5.270   -10.999 1.00 51.17 ? 593 HOH A O   1 
HETATM 1478 O  O   . HOH H 5 .   ? 14.699  6.088   10.464  1.00 21.15 ? 594 HOH A O   1 
HETATM 1479 O  O   . HOH H 5 .   ? -4.533  12.930  5.766   1.00 37.74 ? 595 HOH A O   1 
HETATM 1480 O  O   . HOH H 5 .   ? -20.691 -3.744  8.494   1.00 52.84 ? 596 HOH A O   1 
HETATM 1481 O  O   . HOH H 5 .   ? 19.259  -6.298  1.443   1.00 56.02 ? 597 HOH A O   1 
HETATM 1482 O  O   . HOH H 5 .   ? -5.877  -10.270 13.061  1.00 56.23 ? 598 HOH A O   1 
HETATM 1483 O  O   . HOH H 5 .   ? 9.490   -15.368 6.195   1.00 49.93 ? 599 HOH A O   1 
HETATM 1484 O  O   . HOH H 5 .   ? -14.240 -5.615  10.879  1.00 59.84 ? 600 HOH A O   1 
HETATM 1485 O  O   . HOH H 5 .   ? -14.708 7.423   5.881   1.00 58.56 ? 601 HOH A O   1 
HETATM 1486 O  O   . HOH H 5 .   ? 0.271   -16.138 -7.147  1.00 50.94 ? 602 HOH A O   1 
HETATM 1487 O  O   . HOH H 5 .   ? 9.460   -1.929  -15.511 1.00 56.21 ? 603 HOH A O   1 
HETATM 1488 O  O   . HOH H 5 .   ? 6.532   -17.058 2.096   1.00 54.20 ? 604 HOH A O   1 
HETATM 1489 O  O   . HOH H 5 .   ? 17.042  -4.265  -4.991  1.00 44.54 ? 605 HOH A O   1 
HETATM 1490 O  O   . HOH H 5 .   ? -27.499 -0.969  -3.320  1.00 51.37 ? 606 HOH A O   1 
HETATM 1491 O  O   . HOH H 5 .   ? -6.798  -3.787  -12.492 0.50 20.63 ? 607 HOH A O   1 
HETATM 1492 O  O   . HOH H 5 .   ? -23.125 -3.656  -7.331  1.00 25.60 ? 608 HOH A O   1 
HETATM 1493 O  O   . HOH H 5 .   ? -5.991  16.471  -10.668 1.00 25.88 ? 609 HOH A O   1 
HETATM 1494 O  O   . HOH H 5 .   ? -12.517 0.714   -12.095 0.50 26.79 ? 610 HOH A O   1 
HETATM 1495 O  O   . HOH H 5 .   ? 10.010  -12.046 -8.160  1.00 47.61 ? 611 HOH A O   1 
# 
